data_8IGG
#
_entry.id   8IGG
#
_cell.length_a   1.00
_cell.length_b   1.00
_cell.length_c   1.00
_cell.angle_alpha   90.00
_cell.angle_beta   90.00
_cell.angle_gamma   90.00
#
_symmetry.space_group_name_H-M   'P 1'
#
_entity_poly.entity_id   1
_entity_poly.type   'polypeptide(L)'
_entity_poly.pdbx_seq_one_letter_code
;MIRDTATNTTQTQAAPQQAPAQQFTQAPQEKPMQSTQSQPTPSYAGTGGINSQFTRSGNVQGGDARASEALTVFTRLKEQ
AVAQQDLADDFSILRFDRDQHQVGWSSLVIAKQISLNGQPVIAVRPLILPNNSIELPKRKTNIVNGMQTDVIESDIDVGT
VFSAQYFNRLSTYVQNTLGKPGAKVVLAGPFPIPADLVLKDSELQLRNLLIKSVNACDDILALHSGERPFTIAGLKGQQG
ETLAAKVDIRTQPLHDTVGNPIRADIVVTTQRVRRNGQQENEFYETDVKLNQVAMFTNLERTPQAQAQTLFPNQQQVATP
APWVASVVITDVRNADGIQANTPEMYWFALSNAFRSTHGHAWARPFLPMTGVAKDMKDIGALGWMSALRNRIDTKAANFD
DAQFGQLMLSQVQPNPVFQIDLNRMGETAQMDSLQLDAAGGPNAQKAAATIIRQINNLGGGGFERFFDHTTQPILERTGQ
VIDLGNWFDGDEKRDRRDLDNLAALNAAEGNENEFWGFYGAQLNPNLHPDLRNRQSRNYDRQYLGSTVTYTGKAERCTYN
AKFIEALDRYLAEAGLQITMDNTSVLNSGQRFMGNSVIGNNMVSGQAQVHSAYAGTQGFNTQYQTGPSSFYALEHHHHHH
;
_entity_poly.pdbx_strand_id   E,A,B,C
#
# COMPACT_ATOMS: atom_id res chain seq x y z
N GLY A 49 -29.03 29.93 -6.27
CA GLY A 49 -27.63 30.16 -6.56
C GLY A 49 -27.18 31.58 -6.27
N ILE A 50 -26.06 31.97 -6.86
CA ILE A 50 -25.54 33.32 -6.68
C ILE A 50 -25.62 34.17 -7.95
N ASN A 51 -25.84 33.55 -9.12
CA ASN A 51 -26.07 34.35 -10.32
C ASN A 51 -27.36 35.14 -10.21
N SER A 52 -28.42 34.53 -9.67
CA SER A 52 -29.68 35.22 -9.45
C SER A 52 -29.66 36.11 -8.21
N GLN A 53 -28.60 36.03 -7.39
CA GLN A 53 -28.51 36.89 -6.23
C GLN A 53 -28.40 38.36 -6.64
N PHE A 54 -27.66 38.64 -7.70
CA PHE A 54 -27.44 40.01 -8.15
C PHE A 54 -28.35 40.44 -9.29
N THR A 55 -28.92 39.49 -10.03
CA THR A 55 -29.84 39.76 -11.14
C THR A 55 -29.24 40.74 -12.14
N ARG A 56 -28.12 40.33 -12.71
CA ARG A 56 -27.45 41.14 -13.73
C ARG A 56 -28.21 41.07 -15.05
N SER A 57 -28.08 42.13 -15.84
CA SER A 57 -28.81 42.25 -17.11
C SER A 57 -27.98 41.67 -18.26
N GLY A 58 -27.59 40.40 -18.10
CA GLY A 58 -26.81 39.73 -19.12
C GLY A 58 -26.84 38.22 -19.01
N ASN A 59 -26.94 37.54 -20.16
CA ASN A 59 -26.93 36.09 -20.21
C ASN A 59 -25.83 35.65 -21.18
N VAL A 60 -24.86 34.90 -20.67
CA VAL A 60 -23.71 34.45 -21.45
C VAL A 60 -23.85 32.95 -21.69
N GLN A 61 -23.36 32.50 -22.86
CA GLN A 61 -23.24 31.11 -23.30
C GLN A 61 -24.57 30.38 -23.31
N GLY A 62 -24.59 29.19 -23.92
CA GLY A 62 -25.82 28.41 -24.01
C GLY A 62 -25.71 27.03 -23.39
N GLY A 63 -24.49 26.48 -23.37
CA GLY A 63 -24.27 25.16 -22.81
C GLY A 63 -24.55 24.00 -23.73
N ASP A 64 -24.79 24.26 -25.02
CA ASP A 64 -25.09 23.19 -25.97
C ASP A 64 -24.77 23.68 -27.37
N ALA A 65 -23.82 23.04 -28.03
CA ALA A 65 -23.40 23.44 -29.37
C ALA A 65 -23.62 22.34 -30.41
N ARG A 66 -23.14 21.12 -30.15
CA ARG A 66 -23.16 20.09 -31.17
C ARG A 66 -24.55 19.53 -31.40
N ALA A 67 -25.43 19.59 -30.39
CA ALA A 67 -26.76 19.00 -30.52
C ALA A 67 -27.58 19.69 -31.59
N SER A 68 -27.52 21.02 -31.66
CA SER A 68 -28.28 21.75 -32.67
C SER A 68 -27.80 21.41 -34.08
N GLU A 69 -26.49 21.38 -34.28
CA GLU A 69 -25.95 21.03 -35.59
C GLU A 69 -26.35 19.61 -35.98
N ALA A 70 -26.27 18.68 -35.01
CA ALA A 70 -26.63 17.30 -35.29
C ALA A 70 -28.11 17.19 -35.64
N LEU A 71 -28.98 17.88 -34.91
CA LEU A 71 -30.40 17.83 -35.21
C LEU A 71 -30.68 18.38 -36.61
N THR A 72 -30.04 19.50 -36.97
CA THR A 72 -30.25 20.08 -38.29
C THR A 72 -29.80 19.13 -39.39
N VAL A 73 -28.59 18.58 -39.26
CA VAL A 73 -28.07 17.71 -40.32
C VAL A 73 -28.88 16.42 -40.40
N PHE A 74 -29.34 15.90 -39.26
CA PHE A 74 -30.14 14.69 -39.28
C PHE A 74 -31.50 14.93 -39.92
N THR A 75 -32.12 16.08 -39.64
CA THR A 75 -33.37 16.42 -40.30
C THR A 75 -33.16 16.56 -41.80
N ARG A 76 -32.07 17.21 -42.21
CA ARG A 76 -31.79 17.37 -43.64
C ARG A 76 -31.61 16.01 -44.30
N LEU A 77 -30.84 15.12 -43.67
CA LEU A 77 -30.61 13.80 -44.25
C LEU A 77 -31.90 12.99 -44.32
N LYS A 78 -32.72 13.06 -43.27
CA LYS A 78 -33.98 12.32 -43.27
C LYS A 78 -34.90 12.82 -44.37
N GLU A 79 -35.01 14.15 -44.53
CA GLU A 79 -35.86 14.69 -45.58
C GLU A 79 -35.35 14.30 -46.96
N GLN A 80 -34.03 14.38 -47.16
CA GLN A 80 -33.46 14.00 -48.45
C GLN A 80 -33.70 12.53 -48.76
N ALA A 81 -33.54 11.66 -47.76
CA ALA A 81 -33.75 10.23 -47.97
C ALA A 81 -35.21 9.91 -48.26
N VAL A 82 -36.14 10.51 -47.51
CA VAL A 82 -37.54 10.22 -47.71
C VAL A 82 -38.07 10.86 -48.99
N ALA A 83 -37.40 11.90 -49.49
CA ALA A 83 -37.86 12.55 -50.72
C ALA A 83 -37.77 11.61 -51.90
N GLN A 84 -36.68 10.86 -52.02
CA GLN A 84 -36.48 9.95 -53.14
C GLN A 84 -36.83 8.50 -52.80
N GLN A 85 -37.68 8.30 -51.78
CA GLN A 85 -38.17 6.98 -51.40
C GLN A 85 -37.01 6.05 -51.02
N ASP A 86 -36.31 6.42 -49.95
CA ASP A 86 -35.33 5.53 -49.34
C ASP A 86 -35.80 4.94 -48.02
N LEU A 87 -36.42 5.74 -47.16
CA LEU A 87 -36.90 5.28 -45.86
C LEU A 87 -38.34 5.71 -45.69
N ALA A 88 -39.15 4.83 -45.10
CA ALA A 88 -40.52 5.19 -44.77
C ALA A 88 -40.52 6.27 -43.69
N ASP A 89 -41.39 7.26 -43.86
CA ASP A 89 -41.45 8.40 -42.96
C ASP A 89 -42.19 8.10 -41.66
N ASP A 90 -42.50 6.82 -41.39
CA ASP A 90 -43.20 6.47 -40.17
C ASP A 90 -42.36 6.76 -38.93
N PHE A 91 -41.05 6.54 -39.00
CA PHE A 91 -40.18 6.80 -37.87
C PHE A 91 -39.96 8.30 -37.68
N SER A 92 -39.55 8.67 -36.48
CA SER A 92 -39.28 10.05 -36.13
C SER A 92 -37.97 10.16 -35.36
N ILE A 93 -37.30 11.30 -35.52
CA ILE A 93 -36.06 11.59 -34.82
C ILE A 93 -36.33 12.72 -33.82
N LEU A 94 -35.80 12.57 -32.62
CA LEU A 94 -36.05 13.50 -31.53
C LEU A 94 -34.74 14.14 -31.07
N ARG A 95 -34.86 15.02 -30.08
CA ARG A 95 -33.73 15.72 -29.49
C ARG A 95 -33.84 15.65 -27.97
N PHE A 96 -32.70 15.49 -27.31
CA PHE A 96 -32.65 15.37 -25.85
C PHE A 96 -31.51 16.24 -25.35
N ASP A 97 -31.84 17.47 -24.95
CA ASP A 97 -30.85 18.39 -24.41
C ASP A 97 -30.33 17.89 -23.07
N ARG A 98 -29.02 18.04 -22.85
CA ARG A 98 -28.41 17.55 -21.62
C ARG A 98 -28.82 18.39 -20.42
N ASP A 99 -29.04 19.70 -20.60
CA ASP A 99 -29.33 20.57 -19.47
C ASP A 99 -30.77 20.40 -18.98
N GLN A 100 -31.71 20.12 -19.88
CA GLN A 100 -33.11 20.14 -19.54
C GLN A 100 -33.56 18.94 -18.71
N HIS A 101 -32.71 17.93 -18.54
CA HIS A 101 -33.10 16.74 -17.80
C HIS A 101 -32.04 16.26 -16.82
N GLN A 102 -31.01 17.07 -16.56
CA GLN A 102 -29.96 16.75 -15.59
C GLN A 102 -29.29 15.41 -15.92
N VAL A 103 -28.68 15.37 -17.11
CA VAL A 103 -28.01 14.17 -17.60
C VAL A 103 -26.62 14.54 -18.07
N GLY A 104 -25.73 13.54 -18.06
CA GLY A 104 -24.34 13.75 -18.41
C GLY A 104 -24.12 14.14 -19.85
N TRP A 105 -24.42 13.23 -20.78
CA TRP A 105 -24.21 13.44 -22.20
C TRP A 105 -25.55 13.52 -22.91
N SER A 106 -25.72 14.54 -23.75
CA SER A 106 -26.93 14.67 -24.53
C SER A 106 -26.93 13.65 -25.67
N SER A 107 -27.98 12.85 -25.75
CA SER A 107 -28.09 11.81 -26.77
C SER A 107 -29.43 11.92 -27.47
N LEU A 108 -29.42 11.90 -28.80
CA LEU A 108 -30.64 11.97 -29.58
C LEU A 108 -31.13 10.56 -29.90
N VAL A 109 -32.45 10.39 -29.90
CA VAL A 109 -33.05 9.06 -30.02
C VAL A 109 -33.74 8.92 -31.37
N ILE A 110 -33.82 7.68 -31.84
CA ILE A 110 -34.56 7.34 -33.05
C ILE A 110 -35.69 6.40 -32.64
N ALA A 111 -36.92 6.77 -33.00
CA ALA A 111 -38.10 6.04 -32.59
C ALA A 111 -38.94 5.65 -33.81
N LYS A 112 -39.57 4.48 -33.71
CA LYS A 112 -40.40 3.94 -34.79
C LYS A 112 -41.88 4.22 -34.58
N GLN A 113 -42.38 4.07 -33.35
CA GLN A 113 -43.77 4.37 -32.98
C GLN A 113 -44.74 3.54 -33.82
N ILE A 114 -44.68 2.23 -33.60
CA ILE A 114 -45.62 1.27 -34.17
C ILE A 114 -46.16 0.41 -33.03
N SER A 115 -47.48 0.33 -32.91
CA SER A 115 -48.10 -0.45 -31.87
C SER A 115 -48.11 -1.93 -32.24
N LEU A 116 -48.64 -2.76 -31.34
CA LEU A 116 -48.62 -4.20 -31.54
C LEU A 116 -49.69 -4.83 -30.67
N ASN A 117 -50.46 -5.75 -31.27
CA ASN A 117 -51.48 -6.54 -30.58
C ASN A 117 -52.53 -5.69 -29.87
N GLY A 118 -52.69 -4.43 -30.29
CA GLY A 118 -53.64 -3.54 -29.68
C GLY A 118 -53.12 -2.74 -28.50
N GLN A 119 -51.91 -3.02 -28.03
CA GLN A 119 -51.31 -2.24 -26.96
C GLN A 119 -50.12 -1.45 -27.49
N PRO A 120 -49.86 -0.27 -26.95
CA PRO A 120 -48.75 0.55 -27.46
C PRO A 120 -47.40 0.00 -27.06
N VAL A 121 -46.47 -0.02 -28.00
CA VAL A 121 -45.09 -0.39 -27.76
C VAL A 121 -44.20 0.55 -28.54
N ILE A 122 -43.10 0.99 -27.93
CA ILE A 122 -42.17 1.93 -28.56
C ILE A 122 -40.78 1.31 -28.56
N ALA A 123 -40.10 1.41 -29.71
CA ALA A 123 -38.72 0.97 -29.85
C ALA A 123 -37.85 2.18 -30.14
N VAL A 124 -36.82 2.36 -29.33
CA VAL A 124 -35.94 3.53 -29.41
C VAL A 124 -34.50 3.07 -29.51
N ARG A 125 -33.73 3.78 -30.32
CA ARG A 125 -32.29 3.56 -30.44
C ARG A 125 -31.58 4.86 -30.09
N PRO A 126 -30.75 4.88 -29.05
CA PRO A 126 -30.04 6.10 -28.68
C PRO A 126 -28.89 6.39 -29.63
N LEU A 127 -28.39 7.62 -29.53
CA LEU A 127 -27.21 8.04 -30.30
C LEU A 127 -26.56 9.15 -29.49
N ILE A 128 -25.47 8.83 -28.80
CA ILE A 128 -24.82 9.74 -27.87
C ILE A 128 -23.90 10.68 -28.64
N LEU A 129 -23.80 11.92 -28.17
CA LEU A 129 -22.99 12.96 -28.81
C LEU A 129 -22.05 13.58 -27.79
N PRO A 130 -20.93 12.92 -27.50
CA PRO A 130 -19.93 13.53 -26.62
C PRO A 130 -19.38 14.81 -27.22
N ASN A 131 -19.10 15.78 -26.36
CA ASN A 131 -18.61 17.08 -26.78
C ASN A 131 -17.32 17.39 -26.05
N ASN A 132 -16.31 17.84 -26.79
CA ASN A 132 -15.02 18.17 -26.17
C ASN A 132 -15.09 19.46 -25.38
N SER A 133 -16.00 20.38 -25.76
CA SER A 133 -16.10 21.65 -25.06
C SER A 133 -16.51 21.45 -23.61
N ILE A 134 -17.47 20.56 -23.36
CA ILE A 134 -17.96 20.29 -22.01
C ILE A 134 -17.21 19.09 -21.46
N GLU A 135 -16.55 19.27 -20.32
CA GLU A 135 -15.81 18.21 -19.65
C GLU A 135 -16.50 17.89 -18.34
N LEU A 136 -17.16 16.73 -18.28
CA LEU A 136 -17.84 16.33 -17.06
C LEU A 136 -16.82 15.97 -15.98
N PRO A 137 -17.20 16.07 -14.71
CA PRO A 137 -16.24 15.81 -13.63
C PRO A 137 -15.72 14.38 -13.67
N LYS A 138 -14.45 14.23 -13.30
CA LYS A 138 -13.77 12.96 -13.33
C LYS A 138 -14.22 12.08 -12.16
N ARG A 139 -13.68 10.87 -12.10
CA ARG A 139 -13.99 9.93 -11.03
C ARG A 139 -12.74 9.72 -10.17
N LYS A 140 -12.88 9.90 -8.87
CA LYS A 140 -11.78 9.84 -7.93
C LYS A 140 -11.82 8.54 -7.15
N THR A 141 -10.66 7.87 -7.06
CA THR A 141 -10.51 6.68 -6.25
C THR A 141 -9.30 6.84 -5.34
N ASN A 142 -9.27 6.08 -4.25
CA ASN A 142 -8.20 6.17 -3.27
C ASN A 142 -7.43 4.86 -3.20
N ILE A 143 -6.11 4.96 -3.25
CA ILE A 143 -5.21 3.81 -3.14
C ILE A 143 -4.25 4.06 -1.99
N VAL A 144 -4.12 3.08 -1.11
CA VAL A 144 -3.28 3.19 0.08
C VAL A 144 -1.96 2.50 -0.21
N ASN A 145 -0.86 3.24 -0.04
CA ASN A 145 0.47 2.69 -0.20
C ASN A 145 1.26 2.95 1.07
N GLY A 146 1.79 1.89 1.68
CA GLY A 146 2.47 2.04 2.95
C GLY A 146 1.54 2.63 3.98
N MET A 147 1.96 3.75 4.58
CA MET A 147 1.10 4.51 5.47
C MET A 147 0.33 5.59 4.73
N GLN A 148 0.86 6.08 3.61
CA GLN A 148 0.25 7.20 2.92
C GLN A 148 -0.89 6.74 2.01
N THR A 149 -1.69 7.70 1.58
CA THR A 149 -2.78 7.46 0.64
C THR A 149 -2.65 8.42 -0.53
N ASP A 150 -3.15 7.98 -1.69
CA ASP A 150 -3.12 8.78 -2.89
C ASP A 150 -4.48 8.69 -3.56
N VAL A 151 -4.81 9.72 -4.34
CA VAL A 151 -6.07 9.78 -5.08
C VAL A 151 -5.76 9.76 -6.57
N ILE A 152 -6.41 8.85 -7.29
CA ILE A 152 -6.29 8.73 -8.73
C ILE A 152 -7.58 9.22 -9.36
N GLU A 153 -7.45 10.17 -10.28
CA GLU A 153 -8.58 10.71 -11.02
C GLU A 153 -8.58 10.11 -12.42
N SER A 154 -9.67 9.46 -12.78
CA SER A 154 -9.81 8.81 -14.07
C SER A 154 -10.97 9.43 -14.84
N ASP A 155 -10.82 9.49 -16.16
CA ASP A 155 -11.84 10.08 -17.01
C ASP A 155 -13.06 9.16 -17.08
N ILE A 156 -14.19 9.74 -17.45
CA ILE A 156 -15.45 9.02 -17.58
C ILE A 156 -15.67 8.70 -19.04
N ASP A 157 -15.86 7.40 -19.34
CA ASP A 157 -16.04 6.95 -20.70
C ASP A 157 -17.48 7.17 -21.13
N VAL A 158 -17.85 6.64 -22.29
CA VAL A 158 -19.24 6.69 -22.74
C VAL A 158 -20.05 5.54 -22.17
N GLY A 159 -19.39 4.42 -21.85
CA GLY A 159 -20.12 3.28 -21.30
C GLY A 159 -20.71 3.55 -19.93
N THR A 160 -19.95 4.25 -19.07
CA THR A 160 -20.43 4.52 -17.72
C THR A 160 -21.54 5.55 -17.69
N VAL A 161 -21.63 6.42 -18.71
CA VAL A 161 -22.65 7.45 -18.72
C VAL A 161 -24.04 6.82 -18.91
N PHE A 162 -24.13 5.80 -19.78
CA PHE A 162 -25.41 5.18 -20.11
C PHE A 162 -25.87 4.28 -18.97
N SER A 163 -26.21 4.93 -17.86
CA SER A 163 -26.72 4.22 -16.69
C SER A 163 -28.21 3.93 -16.84
N ALA A 164 -28.73 3.12 -15.92
CA ALA A 164 -30.15 2.79 -15.94
C ALA A 164 -31.01 4.04 -15.74
N GLN A 165 -30.54 4.99 -14.93
CA GLN A 165 -31.28 6.24 -14.75
C GLN A 165 -31.39 7.00 -16.07
N TYR A 166 -30.31 7.00 -16.86
CA TYR A 166 -30.36 7.63 -18.18
C TYR A 166 -31.41 6.97 -19.05
N PHE A 167 -31.47 5.63 -19.05
CA PHE A 167 -32.47 4.93 -19.85
C PHE A 167 -33.88 5.26 -19.39
N ASN A 168 -34.10 5.32 -18.08
CA ASN A 168 -35.43 5.65 -17.56
C ASN A 168 -35.83 7.07 -17.94
N ARG A 169 -34.88 8.02 -17.85
CA ARG A 169 -35.18 9.40 -18.22
C ARG A 169 -35.52 9.51 -19.70
N LEU A 170 -34.75 8.82 -20.56
CA LEU A 170 -35.07 8.85 -21.98
C LEU A 170 -36.41 8.19 -22.26
N SER A 171 -36.72 7.10 -21.56
CA SER A 171 -38.00 6.43 -21.76
C SER A 171 -39.16 7.35 -21.38
N THR A 172 -39.06 8.04 -20.25
CA THR A 172 -40.14 8.93 -19.85
C THR A 172 -40.22 10.15 -20.77
N TYR A 173 -39.08 10.62 -21.27
CA TYR A 173 -39.10 11.74 -22.21
C TYR A 173 -39.79 11.36 -23.51
N VAL A 174 -39.47 10.18 -24.05
CA VAL A 174 -40.10 9.76 -25.29
C VAL A 174 -41.57 9.44 -25.07
N GLN A 175 -41.93 8.91 -23.89
CA GLN A 175 -43.34 8.67 -23.59
C GLN A 175 -44.12 9.97 -23.54
N ASN A 176 -43.56 11.01 -22.91
CA ASN A 176 -44.24 12.28 -22.83
C ASN A 176 -44.31 12.97 -24.20
N THR A 177 -43.25 12.83 -25.00
CA THR A 177 -43.24 13.50 -26.30
C THR A 177 -44.19 12.83 -27.29
N LEU A 178 -44.25 11.50 -27.27
CA LEU A 178 -45.07 10.76 -28.22
C LEU A 178 -46.50 10.54 -27.70
N GLY A 179 -46.80 10.94 -26.48
CA GLY A 179 -48.17 10.91 -25.99
C GLY A 179 -48.72 9.52 -25.69
N LYS A 180 -47.86 8.54 -25.45
CA LYS A 180 -48.29 7.19 -25.12
C LYS A 180 -47.60 6.75 -23.83
N PRO A 181 -48.10 7.21 -22.68
CA PRO A 181 -47.46 6.84 -21.41
C PRO A 181 -47.45 5.34 -21.13
N GLY A 182 -48.46 4.61 -21.61
CA GLY A 182 -48.54 3.19 -21.39
C GLY A 182 -47.75 2.32 -22.32
N ALA A 183 -47.00 2.92 -23.25
CA ALA A 183 -46.23 2.15 -24.21
C ALA A 183 -45.06 1.45 -23.55
N LYS A 184 -44.63 0.35 -24.16
CA LYS A 184 -43.47 -0.42 -23.70
C LYS A 184 -42.25 0.01 -24.47
N VAL A 185 -41.16 0.28 -23.76
CA VAL A 185 -39.93 0.82 -24.35
C VAL A 185 -38.89 -0.29 -24.44
N VAL A 186 -38.24 -0.39 -25.60
CA VAL A 186 -37.14 -1.31 -25.83
C VAL A 186 -36.03 -0.56 -26.55
N LEU A 187 -34.81 -1.08 -26.43
CA LEU A 187 -33.64 -0.47 -27.03
C LEU A 187 -33.02 -1.41 -28.06
N ALA A 188 -32.47 -0.80 -29.11
CA ALA A 188 -31.82 -1.54 -30.18
C ALA A 188 -30.30 -1.49 -30.11
N GLY A 189 -29.74 -0.91 -29.05
CA GLY A 189 -28.32 -0.83 -28.88
C GLY A 189 -27.78 0.57 -29.12
N PRO A 190 -27.51 1.28 -28.03
CA PRO A 190 -26.94 2.63 -28.16
C PRO A 190 -25.56 2.60 -28.79
N PHE A 191 -25.24 3.67 -29.53
CA PHE A 191 -24.00 3.76 -30.27
C PHE A 191 -23.48 5.19 -30.25
N PRO A 192 -22.28 5.42 -29.73
CA PRO A 192 -21.78 6.81 -29.63
C PRO A 192 -21.36 7.34 -30.99
N ILE A 193 -21.31 8.67 -31.08
CA ILE A 193 -20.77 9.37 -32.23
C ILE A 193 -19.39 9.88 -31.85
N PRO A 194 -18.33 9.46 -32.54
CA PRO A 194 -16.97 9.90 -32.16
C PRO A 194 -16.84 11.41 -32.24
N ALA A 195 -16.06 11.97 -31.31
CA ALA A 195 -15.92 13.41 -31.22
C ALA A 195 -15.03 13.98 -32.33
N ASP A 196 -14.14 13.17 -32.90
CA ASP A 196 -13.27 13.66 -33.95
C ASP A 196 -14.03 13.97 -35.25
N LEU A 197 -15.21 13.40 -35.42
CA LEU A 197 -16.00 13.63 -36.63
C LEU A 197 -16.44 15.09 -36.71
N VAL A 198 -16.41 15.63 -37.93
CA VAL A 198 -16.92 16.97 -38.22
C VAL A 198 -18.30 16.83 -38.85
N LEU A 199 -19.27 17.59 -38.33
CA LEU A 199 -20.65 17.41 -38.74
C LEU A 199 -20.87 17.86 -40.18
N LYS A 200 -20.21 18.94 -40.61
CA LYS A 200 -20.48 19.52 -41.92
C LYS A 200 -19.89 18.72 -43.07
N ASP A 201 -19.05 17.72 -42.80
CA ASP A 201 -18.35 16.99 -43.85
C ASP A 201 -18.45 15.50 -43.64
N SER A 202 -19.62 15.01 -43.23
CA SER A 202 -19.82 13.60 -42.92
C SER A 202 -21.16 13.11 -43.48
N GLU A 203 -21.43 13.47 -44.74
CA GLU A 203 -22.73 13.16 -45.34
C GLU A 203 -22.97 11.66 -45.42
N LEU A 204 -22.11 10.94 -46.16
CA LEU A 204 -22.39 9.55 -46.49
C LEU A 204 -22.44 8.67 -45.25
N GLN A 205 -21.45 8.80 -44.37
CA GLN A 205 -21.41 7.95 -43.19
C GLN A 205 -22.57 8.24 -42.25
N LEU A 206 -22.95 9.51 -42.09
CA LEU A 206 -24.10 9.82 -41.24
C LEU A 206 -25.39 9.26 -41.83
N ARG A 207 -25.56 9.35 -43.15
CA ARG A 207 -26.74 8.76 -43.78
C ARG A 207 -26.77 7.25 -43.58
N ASN A 208 -25.63 6.60 -43.76
CA ASN A 208 -25.57 5.15 -43.56
C ASN A 208 -25.87 4.78 -42.11
N LEU A 209 -25.36 5.59 -41.16
CA LEU A 209 -25.64 5.34 -39.76
C LEU A 209 -27.12 5.47 -39.46
N LEU A 210 -27.78 6.48 -40.03
CA LEU A 210 -29.22 6.63 -39.82
C LEU A 210 -29.98 5.43 -40.41
N ILE A 211 -29.58 4.98 -41.60
CA ILE A 211 -30.25 3.84 -42.22
C ILE A 211 -30.07 2.58 -41.37
N LYS A 212 -28.85 2.35 -40.89
CA LYS A 212 -28.62 1.18 -40.04
C LYS A 212 -29.38 1.28 -38.73
N SER A 213 -29.50 2.49 -38.17
CA SER A 213 -30.22 2.67 -36.93
C SER A 213 -31.71 2.34 -37.10
N VAL A 214 -32.32 2.86 -38.17
CA VAL A 214 -33.73 2.56 -38.38
C VAL A 214 -33.92 1.09 -38.70
N ASN A 215 -32.97 0.47 -39.41
CA ASN A 215 -33.07 -0.95 -39.68
C ASN A 215 -33.00 -1.75 -38.38
N ALA A 216 -32.10 -1.37 -37.47
CA ALA A 216 -32.01 -2.07 -36.19
C ALA A 216 -33.27 -1.89 -35.36
N CYS A 217 -33.85 -0.68 -35.38
CA CYS A 217 -35.11 -0.45 -34.67
C CYS A 217 -36.23 -1.33 -35.24
N ASP A 218 -36.32 -1.40 -36.57
CA ASP A 218 -37.32 -2.27 -37.19
C ASP A 218 -37.08 -3.72 -36.83
N ASP A 219 -35.81 -4.14 -36.80
CA ASP A 219 -35.49 -5.54 -36.49
C ASP A 219 -35.86 -5.89 -35.06
N ILE A 220 -35.56 -5.01 -34.09
CA ILE A 220 -35.92 -5.33 -32.71
C ILE A 220 -37.42 -5.30 -32.53
N LEU A 221 -38.12 -4.37 -33.19
CA LEU A 221 -39.57 -4.35 -33.11
C LEU A 221 -40.16 -5.64 -33.69
N ALA A 222 -39.64 -6.10 -34.83
CA ALA A 222 -40.11 -7.35 -35.40
C ALA A 222 -39.81 -8.54 -34.51
N LEU A 223 -38.62 -8.56 -33.90
CA LEU A 223 -38.26 -9.67 -33.01
C LEU A 223 -39.21 -9.72 -31.83
N HIS A 224 -39.58 -8.56 -31.28
CA HIS A 224 -40.62 -8.55 -30.26
C HIS A 224 -41.96 -9.00 -30.85
N SER A 225 -42.19 -8.73 -32.13
CA SER A 225 -43.40 -9.22 -32.80
C SER A 225 -43.38 -10.73 -33.02
N GLY A 226 -42.20 -11.34 -33.03
CA GLY A 226 -42.10 -12.78 -33.16
C GLY A 226 -42.28 -13.32 -34.56
N GLU A 227 -41.34 -13.01 -35.46
CA GLU A 227 -41.39 -13.49 -36.83
C GLU A 227 -40.90 -14.93 -36.86
N ARG A 228 -40.66 -15.47 -38.05
CA ARG A 228 -40.13 -16.82 -38.19
C ARG A 228 -38.61 -16.77 -38.12
N PRO A 229 -37.98 -17.46 -37.16
CA PRO A 229 -36.52 -17.48 -37.11
C PRO A 229 -35.93 -18.16 -38.34
N PHE A 230 -34.74 -17.71 -38.72
CA PHE A 230 -34.07 -18.22 -39.92
C PHE A 230 -33.16 -19.38 -39.52
N THR A 231 -33.62 -20.60 -39.77
CA THR A 231 -32.81 -21.78 -39.55
C THR A 231 -31.90 -22.02 -40.76
N ILE A 232 -30.90 -22.88 -40.56
CA ILE A 232 -29.95 -23.19 -41.62
C ILE A 232 -30.64 -23.90 -42.78
N ALA A 233 -31.77 -24.56 -42.49
CA ALA A 233 -32.49 -25.29 -43.54
C ALA A 233 -32.96 -24.37 -44.65
N GLY A 234 -33.18 -23.09 -44.35
CA GLY A 234 -33.55 -22.14 -45.39
C GLY A 234 -32.46 -21.93 -46.41
N LEU A 235 -31.20 -21.96 -45.99
CA LEU A 235 -30.09 -21.75 -46.91
C LEU A 235 -30.00 -22.87 -47.93
N LYS A 236 -30.01 -24.12 -47.47
CA LYS A 236 -29.90 -25.25 -48.38
C LYS A 236 -31.16 -25.36 -49.24
N GLY A 237 -30.96 -25.72 -50.51
CA GLY A 237 -32.06 -25.83 -51.45
C GLY A 237 -31.83 -26.88 -52.51
N GLN A 238 -32.61 -26.81 -53.60
CA GLN A 238 -32.46 -27.76 -54.69
C GLN A 238 -31.08 -27.66 -55.33
N GLN A 239 -30.62 -26.44 -55.59
CA GLN A 239 -29.30 -26.25 -56.17
C GLN A 239 -28.21 -26.69 -55.21
N GLY A 240 -27.16 -27.29 -55.75
CA GLY A 240 -26.03 -27.71 -54.94
C GLY A 240 -25.03 -26.61 -54.69
N GLU A 241 -25.53 -25.38 -54.53
CA GLU A 241 -24.68 -24.22 -54.28
C GLU A 241 -24.18 -24.28 -52.84
N THR A 242 -23.18 -25.13 -52.62
CA THR A 242 -22.62 -25.31 -51.30
C THR A 242 -21.87 -24.05 -50.86
N LEU A 243 -21.89 -23.79 -49.56
CA LEU A 243 -21.21 -22.63 -49.01
C LEU A 243 -19.69 -22.84 -49.05
N ALA A 244 -18.95 -21.75 -48.91
CA ALA A 244 -17.49 -21.80 -48.97
C ALA A 244 -16.89 -20.73 -48.08
N ALA A 245 -15.64 -20.95 -47.70
CA ALA A 245 -14.86 -20.01 -46.90
C ALA A 245 -13.61 -19.61 -47.67
N LYS A 246 -13.31 -18.31 -47.68
CA LYS A 246 -12.15 -17.75 -48.38
C LYS A 246 -11.32 -16.90 -47.43
N VAL A 247 -10.95 -17.49 -46.29
CA VAL A 247 -10.17 -16.79 -45.26
C VAL A 247 -9.02 -16.03 -45.91
N ASP A 248 -8.87 -14.78 -45.51
CA ASP A 248 -7.91 -13.87 -46.12
C ASP A 248 -7.20 -13.08 -45.02
N ILE A 249 -5.98 -12.65 -45.33
CA ILE A 249 -5.16 -11.88 -44.40
C ILE A 249 -5.17 -10.43 -44.82
N ARG A 250 -5.15 -9.53 -43.83
CA ARG A 250 -5.21 -8.10 -44.08
C ARG A 250 -4.16 -7.39 -43.24
N THR A 251 -3.75 -6.21 -43.71
CA THR A 251 -2.84 -5.33 -42.97
C THR A 251 -3.51 -4.03 -42.56
N GLN A 252 -4.11 -3.32 -43.51
CA GLN A 252 -4.87 -2.13 -43.17
C GLN A 252 -6.12 -2.53 -42.38
N PRO A 253 -6.52 -1.75 -41.38
CA PRO A 253 -7.66 -2.13 -40.54
C PRO A 253 -8.99 -1.91 -41.24
N LEU A 254 -9.99 -2.67 -40.80
CA LEU A 254 -11.34 -2.45 -41.25
C LEU A 254 -11.93 -1.21 -40.58
N HIS A 255 -13.02 -0.71 -41.15
CA HIS A 255 -13.62 0.53 -40.71
C HIS A 255 -15.06 0.29 -40.25
N ASP A 256 -15.47 1.04 -39.23
CA ASP A 256 -16.83 0.97 -38.72
C ASP A 256 -17.75 1.74 -39.66
N THR A 257 -19.03 1.88 -39.28
CA THR A 257 -19.97 2.62 -40.10
C THR A 257 -19.71 4.12 -40.05
N VAL A 258 -18.94 4.59 -39.07
CA VAL A 258 -18.61 6.00 -38.94
C VAL A 258 -17.21 6.30 -39.44
N GLY A 259 -16.25 5.43 -39.14
CA GLY A 259 -14.88 5.66 -39.54
C GLY A 259 -13.88 5.24 -38.48
N ASN A 260 -14.37 4.77 -37.35
CA ASN A 260 -13.50 4.30 -36.29
C ASN A 260 -12.78 3.04 -36.74
N PRO A 261 -11.45 2.99 -36.70
CA PRO A 261 -10.75 1.79 -37.16
C PRO A 261 -10.69 0.72 -36.10
N ILE A 262 -10.80 -0.53 -36.54
CA ILE A 262 -10.71 -1.70 -35.67
C ILE A 262 -9.68 -2.65 -36.24
N ARG A 263 -8.77 -3.12 -35.39
CA ARG A 263 -7.70 -4.00 -35.86
C ARG A 263 -8.29 -5.33 -36.32
N ALA A 264 -7.80 -5.82 -37.45
CA ALA A 264 -8.29 -7.08 -38.03
C ALA A 264 -7.18 -7.67 -38.87
N ASP A 265 -6.58 -8.76 -38.41
CA ASP A 265 -5.49 -9.41 -39.13
C ASP A 265 -5.97 -10.56 -40.00
N ILE A 266 -6.93 -11.35 -39.53
CA ILE A 266 -7.52 -12.43 -40.32
C ILE A 266 -9.03 -12.27 -40.32
N VAL A 267 -9.63 -12.47 -41.49
CA VAL A 267 -11.07 -12.41 -41.65
C VAL A 267 -11.55 -13.72 -42.26
N VAL A 268 -12.64 -14.26 -41.72
CA VAL A 268 -13.28 -15.46 -42.24
C VAL A 268 -14.66 -15.09 -42.75
N THR A 269 -14.96 -15.51 -43.97
CA THR A 269 -16.16 -15.06 -44.66
C THR A 269 -16.85 -16.23 -45.35
N THR A 270 -18.17 -16.11 -45.50
CA THR A 270 -19.01 -17.17 -46.04
C THR A 270 -19.64 -16.73 -47.35
N GLN A 271 -19.51 -17.58 -48.38
CA GLN A 271 -20.00 -17.29 -49.72
C GLN A 271 -20.87 -18.43 -50.23
N ARG A 272 -21.72 -18.10 -51.20
CA ARG A 272 -22.50 -19.10 -51.93
C ARG A 272 -21.73 -19.53 -53.17
N VAL A 273 -22.37 -20.38 -53.98
CA VAL A 273 -21.79 -20.87 -55.23
C VAL A 273 -20.44 -21.54 -55.00
N ASP A 287 -20.49 -12.55 -55.54
CA ASP A 287 -21.76 -11.90 -55.81
C ASP A 287 -22.63 -11.83 -54.55
N VAL A 288 -22.67 -12.95 -53.82
CA VAL A 288 -23.48 -13.07 -52.62
C VAL A 288 -22.56 -13.47 -51.47
N LYS A 289 -22.61 -12.70 -50.39
CA LYS A 289 -21.83 -12.97 -49.19
C LYS A 289 -22.77 -13.08 -47.99
N LEU A 290 -22.34 -13.83 -46.98
CA LEU A 290 -23.18 -14.09 -45.82
C LEU A 290 -22.61 -13.52 -44.53
N ASN A 291 -21.36 -13.84 -44.19
CA ASN A 291 -20.79 -13.42 -42.92
C ASN A 291 -19.37 -12.93 -43.15
N GLN A 292 -18.86 -12.20 -42.15
CA GLN A 292 -17.48 -11.73 -42.17
C GLN A 292 -17.05 -11.48 -40.74
N VAL A 293 -16.20 -12.34 -40.20
CA VAL A 293 -15.70 -12.22 -38.84
C VAL A 293 -14.24 -11.81 -38.92
N ALA A 294 -13.91 -10.68 -38.29
CA ALA A 294 -12.58 -10.11 -38.31
C ALA A 294 -11.95 -10.21 -36.93
N MET A 295 -10.74 -10.76 -36.86
CA MET A 295 -10.09 -11.04 -35.59
C MET A 295 -8.59 -11.14 -35.80
N PHE A 296 -7.84 -10.93 -34.72
CA PHE A 296 -6.38 -10.97 -34.76
C PHE A 296 -5.88 -11.96 -33.72
N THR A 297 -4.56 -12.11 -33.67
CA THR A 297 -3.91 -13.12 -32.83
C THR A 297 -3.06 -12.44 -31.77
N ASN A 298 -3.10 -12.99 -30.56
CA ASN A 298 -2.32 -12.48 -29.44
C ASN A 298 -1.64 -13.64 -28.74
N LEU A 299 -0.52 -13.34 -28.07
CA LEU A 299 0.29 -14.34 -27.38
C LEU A 299 0.31 -14.05 -25.90
N GLU A 300 0.23 -15.11 -25.09
CA GLU A 300 0.26 -15.01 -23.64
C GLU A 300 1.20 -16.08 -23.09
N ARG A 301 1.73 -15.82 -21.90
CA ARG A 301 2.72 -16.69 -21.28
C ARG A 301 2.15 -17.32 -20.02
N THR A 302 2.13 -18.65 -19.96
CA THR A 302 1.67 -19.34 -18.77
C THR A 302 2.78 -19.36 -17.71
N PRO A 303 2.42 -19.33 -16.43
CA PRO A 303 3.45 -19.29 -15.37
C PRO A 303 4.31 -20.54 -15.31
N GLN A 304 3.83 -21.69 -15.78
CA GLN A 304 4.60 -22.92 -15.65
C GLN A 304 5.73 -22.98 -16.68
N ALA A 305 5.51 -22.40 -17.87
CA ALA A 305 6.52 -22.44 -18.92
C ALA A 305 7.80 -21.74 -18.49
N GLN A 306 7.68 -20.54 -17.92
CA GLN A 306 8.85 -19.80 -17.46
C GLN A 306 9.49 -20.53 -16.28
N ALA A 307 8.66 -21.22 -15.49
CA ALA A 307 9.19 -22.02 -14.38
C ALA A 307 10.08 -23.14 -14.90
N GLN A 308 9.68 -23.76 -16.00
CA GLN A 308 10.54 -24.78 -16.63
C GLN A 308 11.72 -24.18 -17.41
N THR A 309 11.95 -22.87 -17.37
CA THR A 309 13.12 -22.25 -17.98
C THR A 309 14.20 -21.90 -16.98
N LEU A 310 13.84 -21.31 -15.84
CA LEU A 310 14.81 -21.01 -14.79
C LEU A 310 15.16 -22.27 -14.02
N PHE A 311 14.14 -22.95 -13.51
CA PHE A 311 14.34 -24.18 -12.75
C PHE A 311 13.82 -25.35 -13.56
N PRO A 312 14.65 -25.97 -14.39
CA PRO A 312 14.17 -27.00 -15.32
C PRO A 312 13.85 -28.32 -14.64
N ASN A 313 13.48 -29.31 -15.43
CA ASN A 313 13.12 -30.63 -14.90
C ASN A 313 13.42 -31.71 -15.96
N GLN A 314 13.84 -32.89 -15.51
CA GLN A 314 14.19 -33.97 -16.42
C GLN A 314 12.99 -34.47 -17.21
N PRO A 320 5.23 -29.20 -24.46
CA PRO A 320 4.78 -27.85 -24.12
C PRO A 320 5.47 -26.76 -24.94
N ALA A 321 5.28 -25.51 -24.55
CA ALA A 321 5.88 -24.38 -25.26
C ALA A 321 5.91 -23.19 -24.32
N PRO A 322 6.85 -22.27 -24.51
CA PRO A 322 6.93 -21.09 -23.63
C PRO A 322 5.86 -20.04 -23.89
N TRP A 323 4.97 -20.26 -24.85
CA TRP A 323 3.93 -19.28 -25.15
C TRP A 323 2.67 -20.01 -25.58
N VAL A 324 1.54 -19.34 -25.41
CA VAL A 324 0.24 -19.86 -25.84
C VAL A 324 -0.41 -18.83 -26.75
N ALA A 325 -1.15 -19.33 -27.74
CA ALA A 325 -1.75 -18.49 -28.77
C ALA A 325 -3.20 -18.21 -28.43
N SER A 326 -3.58 -16.94 -28.46
CA SER A 326 -4.95 -16.51 -28.19
C SER A 326 -5.50 -15.79 -29.41
N VAL A 327 -6.74 -16.11 -29.77
CA VAL A 327 -7.43 -15.48 -30.89
C VAL A 327 -8.52 -14.58 -30.33
N VAL A 328 -8.46 -13.29 -30.65
CA VAL A 328 -9.38 -12.30 -30.12
C VAL A 328 -10.32 -11.87 -31.24
N ILE A 329 -11.59 -12.21 -31.11
CA ILE A 329 -12.60 -11.81 -32.08
C ILE A 329 -12.96 -10.36 -31.83
N THR A 330 -12.89 -9.53 -32.87
CA THR A 330 -13.17 -8.11 -32.76
C THR A 330 -14.47 -7.73 -33.47
N ASP A 331 -14.60 -8.05 -34.75
CA ASP A 331 -15.79 -7.70 -35.51
C ASP A 331 -16.54 -8.96 -35.89
N VAL A 332 -17.85 -8.97 -35.67
CA VAL A 332 -18.68 -10.15 -35.91
C VAL A 332 -19.86 -9.75 -36.77
N ARG A 333 -19.70 -8.66 -37.53
CA ARG A 333 -20.77 -8.16 -38.36
C ARG A 333 -21.15 -9.16 -39.43
N ASN A 334 -22.40 -9.11 -39.87
CA ASN A 334 -22.87 -9.95 -40.96
C ASN A 334 -22.44 -9.32 -42.29
N ALA A 335 -22.96 -9.85 -43.40
CA ALA A 335 -22.58 -9.34 -44.70
C ALA A 335 -23.09 -7.92 -44.90
N ASP A 336 -22.35 -7.15 -45.72
CA ASP A 336 -22.79 -5.81 -46.07
C ASP A 336 -24.09 -5.86 -46.87
N GLY A 337 -24.19 -6.79 -47.82
CA GLY A 337 -25.37 -6.86 -48.66
C GLY A 337 -26.63 -7.13 -47.88
N ILE A 338 -26.59 -8.08 -46.95
CA ILE A 338 -27.77 -8.40 -46.16
C ILE A 338 -28.11 -7.23 -45.25
N GLN A 339 -29.40 -7.08 -44.94
CA GLN A 339 -29.90 -5.94 -44.19
C GLN A 339 -30.33 -6.27 -42.77
N ALA A 340 -31.03 -7.39 -42.59
CA ALA A 340 -31.53 -7.74 -41.27
C ALA A 340 -30.39 -8.16 -40.34
N ASN A 341 -30.63 -7.99 -39.04
CA ASN A 341 -29.67 -8.38 -38.02
C ASN A 341 -30.42 -9.10 -36.90
N THR A 342 -30.21 -10.40 -36.78
CA THR A 342 -30.94 -11.27 -35.88
C THR A 342 -29.96 -12.18 -35.16
N PRO A 343 -30.36 -12.75 -34.02
CA PRO A 343 -29.45 -13.66 -33.30
C PRO A 343 -28.98 -14.83 -34.12
N GLU A 344 -29.84 -15.40 -34.97
CA GLU A 344 -29.40 -16.50 -35.83
C GLU A 344 -28.29 -16.05 -36.76
N MET A 345 -28.36 -14.82 -37.28
CA MET A 345 -27.25 -14.27 -38.05
C MET A 345 -25.99 -14.20 -37.21
N TYR A 346 -26.12 -13.73 -35.97
CA TYR A 346 -24.95 -13.59 -35.10
C TYR A 346 -24.26 -14.92 -34.88
N TRP A 347 -25.03 -15.97 -34.55
CA TRP A 347 -24.39 -17.24 -34.28
C TRP A 347 -23.91 -17.94 -35.54
N PHE A 348 -24.63 -17.80 -36.65
CA PHE A 348 -24.14 -18.34 -37.92
C PHE A 348 -22.82 -17.69 -38.32
N ALA A 349 -22.65 -16.40 -38.00
CA ALA A 349 -21.37 -15.75 -38.27
C ALA A 349 -20.30 -16.21 -37.29
N LEU A 350 -20.65 -16.31 -36.01
CA LEU A 350 -19.67 -16.71 -35.00
C LEU A 350 -19.17 -18.13 -35.21
N SER A 351 -19.99 -18.99 -35.80
CA SER A 351 -19.55 -20.35 -36.09
C SER A 351 -18.31 -20.35 -36.99
N ASN A 352 -18.14 -19.32 -37.80
CA ASN A 352 -16.96 -19.22 -38.66
C ASN A 352 -15.69 -18.88 -37.90
N ALA A 353 -15.81 -18.37 -36.67
CA ALA A 353 -14.63 -17.97 -35.90
C ALA A 353 -13.76 -19.15 -35.48
N PHE A 354 -14.27 -20.38 -35.59
CA PHE A 354 -13.49 -21.58 -35.29
C PHE A 354 -12.78 -22.14 -36.51
N ARG A 355 -13.29 -21.87 -37.71
CA ARG A 355 -12.72 -22.42 -38.93
C ARG A 355 -11.31 -21.96 -39.21
N SER A 356 -10.91 -20.80 -38.68
CA SER A 356 -9.58 -20.27 -38.96
C SER A 356 -8.46 -21.21 -38.50
N THR A 357 -8.75 -22.10 -37.54
CA THR A 357 -7.73 -23.04 -37.10
C THR A 357 -7.36 -24.06 -38.16
N HIS A 358 -8.15 -24.18 -39.23
CA HIS A 358 -7.82 -25.13 -40.29
C HIS A 358 -6.45 -24.81 -40.88
N GLY A 359 -5.61 -25.84 -40.99
CA GLY A 359 -4.26 -25.66 -41.48
C GLY A 359 -3.44 -24.69 -40.66
N HIS A 360 -3.82 -24.45 -39.41
CA HIS A 360 -3.18 -23.44 -38.56
C HIS A 360 -3.17 -22.08 -39.25
N ALA A 361 -4.23 -21.79 -40.01
CA ALA A 361 -4.29 -20.55 -40.76
C ALA A 361 -4.24 -19.32 -39.86
N TRP A 362 -4.64 -19.45 -38.59
CA TRP A 362 -4.57 -18.32 -37.67
C TRP A 362 -3.14 -17.86 -37.45
N ALA A 363 -2.16 -18.68 -37.80
CA ALA A 363 -0.76 -18.31 -37.69
C ALA A 363 -0.25 -17.51 -38.88
N ARG A 364 -1.09 -17.27 -39.88
CA ARG A 364 -0.64 -16.54 -41.06
C ARG A 364 -0.08 -15.16 -40.77
N PRO A 365 -0.67 -14.32 -39.90
CA PRO A 365 -0.03 -13.03 -39.61
C PRO A 365 1.37 -13.16 -39.04
N PHE A 366 1.64 -14.21 -38.27
CA PHE A 366 2.97 -14.42 -37.72
C PHE A 366 4.00 -14.73 -38.80
N LEU A 367 3.57 -15.16 -39.98
CA LEU A 367 4.48 -15.39 -41.07
C LEU A 367 5.14 -14.07 -41.47
N PRO A 368 6.45 -14.05 -41.74
CA PRO A 368 7.14 -12.80 -42.03
C PRO A 368 6.53 -12.06 -43.21
N MET A 369 6.46 -10.75 -43.09
CA MET A 369 5.87 -9.91 -44.14
C MET A 369 6.81 -9.87 -45.35
N THR A 370 6.23 -9.55 -46.51
CA THR A 370 6.96 -9.54 -47.77
C THR A 370 7.86 -8.31 -47.82
N GLY A 371 9.03 -8.43 -47.22
CA GLY A 371 10.05 -7.39 -47.27
C GLY A 371 9.78 -6.17 -46.43
N VAL A 372 8.78 -6.20 -45.55
CA VAL A 372 8.43 -5.08 -44.70
C VAL A 372 8.88 -5.40 -43.28
N ALA A 373 9.61 -4.47 -42.66
CA ALA A 373 10.09 -4.68 -41.30
C ALA A 373 8.93 -4.84 -40.32
N LYS A 374 8.13 -3.77 -40.16
CA LYS A 374 6.96 -3.78 -39.29
C LYS A 374 7.35 -4.18 -37.85
N ASP A 375 8.13 -3.29 -37.23
CA ASP A 375 8.68 -3.55 -35.89
C ASP A 375 7.60 -3.82 -34.85
N MET A 376 6.33 -3.58 -35.16
CA MET A 376 5.24 -3.96 -34.28
C MET A 376 4.76 -5.38 -34.50
N LYS A 377 5.37 -6.11 -35.43
CA LYS A 377 4.97 -7.50 -35.68
C LYS A 377 6.17 -8.41 -35.93
N ASP A 378 7.35 -8.05 -35.44
CA ASP A 378 8.53 -8.89 -35.64
C ASP A 378 8.48 -10.10 -34.71
N ILE A 379 8.66 -11.30 -35.29
CA ILE A 379 8.72 -12.52 -34.51
C ILE A 379 10.02 -12.62 -33.72
N GLY A 380 11.01 -11.78 -34.05
CA GLY A 380 12.28 -11.80 -33.34
C GLY A 380 12.16 -11.51 -31.86
N ALA A 381 11.04 -10.93 -31.43
CA ALA A 381 10.80 -10.76 -30.00
C ALA A 381 10.83 -12.09 -29.26
N LEU A 382 10.45 -13.18 -29.93
CA LEU A 382 10.52 -14.49 -29.30
C LEU A 382 11.94 -14.84 -28.88
N GLY A 383 12.95 -14.27 -29.55
CA GLY A 383 14.32 -14.47 -29.12
C GLY A 383 14.61 -13.87 -27.76
N TRP A 384 13.97 -12.74 -27.43
CA TRP A 384 14.19 -12.13 -26.13
C TRP A 384 13.67 -13.00 -25.00
N MET A 385 12.62 -13.79 -25.25
CA MET A 385 12.02 -14.68 -24.27
C MET A 385 12.20 -16.11 -24.77
N SER A 386 13.36 -16.70 -24.46
CA SER A 386 13.67 -18.06 -24.90
C SER A 386 14.94 -18.50 -24.17
N ALA A 387 15.36 -19.74 -24.45
CA ALA A 387 16.63 -20.23 -23.93
C ALA A 387 17.79 -19.43 -24.51
N LEU A 388 17.70 -19.07 -25.78
CA LEU A 388 18.70 -18.24 -26.44
C LEU A 388 18.48 -16.78 -26.06
N ARG A 389 19.18 -15.87 -26.71
CA ARG A 389 19.08 -14.45 -26.41
C ARG A 389 19.06 -13.66 -27.71
N ASN A 390 18.83 -12.35 -27.58
CA ASN A 390 18.90 -11.38 -28.67
C ASN A 390 17.77 -11.58 -29.67
N ARG A 391 17.49 -10.55 -30.46
CA ARG A 391 16.46 -10.64 -31.49
C ARG A 391 16.89 -11.62 -32.58
N ILE A 392 15.95 -12.46 -33.01
CA ILE A 392 16.24 -13.42 -34.06
C ILE A 392 16.34 -12.70 -35.39
N ASP A 393 17.42 -12.95 -36.13
CA ASP A 393 17.67 -12.32 -37.42
C ASP A 393 16.90 -13.06 -38.50
N THR A 394 15.57 -12.98 -38.41
CA THR A 394 14.71 -13.65 -39.37
C THR A 394 14.73 -12.98 -40.74
N LYS A 395 15.12 -11.71 -40.82
CA LYS A 395 15.14 -10.97 -42.08
C LYS A 395 16.28 -11.39 -43.00
N ALA A 396 17.04 -12.42 -42.66
CA ALA A 396 18.13 -12.89 -43.51
C ALA A 396 17.56 -13.77 -44.62
N ALA A 397 18.45 -14.47 -45.33
CA ALA A 397 18.04 -15.37 -46.40
C ALA A 397 17.36 -16.63 -45.88
N ASN A 398 17.35 -16.85 -44.57
CA ASN A 398 16.73 -18.03 -43.95
C ASN A 398 15.33 -17.72 -43.44
N PHE A 399 14.59 -16.87 -44.15
CA PHE A 399 13.21 -16.54 -43.79
C PHE A 399 12.20 -17.47 -44.45
N ASP A 400 12.62 -18.66 -44.88
CA ASP A 400 11.72 -19.55 -45.60
C ASP A 400 10.57 -19.97 -44.71
N ASP A 401 9.43 -20.30 -45.34
CA ASP A 401 8.24 -20.66 -44.59
C ASP A 401 8.43 -21.93 -43.78
N ALA A 402 9.30 -22.84 -44.25
CA ALA A 402 9.51 -24.10 -43.53
C ALA A 402 10.13 -23.85 -42.16
N GLN A 403 11.24 -23.10 -42.12
CA GLN A 403 11.90 -22.85 -40.83
C GLN A 403 10.99 -22.07 -39.90
N PHE A 404 10.16 -21.17 -40.44
CA PHE A 404 9.12 -20.53 -39.64
C PHE A 404 8.15 -21.58 -39.09
N GLY A 405 7.88 -22.62 -39.89
CA GLY A 405 7.01 -23.68 -39.42
C GLY A 405 7.57 -24.43 -38.23
N GLN A 406 8.85 -24.84 -38.32
CA GLN A 406 9.45 -25.49 -37.15
C GLN A 406 9.59 -24.54 -35.97
N LEU A 407 9.84 -23.26 -36.23
CA LEU A 407 9.90 -22.29 -35.13
C LEU A 407 8.57 -22.19 -34.41
N MET A 408 7.47 -22.12 -35.17
CA MET A 408 6.14 -22.09 -34.55
C MET A 408 5.84 -23.40 -33.84
N LEU A 409 6.32 -24.53 -34.39
CA LEU A 409 6.07 -25.81 -33.75
C LEU A 409 6.74 -25.90 -32.39
N SER A 410 7.88 -25.22 -32.22
CA SER A 410 8.67 -25.33 -31.00
C SER A 410 8.71 -24.04 -30.19
N GLN A 411 7.76 -23.12 -30.42
CA GLN A 411 7.73 -21.90 -29.62
C GLN A 411 6.36 -21.65 -29.03
N VAL A 412 5.30 -22.07 -29.73
CA VAL A 412 3.94 -21.88 -29.27
C VAL A 412 3.20 -23.20 -29.37
N GLN A 413 2.19 -23.36 -28.52
CA GLN A 413 1.39 -24.58 -28.54
C GLN A 413 0.56 -24.64 -29.82
N PRO A 414 0.30 -25.84 -30.34
CA PRO A 414 -0.45 -25.97 -31.60
C PRO A 414 -1.96 -25.86 -31.44
N ASN A 415 -2.46 -25.37 -30.31
CA ASN A 415 -3.89 -25.23 -30.09
C ASN A 415 -4.16 -23.84 -29.53
N PRO A 416 -5.09 -23.08 -30.12
CA PRO A 416 -5.32 -21.71 -29.65
C PRO A 416 -6.37 -21.63 -28.56
N VAL A 417 -6.63 -20.42 -28.06
CA VAL A 417 -7.72 -20.16 -27.12
C VAL A 417 -8.50 -18.95 -27.63
N PHE A 418 -9.82 -19.03 -27.57
CA PHE A 418 -10.68 -18.02 -28.17
C PHE A 418 -11.18 -17.05 -27.11
N GLN A 419 -11.20 -15.77 -27.46
CA GLN A 419 -11.74 -14.72 -26.60
C GLN A 419 -12.23 -13.57 -27.47
N ILE A 420 -13.11 -12.75 -26.90
CA ILE A 420 -13.75 -11.66 -27.61
C ILE A 420 -13.70 -10.41 -26.74
N ASP A 421 -13.40 -9.27 -27.38
CA ASP A 421 -13.44 -7.97 -26.70
C ASP A 421 -14.85 -7.39 -26.82
N LEU A 422 -15.75 -7.96 -26.03
CA LEU A 422 -17.15 -7.57 -26.05
C LEU A 422 -17.31 -6.09 -25.73
N ASN A 423 -18.06 -5.39 -26.57
CA ASN A 423 -18.25 -3.94 -26.45
C ASN A 423 -19.63 -3.65 -25.90
N ARG A 424 -19.69 -2.87 -24.82
CA ARG A 424 -20.97 -2.46 -24.27
C ARG A 424 -21.65 -1.39 -25.12
N MET A 425 -20.91 -0.73 -26.00
CA MET A 425 -21.46 0.35 -26.82
C MET A 425 -20.95 0.23 -28.26
N GLY A 426 -20.97 -0.99 -28.81
CA GLY A 426 -20.61 -1.20 -30.19
C GLY A 426 -21.82 -1.16 -31.11
N GLU A 427 -21.57 -1.43 -32.40
CA GLU A 427 -22.66 -1.47 -33.36
C GLU A 427 -23.63 -2.62 -33.08
N THR A 428 -23.18 -3.64 -32.37
CA THR A 428 -24.02 -4.75 -31.92
C THR A 428 -24.03 -4.83 -30.40
N ALA A 429 -24.11 -3.67 -29.74
CA ALA A 429 -24.03 -3.62 -28.29
C ALA A 429 -25.19 -4.34 -27.62
N GLN A 430 -26.37 -4.30 -28.24
CA GLN A 430 -27.52 -5.00 -27.68
C GLN A 430 -27.24 -6.50 -27.57
N MET A 431 -26.55 -7.06 -28.56
CA MET A 431 -26.25 -8.49 -28.54
C MET A 431 -25.07 -8.81 -27.64
N ASP A 432 -24.09 -7.90 -27.56
CA ASP A 432 -22.97 -8.11 -26.65
C ASP A 432 -23.41 -8.06 -25.19
N SER A 433 -24.46 -7.28 -24.90
CA SER A 433 -24.95 -7.19 -23.52
C SER A 433 -25.38 -8.57 -23.03
N LEU A 434 -26.06 -9.35 -23.87
CA LEU A 434 -26.43 -10.70 -23.49
C LEU A 434 -25.21 -11.54 -23.15
N GLN A 435 -24.14 -11.39 -23.93
CA GLN A 435 -22.91 -12.12 -23.65
C GLN A 435 -22.30 -11.73 -22.31
N LEU A 436 -22.29 -10.44 -21.99
CA LEU A 436 -21.80 -10.03 -20.67
C LEU A 436 -22.65 -10.60 -19.55
N ASP A 437 -23.98 -10.55 -19.68
CA ASP A 437 -24.82 -11.10 -18.60
C ASP A 437 -24.66 -12.61 -18.50
N ALA A 438 -24.36 -13.29 -19.61
CA ALA A 438 -24.22 -14.74 -19.57
C ALA A 438 -22.99 -15.19 -18.80
N ALA A 439 -22.02 -14.31 -18.56
CA ALA A 439 -20.77 -14.67 -17.91
C ALA A 439 -20.70 -14.27 -16.45
N GLY A 440 -21.75 -13.68 -15.90
CA GLY A 440 -21.74 -13.28 -14.51
C GLY A 440 -22.86 -12.31 -14.22
N GLY A 441 -22.80 -11.75 -13.01
CA GLY A 441 -23.80 -10.82 -12.55
C GLY A 441 -25.04 -11.52 -12.03
N PRO A 442 -26.01 -10.74 -11.55
CA PRO A 442 -27.26 -11.36 -11.05
C PRO A 442 -28.03 -12.11 -12.12
N ASN A 443 -28.33 -11.46 -13.24
CA ASN A 443 -29.07 -12.08 -14.33
C ASN A 443 -28.10 -12.96 -15.13
N ALA A 444 -27.91 -14.18 -14.66
CA ALA A 444 -27.02 -15.13 -15.28
C ALA A 444 -27.72 -16.34 -15.85
N GLN A 445 -28.53 -17.04 -15.06
CA GLN A 445 -29.20 -18.24 -15.54
C GLN A 445 -30.20 -17.92 -16.65
N LYS A 446 -30.92 -16.81 -16.53
CA LYS A 446 -31.87 -16.43 -17.56
C LYS A 446 -31.16 -16.14 -18.87
N ALA A 447 -29.98 -15.50 -18.81
CA ALA A 447 -29.20 -15.26 -20.01
C ALA A 447 -28.76 -16.58 -20.65
N ALA A 448 -28.37 -17.55 -19.83
CA ALA A 448 -28.01 -18.87 -20.35
C ALA A 448 -29.20 -19.53 -21.03
N ALA A 449 -30.38 -19.44 -20.41
CA ALA A 449 -31.57 -20.01 -21.03
C ALA A 449 -31.85 -19.34 -22.37
N THR A 450 -31.74 -18.02 -22.43
CA THR A 450 -31.98 -17.29 -23.66
C THR A 450 -30.98 -17.69 -24.76
N ILE A 451 -29.70 -17.81 -24.39
CA ILE A 451 -28.69 -18.13 -25.40
C ILE A 451 -28.87 -19.55 -25.92
N ILE A 452 -29.18 -20.49 -25.03
CA ILE A 452 -29.37 -21.87 -25.46
C ILE A 452 -30.63 -22.01 -26.30
N ARG A 453 -31.71 -21.30 -25.93
CA ARG A 453 -32.92 -21.38 -26.74
C ARG A 453 -32.73 -20.72 -28.09
N GLN A 454 -31.93 -19.65 -28.17
CA GLN A 454 -31.62 -19.04 -29.46
C GLN A 454 -30.83 -20.00 -30.33
N ILE A 455 -29.83 -20.69 -29.75
CA ILE A 455 -29.07 -21.66 -30.51
C ILE A 455 -29.96 -22.80 -31.00
N ASN A 456 -30.86 -23.26 -30.13
CA ASN A 456 -31.79 -24.32 -30.52
C ASN A 456 -32.71 -23.87 -31.65
N ASN A 457 -33.21 -22.64 -31.57
CA ASN A 457 -34.06 -22.11 -32.65
C ASN A 457 -33.29 -22.02 -33.96
N LEU A 458 -32.01 -21.62 -33.89
CA LEU A 458 -31.18 -21.64 -35.09
C LEU A 458 -31.05 -23.04 -35.67
N GLY A 459 -30.65 -24.00 -34.83
CA GLY A 459 -30.43 -25.35 -35.30
C GLY A 459 -31.71 -26.13 -35.60
N GLY A 460 -32.73 -25.95 -34.77
CA GLY A 460 -33.96 -26.70 -34.91
C GLY A 460 -33.93 -28.10 -34.36
N GLY A 461 -32.83 -28.52 -33.74
CA GLY A 461 -32.72 -29.85 -33.18
C GLY A 461 -32.39 -29.85 -31.71
N GLY A 462 -31.98 -31.01 -31.19
CA GLY A 462 -31.66 -31.15 -29.78
C GLY A 462 -30.25 -30.71 -29.43
N PHE A 463 -30.01 -29.39 -29.39
CA PHE A 463 -28.70 -28.89 -29.02
C PHE A 463 -28.36 -29.15 -27.56
N GLU A 464 -29.38 -29.36 -26.71
CA GLU A 464 -29.12 -29.66 -25.31
C GLU A 464 -28.39 -30.98 -25.14
N ARG A 465 -28.50 -31.88 -26.13
CA ARG A 465 -27.82 -33.17 -26.03
C ARG A 465 -26.31 -33.01 -26.04
N PHE A 466 -25.79 -32.09 -26.84
CA PHE A 466 -24.34 -31.94 -26.96
C PHE A 466 -23.72 -31.52 -25.63
N PHE A 467 -24.33 -30.57 -24.93
CA PHE A 467 -23.91 -30.24 -23.58
C PHE A 467 -25.03 -29.50 -22.88
N ASP A 468 -24.92 -29.40 -21.56
CA ASP A 468 -25.89 -28.71 -20.73
C ASP A 468 -25.30 -27.39 -20.25
N HIS A 469 -26.06 -26.31 -20.40
CA HIS A 469 -25.57 -24.99 -20.00
C HIS A 469 -25.39 -24.91 -18.48
N THR A 470 -26.29 -25.53 -17.73
CA THR A 470 -26.19 -25.48 -16.26
C THR A 470 -24.97 -26.22 -15.73
N THR A 471 -24.38 -27.11 -16.53
CA THR A 471 -23.24 -27.90 -16.07
C THR A 471 -21.91 -27.17 -16.26
N GLN A 472 -21.70 -26.53 -17.42
CA GLN A 472 -20.48 -25.81 -17.68
C GLN A 472 -20.78 -24.40 -18.14
N PRO A 473 -19.96 -23.42 -17.76
CA PRO A 473 -20.23 -22.03 -18.15
C PRO A 473 -20.03 -21.81 -19.64
N ILE A 474 -20.80 -20.86 -20.17
CA ILE A 474 -20.66 -20.51 -21.58
C ILE A 474 -19.35 -19.77 -21.82
N LEU A 475 -19.01 -18.82 -20.96
CA LEU A 475 -17.79 -18.03 -21.11
C LEU A 475 -17.44 -17.42 -19.76
N GLU A 476 -16.16 -17.11 -19.60
CA GLU A 476 -15.64 -16.56 -18.36
C GLU A 476 -15.31 -15.07 -18.54
N ARG A 477 -15.51 -14.30 -17.47
CA ARG A 477 -15.33 -12.85 -17.56
C ARG A 477 -13.87 -12.48 -17.66
N THR A 478 -13.00 -13.12 -16.88
CA THR A 478 -11.55 -12.93 -16.81
C THR A 478 -11.15 -11.58 -16.21
N GLY A 479 -12.10 -10.69 -15.92
CA GLY A 479 -11.80 -9.46 -15.21
C GLY A 479 -10.78 -8.57 -15.89
N GLN A 480 -10.90 -8.37 -17.19
CA GLN A 480 -9.98 -7.52 -17.94
C GLN A 480 -10.77 -6.47 -18.68
N VAL A 481 -10.16 -5.28 -18.83
CA VAL A 481 -10.76 -4.16 -19.54
C VAL A 481 -9.82 -3.76 -20.67
N ILE A 482 -10.37 -3.67 -21.88
CA ILE A 482 -9.63 -3.21 -23.05
C ILE A 482 -10.30 -1.95 -23.57
N ASP A 483 -9.54 -0.86 -23.61
CA ASP A 483 -10.06 0.41 -24.10
C ASP A 483 -9.79 0.57 -25.59
N LEU A 484 -10.76 1.11 -26.30
CA LEU A 484 -10.69 1.27 -27.75
C LEU A 484 -10.32 2.70 -28.09
N GLY A 485 -9.52 2.88 -29.13
CA GLY A 485 -9.11 4.19 -29.57
C GLY A 485 -8.47 4.12 -30.93
N ASN A 486 -7.77 5.19 -31.29
CA ASN A 486 -7.08 5.26 -32.56
C ASN A 486 -5.85 6.15 -32.43
N TRP A 487 -4.89 5.93 -33.32
CA TRP A 487 -3.65 6.67 -33.34
C TRP A 487 -3.28 6.98 -34.78
N PHE A 488 -2.49 8.03 -34.97
CA PHE A 488 -2.14 8.53 -36.29
C PHE A 488 -0.68 8.22 -36.59
N ASP A 489 -0.44 7.50 -37.68
CA ASP A 489 0.90 7.27 -38.20
C ASP A 489 0.87 7.30 -39.70
N GLY A 490 1.89 7.92 -40.30
CA GLY A 490 1.96 8.05 -41.73
C GLY A 490 0.75 8.78 -42.30
N ASP A 491 -0.12 8.05 -42.99
CA ASP A 491 -1.31 8.63 -43.59
C ASP A 491 -2.59 8.06 -43.01
N GLU A 492 -2.73 6.74 -42.96
CA GLU A 492 -3.95 6.08 -42.51
C GLU A 492 -3.82 5.73 -41.04
N LYS A 493 -4.82 6.12 -40.25
CA LYS A 493 -4.84 5.79 -38.83
C LYS A 493 -5.16 4.31 -38.62
N ARG A 494 -4.74 3.80 -37.47
CA ARG A 494 -4.97 2.41 -37.11
C ARG A 494 -5.60 2.33 -35.72
N ASP A 495 -6.13 1.15 -35.41
CA ASP A 495 -6.78 0.94 -34.12
C ASP A 495 -5.76 0.99 -32.99
N ARG A 496 -6.24 1.41 -31.82
CA ARG A 496 -5.39 1.44 -30.63
C ARG A 496 -4.96 0.03 -30.21
N ARG A 497 -5.77 -0.98 -30.50
CA ARG A 497 -5.54 -2.33 -30.00
C ARG A 497 -4.40 -3.03 -30.69
N ASP A 498 -3.59 -2.31 -31.46
CA ASP A 498 -2.40 -2.86 -32.09
C ASP A 498 -1.22 -2.97 -31.13
N LEU A 499 -1.36 -2.49 -29.89
CA LEU A 499 -0.27 -2.56 -28.93
C LEU A 499 0.09 -4.01 -28.62
N ASP A 500 -0.90 -4.82 -28.27
CA ASP A 500 -0.72 -6.25 -28.05
C ASP A 500 0.35 -6.52 -27.01
N ASN A 501 0.94 -7.70 -27.03
CA ASN A 501 2.09 -8.06 -26.20
C ASN A 501 3.36 -8.28 -27.00
N LEU A 502 3.23 -8.93 -28.17
CA LEU A 502 4.39 -9.14 -29.03
C LEU A 502 5.00 -7.82 -29.50
N ALA A 503 4.14 -6.87 -29.88
CA ALA A 503 4.64 -5.57 -30.30
C ALA A 503 5.31 -4.84 -29.16
N ALA A 504 4.76 -4.95 -27.95
CA ALA A 504 5.39 -4.33 -26.79
C ALA A 504 6.75 -4.95 -26.50
N LEU A 505 6.85 -6.28 -26.63
CA LEU A 505 8.13 -6.95 -26.41
C LEU A 505 9.15 -6.53 -27.47
N ASN A 506 8.72 -6.39 -28.73
CA ASN A 506 9.62 -5.91 -29.77
C ASN A 506 10.08 -4.49 -29.49
N ALA A 507 9.17 -3.62 -29.04
CA ALA A 507 9.54 -2.24 -28.75
C ALA A 507 10.51 -2.17 -27.59
N ALA A 508 10.31 -3.02 -26.57
CA ALA A 508 11.20 -3.03 -25.42
C ALA A 508 12.58 -3.57 -25.75
N GLU A 509 12.72 -4.28 -26.88
CA GLU A 509 13.97 -4.89 -27.34
C GLU A 509 14.78 -5.47 -26.19
N GLY A 510 14.13 -6.37 -25.45
CA GLY A 510 14.70 -6.93 -24.25
C GLY A 510 14.13 -6.28 -23.00
N ASN A 511 14.97 -6.09 -21.98
CA ASN A 511 14.58 -5.41 -20.74
C ASN A 511 13.39 -6.14 -20.09
N GLU A 512 13.68 -7.36 -19.64
CA GLU A 512 12.73 -8.23 -18.95
C GLU A 512 11.79 -7.47 -18.04
N ASN A 513 12.34 -6.55 -17.25
CA ASN A 513 11.55 -5.80 -16.28
C ASN A 513 10.46 -4.97 -16.97
N GLU A 514 10.80 -4.30 -18.07
CA GLU A 514 9.83 -3.45 -18.74
C GLU A 514 8.66 -4.25 -19.31
N PHE A 515 8.97 -5.36 -20.00
CA PHE A 515 7.92 -6.19 -20.57
C PHE A 515 7.06 -6.81 -19.49
N TRP A 516 7.68 -7.29 -18.41
CA TRP A 516 6.90 -7.88 -17.33
C TRP A 516 6.02 -6.83 -16.66
N GLY A 517 6.53 -5.61 -16.50
CA GLY A 517 5.71 -4.54 -15.95
C GLY A 517 4.53 -4.20 -16.83
N PHE A 518 4.75 -4.17 -18.16
CA PHE A 518 3.64 -3.91 -19.07
C PHE A 518 2.60 -5.02 -18.99
N TYR A 519 3.05 -6.28 -18.98
CA TYR A 519 2.12 -7.40 -18.92
C TYR A 519 1.33 -7.37 -17.62
N GLY A 520 1.99 -7.04 -16.50
CA GLY A 520 1.26 -6.88 -15.25
C GLY A 520 0.29 -5.72 -15.29
N ALA A 521 0.68 -4.63 -15.96
CA ALA A 521 -0.23 -3.49 -16.10
C ALA A 521 -1.48 -3.89 -16.85
N GLN A 522 -1.36 -4.79 -17.83
CA GLN A 522 -2.56 -5.29 -18.50
C GLN A 522 -3.33 -6.27 -17.62
N LEU A 523 -2.62 -7.15 -16.91
CA LEU A 523 -3.25 -8.18 -16.07
C LEU A 523 -2.61 -8.17 -14.68
N ASN A 524 -3.39 -7.75 -13.68
CA ASN A 524 -2.98 -7.85 -12.29
C ASN A 524 -4.21 -7.96 -11.39
N PRO A 525 -4.52 -9.14 -10.86
CA PRO A 525 -5.65 -9.27 -9.93
C PRO A 525 -5.44 -8.50 -8.63
N ASN A 526 -4.20 -8.19 -8.27
CA ASN A 526 -3.88 -7.53 -7.01
C ASN A 526 -3.79 -6.01 -7.13
N LEU A 527 -4.12 -5.45 -8.28
CA LEU A 527 -4.03 -4.01 -8.49
C LEU A 527 -5.43 -3.44 -8.73
N HIS A 528 -5.62 -2.21 -8.30
CA HIS A 528 -6.89 -1.53 -8.51
C HIS A 528 -7.15 -1.35 -9.99
N PRO A 529 -8.37 -1.59 -10.47
CA PRO A 529 -8.63 -1.46 -11.91
C PRO A 529 -8.33 -0.08 -12.46
N ASP A 530 -8.60 0.98 -11.69
CA ASP A 530 -8.29 2.33 -12.15
C ASP A 530 -6.79 2.52 -12.32
N LEU A 531 -5.99 2.00 -11.38
CA LEU A 531 -4.54 2.11 -11.50
C LEU A 531 -4.03 1.31 -12.70
N ARG A 532 -4.60 0.13 -12.94
CA ARG A 532 -4.23 -0.66 -14.11
C ARG A 532 -4.54 0.09 -15.39
N ASN A 533 -5.73 0.72 -15.46
CA ASN A 533 -6.09 1.49 -16.64
C ASN A 533 -5.15 2.68 -16.83
N ARG A 534 -4.80 3.36 -15.75
CA ARG A 534 -3.89 4.50 -15.87
C ARG A 534 -2.51 4.06 -16.36
N GLN A 535 -2.00 2.95 -15.83
CA GLN A 535 -0.71 2.46 -16.28
C GLN A 535 -0.76 2.02 -17.74
N SER A 536 -1.86 1.38 -18.15
CA SER A 536 -2.01 1.01 -19.54
C SER A 536 -2.04 2.23 -20.44
N ARG A 537 -2.74 3.28 -20.02
CA ARG A 537 -2.77 4.52 -20.80
C ARG A 537 -1.38 5.14 -20.91
N ASN A 538 -0.64 5.15 -19.80
CA ASN A 538 0.71 5.71 -19.82
C ASN A 538 1.62 4.93 -20.76
N TYR A 539 1.57 3.59 -20.70
CA TYR A 539 2.38 2.78 -21.60
C TYR A 539 1.95 2.94 -23.05
N ASP A 540 0.66 3.12 -23.29
CA ASP A 540 0.17 3.37 -24.63
C ASP A 540 0.72 4.69 -25.17
N ARG A 541 0.71 5.72 -24.32
CA ARG A 541 1.26 7.02 -24.74
C ARG A 541 2.76 6.93 -24.96
N GLN A 542 3.45 6.09 -24.19
CA GLN A 542 4.90 5.93 -24.36
C GLN A 542 5.22 5.36 -25.73
N TYR A 543 4.47 4.36 -26.19
CA TYR A 543 4.72 3.75 -27.48
C TYR A 543 3.87 4.41 -28.56
N LEU A 544 4.18 4.08 -29.82
CA LEU A 544 3.40 4.48 -30.99
C LEU A 544 3.07 5.98 -31.00
N GLY A 545 3.90 6.79 -30.37
CA GLY A 545 3.67 8.22 -30.33
C GLY A 545 2.71 8.62 -29.22
N SER A 546 2.51 9.94 -29.12
CA SER A 546 1.67 10.52 -28.07
C SER A 546 0.45 11.20 -28.67
N THR A 547 -0.18 10.56 -29.64
CA THR A 547 -1.37 11.09 -30.30
C THR A 547 -2.56 10.14 -30.21
N VAL A 548 -2.58 9.28 -29.19
CA VAL A 548 -3.67 8.32 -29.05
C VAL A 548 -4.93 9.04 -28.59
N THR A 549 -6.07 8.60 -29.12
CA THR A 549 -7.37 9.14 -28.75
C THR A 549 -8.31 7.99 -28.40
N TYR A 550 -8.94 8.07 -27.23
CA TYR A 550 -9.76 7.00 -26.70
C TYR A 550 -11.24 7.30 -26.95
N THR A 551 -12.00 6.24 -27.26
CA THR A 551 -13.42 6.38 -27.55
C THR A 551 -14.31 5.63 -26.56
N GLY A 552 -14.05 4.35 -26.33
CA GLY A 552 -14.91 3.55 -25.46
C GLY A 552 -14.13 2.47 -24.76
N LYS A 553 -14.85 1.68 -23.97
CA LYS A 553 -14.26 0.60 -23.19
C LYS A 553 -14.95 -0.72 -23.51
N ALA A 554 -14.18 -1.79 -23.51
CA ALA A 554 -14.71 -3.12 -23.79
C ALA A 554 -14.12 -4.11 -22.80
N GLU A 555 -14.86 -5.19 -22.57
CA GLU A 555 -14.48 -6.23 -21.64
C GLU A 555 -14.14 -7.49 -22.42
N ARG A 556 -12.99 -8.09 -22.13
CA ARG A 556 -12.52 -9.26 -22.88
C ARG A 556 -12.89 -10.53 -22.13
N CYS A 557 -13.63 -11.41 -22.79
CA CYS A 557 -14.12 -12.65 -22.20
C CYS A 557 -13.77 -13.82 -23.11
N THR A 558 -13.35 -14.93 -22.50
CA THR A 558 -12.90 -16.10 -23.24
C THR A 558 -13.98 -17.17 -23.24
N TYR A 559 -14.33 -17.65 -24.43
CA TYR A 559 -15.25 -18.77 -24.55
C TYR A 559 -14.64 -20.05 -24.01
N ASN A 560 -15.50 -20.88 -23.42
CA ASN A 560 -15.09 -22.23 -23.04
C ASN A 560 -14.85 -23.07 -24.29
N ALA A 561 -13.87 -23.97 -24.20
CA ALA A 561 -13.54 -24.82 -25.35
C ALA A 561 -14.71 -25.70 -25.73
N LYS A 562 -15.41 -26.27 -24.75
CA LYS A 562 -16.52 -27.17 -25.04
C LYS A 562 -17.65 -26.43 -25.78
N PHE A 563 -17.85 -25.15 -25.48
CA PHE A 563 -18.93 -24.41 -26.13
C PHE A 563 -18.77 -24.40 -27.64
N ILE A 564 -17.59 -23.98 -28.12
CA ILE A 564 -17.36 -23.95 -29.56
C ILE A 564 -17.24 -25.37 -30.11
N GLU A 565 -16.54 -26.25 -29.38
CA GLU A 565 -16.37 -27.63 -29.83
C GLU A 565 -17.69 -28.36 -30.00
N ALA A 566 -18.74 -27.90 -29.32
CA ALA A 566 -20.05 -28.49 -29.51
C ALA A 566 -20.90 -27.70 -30.50
N LEU A 567 -20.71 -26.38 -30.57
CA LEU A 567 -21.49 -25.57 -31.50
C LEU A 567 -21.16 -25.93 -32.94
N ASP A 568 -19.87 -26.05 -33.26
CA ASP A 568 -19.50 -26.41 -34.63
C ASP A 568 -20.00 -27.81 -34.99
N ARG A 569 -19.89 -28.74 -34.04
CA ARG A 569 -20.36 -30.11 -34.30
C ARG A 569 -21.87 -30.15 -34.48
N TYR A 570 -22.61 -29.37 -33.69
CA TYR A 570 -24.06 -29.31 -33.84
C TYR A 570 -24.44 -28.72 -35.18
N LEU A 571 -23.74 -27.66 -35.62
CA LEU A 571 -24.00 -27.11 -36.93
C LEU A 571 -23.72 -28.13 -38.02
N ALA A 572 -22.63 -28.90 -37.87
CA ALA A 572 -22.32 -29.95 -38.84
C ALA A 572 -23.42 -31.00 -38.89
N GLU A 573 -23.92 -31.41 -37.73
CA GLU A 573 -25.00 -32.40 -37.67
C GLU A 573 -26.27 -31.86 -38.30
N ALA A 574 -26.59 -30.58 -38.06
CA ALA A 574 -27.80 -29.97 -38.58
C ALA A 574 -27.66 -29.50 -40.02
N GLY A 575 -26.48 -29.61 -40.62
CA GLY A 575 -26.28 -29.19 -41.99
C GLY A 575 -25.21 -28.13 -42.15
N LEU A 576 -24.06 -28.54 -42.68
CA LEU A 576 -22.88 -27.69 -42.81
C LEU A 576 -22.20 -28.05 -44.14
N GLN A 577 -22.62 -27.37 -45.20
CA GLN A 577 -22.13 -27.66 -46.56
C GLN A 577 -21.12 -26.59 -46.98
N ILE A 578 -19.96 -26.63 -46.33
CA ILE A 578 -18.88 -25.69 -46.58
C ILE A 578 -17.61 -26.47 -46.89
N THR A 579 -16.87 -26.02 -47.90
CA THR A 579 -15.59 -26.59 -48.26
C THR A 579 -14.57 -25.47 -48.42
N MET A 580 -13.40 -25.64 -47.82
CA MET A 580 -12.31 -24.68 -47.94
C MET A 580 -11.03 -25.40 -48.30
N ASP A 581 -10.11 -24.68 -48.94
CA ASP A 581 -8.84 -25.22 -49.38
C ASP A 581 -7.71 -24.37 -48.81
N ASN A 582 -6.71 -25.03 -48.24
CA ASN A 582 -5.56 -24.33 -47.68
C ASN A 582 -4.34 -25.25 -47.63
N GLY B 63 -14.09 56.17 -45.14
CA GLY B 63 -12.65 55.96 -45.16
C GLY B 63 -12.20 54.82 -44.25
N ASP B 64 -12.47 54.96 -42.96
CA ASP B 64 -12.11 53.94 -41.97
C ASP B 64 -13.09 52.79 -42.09
N ALA B 65 -12.78 51.86 -43.01
CA ALA B 65 -13.67 50.74 -43.26
C ALA B 65 -13.80 49.83 -42.04
N ARG B 66 -12.76 49.74 -41.21
CA ARG B 66 -12.82 48.89 -40.04
C ARG B 66 -13.93 49.33 -39.08
N ALA B 67 -13.99 50.64 -38.80
CA ALA B 67 -15.03 51.15 -37.90
C ALA B 67 -16.41 50.95 -38.49
N SER B 68 -16.57 51.19 -39.79
CA SER B 68 -17.87 51.02 -40.43
C SER B 68 -18.34 49.57 -40.37
N GLU B 69 -17.44 48.63 -40.69
CA GLU B 69 -17.83 47.23 -40.68
C GLU B 69 -18.10 46.74 -39.26
N ALA B 70 -17.33 47.23 -38.28
CA ALA B 70 -17.60 46.88 -36.89
C ALA B 70 -18.96 47.41 -36.45
N LEU B 71 -19.30 48.65 -36.83
CA LEU B 71 -20.60 49.19 -36.50
C LEU B 71 -21.72 48.38 -37.13
N THR B 72 -21.55 48.01 -38.41
CA THR B 72 -22.58 47.24 -39.09
C THR B 72 -22.77 45.87 -38.43
N VAL B 73 -21.66 45.18 -38.12
CA VAL B 73 -21.78 43.85 -37.55
C VAL B 73 -22.36 43.91 -36.14
N PHE B 74 -22.01 44.93 -35.36
CA PHE B 74 -22.58 45.03 -34.02
C PHE B 74 -24.04 45.43 -34.05
N THR B 75 -24.45 46.26 -35.02
CA THR B 75 -25.87 46.54 -35.18
C THR B 75 -26.63 45.28 -35.60
N ARG B 76 -26.02 44.45 -36.45
CA ARG B 76 -26.66 43.20 -36.82
C ARG B 76 -26.80 42.27 -35.63
N LEU B 77 -25.77 42.18 -34.79
CA LEU B 77 -25.86 41.38 -33.57
C LEU B 77 -26.93 41.93 -32.63
N LYS B 78 -27.03 43.25 -32.52
CA LYS B 78 -28.10 43.84 -31.72
C LYS B 78 -29.46 43.48 -32.26
N GLU B 79 -29.63 43.54 -33.59
CA GLU B 79 -30.90 43.18 -34.20
C GLU B 79 -31.26 41.73 -33.94
N GLN B 80 -30.26 40.84 -34.01
CA GLN B 80 -30.48 39.42 -33.75
C GLN B 80 -30.56 39.10 -32.27
N ALA B 81 -30.24 40.04 -31.39
CA ALA B 81 -30.22 39.81 -29.95
C ALA B 81 -31.38 40.46 -29.21
N VAL B 82 -32.21 41.26 -29.88
CA VAL B 82 -33.35 41.90 -29.24
C VAL B 82 -34.55 40.97 -29.29
N ALA B 83 -34.32 39.71 -29.66
CA ALA B 83 -35.38 38.71 -29.73
C ALA B 83 -35.93 38.30 -28.36
N GLN B 84 -35.48 38.93 -27.28
CA GLN B 84 -35.94 38.69 -25.92
C GLN B 84 -35.46 37.32 -25.43
N GLN B 85 -34.78 36.58 -26.29
CA GLN B 85 -34.17 35.32 -25.85
C GLN B 85 -33.00 35.56 -24.91
N ASP B 86 -32.48 36.78 -24.86
CA ASP B 86 -31.37 37.13 -23.97
C ASP B 86 -31.40 38.63 -23.72
N LEU B 87 -30.74 39.04 -22.63
CA LEU B 87 -30.52 40.43 -22.25
C LEU B 87 -31.80 41.26 -22.30
N ALA B 88 -31.65 42.58 -22.41
CA ALA B 88 -32.79 43.48 -22.53
C ALA B 88 -32.34 44.72 -23.28
N ASP B 89 -33.31 45.46 -23.82
CA ASP B 89 -33.02 46.65 -24.63
C ASP B 89 -32.95 47.86 -23.69
N ASP B 90 -31.75 48.21 -23.26
CA ASP B 90 -31.55 49.35 -22.39
C ASP B 90 -30.31 50.16 -22.71
N PHE B 91 -29.58 49.84 -23.76
CA PHE B 91 -28.29 50.45 -24.08
C PHE B 91 -28.35 51.11 -25.46
N SER B 92 -27.19 51.61 -25.89
CA SER B 92 -27.05 52.15 -27.24
C SER B 92 -25.59 52.02 -27.66
N ILE B 93 -25.36 52.11 -28.97
CA ILE B 93 -24.04 51.95 -29.56
C ILE B 93 -23.67 53.25 -30.25
N LEU B 94 -22.48 53.76 -29.95
CA LEU B 94 -21.99 54.99 -30.57
C LEU B 94 -20.66 54.72 -31.27
N ARG B 95 -20.42 55.44 -32.35
CA ARG B 95 -19.25 55.27 -33.20
C ARG B 95 -18.39 56.52 -33.10
N PHE B 96 -17.20 56.37 -32.51
CA PHE B 96 -16.27 57.48 -32.31
C PHE B 96 -15.04 57.20 -33.18
N ASP B 97 -15.11 57.62 -34.44
CA ASP B 97 -14.04 57.35 -35.39
C ASP B 97 -13.01 58.47 -35.40
N ARG B 98 -11.89 58.22 -36.08
CA ARG B 98 -10.80 59.18 -36.14
C ARG B 98 -11.20 60.42 -36.95
N ASP B 99 -12.09 60.27 -37.93
CA ASP B 99 -12.42 61.38 -38.80
C ASP B 99 -13.13 62.51 -38.07
N GLN B 100 -14.03 62.18 -37.14
CA GLN B 100 -14.89 63.20 -36.55
C GLN B 100 -14.12 64.15 -35.65
N HIS B 101 -13.18 63.63 -34.87
CA HIS B 101 -12.47 64.43 -33.87
C HIS B 101 -10.96 64.31 -34.09
N GLN B 102 -10.22 65.27 -33.54
CA GLN B 102 -8.77 65.20 -33.55
C GLN B 102 -8.32 64.11 -32.58
N VAL B 103 -8.15 62.89 -33.08
CA VAL B 103 -8.01 61.72 -32.22
C VAL B 103 -7.32 60.64 -33.03
N GLY B 104 -6.84 59.60 -32.34
CA GLY B 104 -6.10 58.53 -33.00
C GLY B 104 -6.98 57.35 -33.37
N TRP B 105 -6.90 56.28 -32.60
CA TRP B 105 -7.68 55.08 -32.92
C TRP B 105 -9.17 55.36 -32.88
N SER B 106 -9.92 54.60 -33.68
CA SER B 106 -11.38 54.68 -33.66
C SER B 106 -11.94 53.73 -32.59
N SER B 107 -13.22 53.89 -32.28
CA SER B 107 -13.82 53.12 -31.21
C SER B 107 -15.31 52.95 -31.45
N LEU B 108 -15.86 51.90 -30.84
CA LEU B 108 -17.28 51.56 -30.88
C LEU B 108 -17.74 51.40 -29.43
N VAL B 109 -18.30 52.48 -28.88
CA VAL B 109 -18.55 52.51 -27.44
C VAL B 109 -20.00 52.14 -27.14
N ILE B 110 -20.23 51.72 -25.89
CA ILE B 110 -21.55 51.37 -25.40
C ILE B 110 -22.02 52.48 -24.48
N ALA B 111 -23.34 52.65 -24.40
CA ALA B 111 -23.93 53.67 -23.55
C ALA B 111 -25.10 53.09 -22.78
N LYS B 112 -25.15 53.37 -21.48
CA LYS B 112 -26.21 52.92 -20.58
C LYS B 112 -26.45 54.01 -19.55
N GLN B 113 -27.64 54.59 -19.57
CA GLN B 113 -27.95 55.78 -18.78
C GLN B 113 -28.82 55.41 -17.58
N ILE B 114 -28.37 55.79 -16.39
CA ILE B 114 -29.10 55.58 -15.15
C ILE B 114 -29.05 56.88 -14.34
N SER B 115 -30.18 57.21 -13.72
CA SER B 115 -30.37 58.52 -13.08
C SER B 115 -30.77 58.35 -11.62
N LEU B 116 -30.00 57.52 -10.90
CA LEU B 116 -30.24 57.35 -9.46
C LEU B 116 -30.04 58.68 -8.73
N ASN B 117 -31.02 59.03 -7.89
CA ASN B 117 -31.05 60.32 -7.20
C ASN B 117 -30.93 61.47 -8.17
N GLY B 118 -31.65 61.37 -9.29
CA GLY B 118 -31.48 62.33 -10.36
C GLY B 118 -30.10 62.21 -10.96
N GLN B 119 -29.61 63.31 -11.55
CA GLN B 119 -28.26 63.40 -12.09
C GLN B 119 -27.91 62.16 -12.90
N PRO B 120 -28.46 62.01 -14.11
CA PRO B 120 -28.18 60.80 -14.89
C PRO B 120 -26.68 60.63 -15.11
N VAL B 121 -26.21 59.39 -14.89
CA VAL B 121 -24.80 59.07 -15.08
C VAL B 121 -24.67 58.10 -16.24
N ILE B 122 -24.09 58.57 -17.34
CA ILE B 122 -23.92 57.75 -18.52
C ILE B 122 -22.67 56.88 -18.36
N ALA B 123 -22.79 55.59 -18.65
CA ALA B 123 -21.70 54.65 -18.49
C ALA B 123 -21.23 54.17 -19.85
N VAL B 124 -19.92 54.03 -20.01
CA VAL B 124 -19.31 53.63 -21.27
C VAL B 124 -18.29 52.52 -21.01
N ARG B 125 -18.06 51.72 -22.05
CA ARG B 125 -16.98 50.73 -22.06
C ARG B 125 -16.38 50.80 -23.45
N PRO B 126 -15.37 51.64 -23.66
CA PRO B 126 -14.83 51.84 -25.01
C PRO B 126 -14.28 50.53 -25.57
N LEU B 127 -14.52 50.32 -26.86
CA LEU B 127 -14.01 49.16 -27.59
C LEU B 127 -13.05 49.69 -28.65
N ILE B 128 -11.77 49.74 -28.30
CA ILE B 128 -10.73 50.27 -29.17
C ILE B 128 -10.71 49.45 -30.46
N LEU B 129 -10.49 50.13 -31.59
CA LEU B 129 -10.55 49.51 -32.91
C LEU B 129 -9.22 49.76 -33.62
N PRO B 130 -8.18 49.00 -33.28
CA PRO B 130 -6.92 49.12 -34.00
C PRO B 130 -7.07 48.63 -35.43
N ASN B 131 -6.25 49.21 -36.32
CA ASN B 131 -6.32 48.95 -37.74
C ASN B 131 -4.95 48.53 -38.27
N ASN B 132 -4.98 47.72 -39.33
CA ASN B 132 -3.77 47.26 -40.00
C ASN B 132 -3.62 47.85 -41.39
N SER B 133 -4.22 49.02 -41.62
CA SER B 133 -4.15 49.66 -42.93
C SER B 133 -3.93 51.16 -42.86
N ILE B 134 -3.57 51.71 -41.69
CA ILE B 134 -3.35 53.14 -41.52
C ILE B 134 -2.10 53.35 -40.67
N GLU B 135 -1.67 54.61 -40.60
CA GLU B 135 -0.52 54.97 -39.80
C GLU B 135 -0.82 54.79 -38.31
N LEU B 136 0.16 54.25 -37.58
CA LEU B 136 -0.05 53.91 -36.17
C LEU B 136 -0.33 55.13 -35.30
N PRO B 137 0.46 56.22 -35.34
CA PRO B 137 0.09 57.33 -34.45
C PRO B 137 -1.04 58.18 -35.00
N ASP B 155 6.29 53.84 -31.96
CA ASP B 155 5.44 52.66 -31.96
C ASP B 155 4.41 52.74 -30.84
N ILE B 156 3.42 53.61 -30.99
CA ILE B 156 2.40 53.77 -29.98
C ILE B 156 1.54 52.51 -29.88
N ASP B 157 1.11 52.18 -28.67
CA ASP B 157 0.31 51.00 -28.41
C ASP B 157 -1.09 51.41 -27.97
N VAL B 158 -1.93 50.40 -27.72
CA VAL B 158 -3.31 50.66 -27.32
C VAL B 158 -3.36 51.35 -25.96
N GLY B 159 -2.44 50.99 -25.07
CA GLY B 159 -2.43 51.61 -23.75
C GLY B 159 -2.08 53.09 -23.79
N THR B 160 -1.14 53.46 -24.67
CA THR B 160 -0.66 54.83 -24.70
C THR B 160 -1.69 55.78 -25.32
N VAL B 161 -2.39 55.33 -26.37
CA VAL B 161 -3.32 56.22 -27.05
C VAL B 161 -4.48 56.62 -26.15
N PHE B 162 -4.93 55.71 -25.29
CA PHE B 162 -6.03 55.97 -24.37
C PHE B 162 -5.52 56.50 -23.02
N SER B 163 -4.67 57.52 -23.06
CA SER B 163 -4.10 58.03 -21.81
C SER B 163 -5.00 59.06 -21.15
N ALA B 164 -5.12 60.24 -21.76
CA ALA B 164 -5.97 61.28 -21.18
C ALA B 164 -6.89 61.94 -22.19
N GLN B 165 -6.41 62.21 -23.41
CA GLN B 165 -7.20 62.96 -24.37
C GLN B 165 -8.29 62.10 -25.01
N TYR B 166 -8.00 60.82 -25.23
CA TYR B 166 -9.02 59.91 -25.74
C TYR B 166 -10.25 59.92 -24.84
N PHE B 167 -10.03 59.79 -23.53
CA PHE B 167 -11.15 59.75 -22.59
C PHE B 167 -11.90 61.07 -22.56
N ASN B 168 -11.19 62.19 -22.59
CA ASN B 168 -11.85 63.49 -22.56
C ASN B 168 -12.73 63.69 -23.80
N ARG B 169 -12.18 63.35 -24.97
CA ARG B 169 -12.95 63.48 -26.21
C ARG B 169 -14.16 62.55 -26.20
N LEU B 170 -13.97 61.31 -25.72
CA LEU B 170 -15.08 60.37 -25.65
C LEU B 170 -16.15 60.87 -24.68
N SER B 171 -15.74 61.44 -23.55
CA SER B 171 -16.70 61.97 -22.58
C SER B 171 -17.49 63.12 -23.18
N THR B 172 -16.82 64.02 -23.90
CA THR B 172 -17.55 65.10 -24.56
C THR B 172 -18.53 64.55 -25.59
N TYR B 173 -18.09 63.56 -26.38
CA TYR B 173 -18.94 62.98 -27.41
C TYR B 173 -20.19 62.36 -26.80
N VAL B 174 -20.03 61.59 -25.72
CA VAL B 174 -21.18 60.96 -25.10
C VAL B 174 -22.01 61.98 -24.32
N GLN B 175 -21.42 63.10 -23.91
CA GLN B 175 -22.15 64.12 -23.19
C GLN B 175 -23.08 64.92 -24.10
N ASN B 176 -22.60 65.32 -25.27
CA ASN B 176 -23.40 66.22 -26.10
C ASN B 176 -24.37 65.48 -27.03
N THR B 177 -23.86 64.51 -27.79
CA THR B 177 -24.70 63.84 -28.79
C THR B 177 -25.79 62.98 -28.20
N LEU B 178 -25.64 62.55 -26.94
CA LEU B 178 -26.68 61.73 -26.32
C LEU B 178 -27.94 62.55 -26.04
N GLY B 179 -27.77 63.85 -25.80
CA GLY B 179 -28.89 64.72 -25.49
C GLY B 179 -29.10 65.03 -24.02
N LYS B 180 -28.20 64.59 -23.15
CA LYS B 180 -28.31 64.84 -21.71
C LYS B 180 -26.99 65.40 -21.21
N PRO B 181 -26.70 66.67 -21.49
CA PRO B 181 -25.45 67.28 -21.00
C PRO B 181 -25.44 67.39 -19.49
N GLY B 182 -24.24 67.33 -18.92
CA GLY B 182 -24.07 67.43 -17.48
C GLY B 182 -24.19 66.10 -16.78
N ALA B 183 -23.41 65.11 -17.21
CA ALA B 183 -23.42 63.77 -16.65
C ALA B 183 -22.00 63.35 -16.27
N LYS B 184 -21.90 62.22 -15.58
CA LYS B 184 -20.63 61.64 -15.21
C LYS B 184 -20.33 60.41 -16.05
N VAL B 185 -19.11 59.91 -15.92
CA VAL B 185 -18.67 58.71 -16.63
C VAL B 185 -17.96 57.80 -15.64
N VAL B 186 -17.94 56.51 -15.95
CA VAL B 186 -17.37 55.51 -15.05
C VAL B 186 -16.28 54.67 -15.70
N LEU B 187 -16.24 54.55 -17.03
CA LEU B 187 -15.20 53.80 -17.74
C LEU B 187 -15.17 52.34 -17.26
N ALA B 188 -16.26 51.64 -17.61
CA ALA B 188 -16.49 50.27 -17.14
C ALA B 188 -15.60 49.29 -17.90
N GLY B 189 -14.31 49.34 -17.60
CA GLY B 189 -13.37 48.35 -18.08
C GLY B 189 -13.22 48.32 -19.58
N PRO B 190 -12.58 49.34 -20.16
CA PRO B 190 -12.40 49.37 -21.61
C PRO B 190 -11.63 48.16 -22.11
N PHE B 191 -12.04 47.66 -23.27
CA PHE B 191 -11.45 46.45 -23.85
C PHE B 191 -11.08 46.74 -25.31
N PRO B 192 -9.83 46.54 -25.71
CA PRO B 192 -9.49 46.69 -27.12
C PRO B 192 -9.61 45.37 -27.88
N ILE B 193 -10.35 45.38 -28.99
CA ILE B 193 -10.45 44.18 -29.83
C ILE B 193 -9.15 44.02 -30.62
N PRO B 194 -8.65 42.81 -30.80
CA PRO B 194 -7.46 42.64 -31.65
C PRO B 194 -7.76 43.05 -33.09
N ALA B 195 -6.78 43.69 -33.73
CA ALA B 195 -6.95 44.15 -35.09
C ALA B 195 -6.85 43.02 -36.11
N ASP B 196 -6.08 41.97 -35.80
CA ASP B 196 -5.85 40.91 -36.78
C ASP B 196 -7.12 40.12 -37.08
N LEU B 197 -8.05 40.08 -36.14
CA LEU B 197 -9.26 39.29 -36.34
C LEU B 197 -10.15 39.91 -37.42
N VAL B 198 -10.68 39.06 -38.29
CA VAL B 198 -11.66 39.48 -39.29
C VAL B 198 -13.06 39.24 -38.72
N LEU B 199 -13.92 40.25 -38.85
CA LEU B 199 -15.21 40.24 -38.19
C LEU B 199 -16.31 39.56 -39.01
N LYS B 200 -16.03 39.17 -40.25
CA LYS B 200 -17.05 38.55 -41.08
C LYS B 200 -17.48 37.19 -40.53
N ASP B 201 -16.53 36.40 -40.03
CA ASP B 201 -16.77 35.02 -39.60
C ASP B 201 -16.43 34.83 -38.12
N SER B 202 -16.78 35.80 -37.29
CA SER B 202 -16.53 35.75 -35.85
C SER B 202 -17.77 36.18 -35.08
N GLU B 203 -18.92 35.63 -35.46
CA GLU B 203 -20.19 36.09 -34.90
C GLU B 203 -20.28 35.82 -33.41
N LEU B 204 -20.00 34.58 -32.99
CA LEU B 204 -20.23 34.22 -31.59
C LEU B 204 -19.24 34.89 -30.65
N GLN B 205 -17.98 35.07 -31.08
CA GLN B 205 -17.02 35.78 -30.23
C GLN B 205 -17.47 37.22 -30.01
N LEU B 206 -17.94 37.89 -31.08
CA LEU B 206 -18.41 39.27 -30.93
C LEU B 206 -19.67 39.33 -30.08
N ARG B 207 -20.55 38.34 -30.20
CA ARG B 207 -21.75 38.31 -29.35
C ARG B 207 -21.36 38.15 -27.88
N ASN B 208 -20.40 37.27 -27.60
CA ASN B 208 -19.92 37.12 -26.22
C ASN B 208 -19.29 38.41 -25.71
N LEU B 209 -18.51 39.07 -26.56
CA LEU B 209 -17.91 40.34 -26.16
C LEU B 209 -18.99 41.38 -25.85
N LEU B 210 -20.02 41.46 -26.68
CA LEU B 210 -21.09 42.42 -26.45
C LEU B 210 -21.84 42.13 -25.16
N ILE B 211 -22.17 40.86 -24.92
CA ILE B 211 -22.93 40.53 -23.72
C ILE B 211 -22.08 40.77 -22.47
N LYS B 212 -20.79 40.46 -22.52
CA LYS B 212 -19.93 40.70 -21.37
C LYS B 212 -19.74 42.19 -21.14
N SER B 213 -19.64 42.98 -22.22
CA SER B 213 -19.51 44.43 -22.09
C SER B 213 -20.75 45.03 -21.43
N VAL B 214 -21.94 44.62 -21.89
CA VAL B 214 -23.17 45.12 -21.29
C VAL B 214 -23.28 44.68 -19.84
N ASN B 215 -22.88 43.44 -19.55
CA ASN B 215 -22.94 42.94 -18.18
C ASN B 215 -22.03 43.73 -17.25
N ALA B 216 -20.81 44.01 -17.69
CA ALA B 216 -19.89 44.81 -16.87
C ALA B 216 -20.38 46.24 -16.73
N CYS B 217 -20.98 46.79 -17.79
CA CYS B 217 -21.50 48.15 -17.73
C CYS B 217 -22.62 48.26 -16.71
N ASP B 218 -23.49 47.25 -16.64
CA ASP B 218 -24.54 47.26 -15.62
C ASP B 218 -23.95 46.97 -14.24
N ASP B 219 -22.93 46.12 -14.17
CA ASP B 219 -22.33 45.75 -12.89
C ASP B 219 -21.67 46.95 -12.23
N ILE B 220 -20.98 47.79 -13.01
CA ILE B 220 -20.33 48.96 -12.42
C ILE B 220 -21.39 49.92 -11.87
N LEU B 221 -22.55 50.01 -12.53
CA LEU B 221 -23.65 50.79 -11.97
C LEU B 221 -24.21 50.13 -10.72
N ALA B 222 -24.10 48.81 -10.61
CA ALA B 222 -24.43 48.13 -9.36
C ALA B 222 -23.42 48.43 -8.26
N LEU B 223 -22.30 49.08 -8.58
CA LEU B 223 -21.31 49.48 -7.60
C LEU B 223 -21.43 50.96 -7.24
N HIS B 224 -21.50 51.84 -8.23
CA HIS B 224 -21.63 53.27 -7.97
C HIS B 224 -23.09 53.69 -7.85
N SER B 225 -23.84 52.95 -7.03
CA SER B 225 -25.21 53.32 -6.69
C SER B 225 -25.54 53.13 -5.22
N GLY B 226 -24.83 52.27 -4.49
CA GLY B 226 -25.18 51.91 -3.13
C GLY B 226 -25.88 50.57 -3.13
N GLU B 227 -25.14 49.51 -2.83
CA GLU B 227 -25.67 48.16 -2.96
C GLU B 227 -24.99 47.25 -1.95
N ARG B 228 -25.63 46.13 -1.67
CA ARG B 228 -25.06 45.15 -0.76
C ARG B 228 -23.87 44.47 -1.43
N PRO B 229 -22.68 44.51 -0.85
CA PRO B 229 -21.53 43.86 -1.45
C PRO B 229 -21.51 42.36 -1.16
N PHE B 230 -20.76 41.64 -1.98
CA PHE B 230 -20.60 40.20 -1.80
C PHE B 230 -19.89 39.91 -0.49
N THR B 231 -20.34 38.87 0.21
CA THR B 231 -19.81 38.51 1.51
C THR B 231 -19.48 37.03 1.54
N ILE B 232 -18.72 36.63 2.57
CA ILE B 232 -18.38 35.22 2.76
C ILE B 232 -19.63 34.42 3.10
N ALA B 233 -20.55 35.01 3.89
CA ALA B 233 -21.76 34.31 4.26
C ALA B 233 -22.62 33.97 3.04
N GLY B 234 -22.45 34.70 1.94
CA GLY B 234 -23.17 34.40 0.72
C GLY B 234 -22.73 33.10 0.07
N LEU B 235 -21.54 32.59 0.42
CA LEU B 235 -21.08 31.32 -0.13
C LEU B 235 -22.00 30.18 0.28
N LYS B 236 -22.47 30.19 1.53
CA LYS B 236 -23.35 29.13 2.00
C LYS B 236 -24.67 29.12 1.23
N GLY B 237 -25.08 30.27 0.70
CA GLY B 237 -26.32 30.34 -0.05
C GLY B 237 -27.55 30.01 0.76
N GLN B 238 -27.60 30.48 2.01
CA GLN B 238 -28.72 30.22 2.93
C GLN B 238 -28.94 28.73 3.14
N GLN B 239 -27.86 27.95 3.13
CA GLN B 239 -27.95 26.51 3.36
C GLN B 239 -26.57 26.00 3.76
N GLY B 240 -26.54 24.75 4.21
CA GLY B 240 -25.31 24.12 4.63
C GLY B 240 -24.48 23.58 3.48
N GLU B 241 -23.80 24.46 2.76
CA GLU B 241 -23.00 24.09 1.60
C GLU B 241 -21.52 24.24 1.91
N THR B 242 -20.72 23.32 1.39
CA THR B 242 -19.28 23.29 1.62
C THR B 242 -18.54 23.51 0.30
N LEU B 243 -17.37 24.15 0.41
CA LEU B 243 -16.54 24.46 -0.73
C LEU B 243 -15.34 23.51 -0.80
N ALA B 244 -14.63 23.59 -1.92
CA ALA B 244 -13.42 22.80 -2.10
C ALA B 244 -12.60 23.43 -3.24
N ALA B 245 -11.34 23.03 -3.31
CA ALA B 245 -10.42 23.53 -4.32
C ALA B 245 -9.65 22.37 -4.94
N LYS B 246 -9.19 22.57 -6.17
CA LYS B 246 -8.37 21.58 -6.84
C LYS B 246 -7.44 22.28 -7.82
N VAL B 247 -6.36 21.59 -8.18
CA VAL B 247 -5.34 22.13 -9.06
C VAL B 247 -5.22 21.22 -10.27
N ASP B 248 -5.27 21.82 -11.46
CA ASP B 248 -5.17 21.08 -12.71
C ASP B 248 -3.99 21.60 -13.52
N ILE B 249 -3.27 20.66 -14.13
CA ILE B 249 -2.12 20.96 -14.98
C ILE B 249 -2.55 20.75 -16.42
N ARG B 250 -2.48 21.82 -17.22
CA ARG B 250 -2.91 21.78 -18.61
C ARG B 250 -1.73 22.08 -19.54
N THR B 251 -1.98 21.87 -20.82
CA THR B 251 -1.02 22.20 -21.88
C THR B 251 -1.60 23.16 -22.91
N GLN B 252 -2.87 23.01 -23.24
CA GLN B 252 -3.52 23.94 -24.15
C GLN B 252 -3.76 25.28 -23.43
N PRO B 253 -3.24 26.39 -23.94
CA PRO B 253 -3.41 27.67 -23.26
C PRO B 253 -4.88 28.09 -23.20
N LEU B 254 -5.21 28.81 -22.13
CA LEU B 254 -6.57 29.32 -21.97
C LEU B 254 -6.84 30.45 -22.96
N HIS B 255 -8.11 30.62 -23.28
CA HIS B 255 -8.56 31.66 -24.19
C HIS B 255 -9.54 32.58 -23.48
N ASP B 256 -9.33 33.88 -23.59
CA ASP B 256 -10.25 34.86 -23.03
C ASP B 256 -11.45 35.02 -23.98
N THR B 257 -12.24 36.07 -23.77
CA THR B 257 -13.47 36.26 -24.55
C THR B 257 -13.18 36.26 -26.05
N VAL B 258 -12.22 37.06 -26.47
CA VAL B 258 -11.80 37.08 -27.87
C VAL B 258 -10.83 35.92 -28.08
N GLY B 259 -10.49 35.65 -29.34
CA GLY B 259 -9.63 34.51 -29.65
C GLY B 259 -8.19 34.61 -29.16
N ASN B 260 -7.85 35.66 -28.43
CA ASN B 260 -6.49 35.80 -27.92
C ASN B 260 -6.20 34.73 -26.87
N PRO B 261 -5.06 34.06 -26.94
CA PRO B 261 -4.71 33.07 -25.91
C PRO B 261 -3.87 33.67 -24.79
N ILE B 262 -3.91 32.99 -23.64
CA ILE B 262 -3.15 33.38 -22.47
C ILE B 262 -2.37 32.17 -21.98
N ARG B 263 -1.07 32.35 -21.74
CA ARG B 263 -0.25 31.26 -21.23
C ARG B 263 -0.72 30.87 -19.83
N ALA B 264 -1.04 29.59 -19.65
CA ALA B 264 -1.56 29.11 -18.38
C ALA B 264 -1.38 27.60 -18.32
N ASP B 265 -0.58 27.13 -17.36
CA ASP B 265 -0.35 25.71 -17.18
C ASP B 265 -0.77 25.20 -15.81
N ILE B 266 -1.03 26.08 -14.85
CA ILE B 266 -1.56 25.70 -13.54
C ILE B 266 -2.86 26.46 -13.35
N VAL B 267 -3.97 25.73 -13.22
CA VAL B 267 -5.26 26.35 -12.96
C VAL B 267 -5.77 25.85 -11.61
N VAL B 268 -6.03 26.78 -10.70
CA VAL B 268 -6.60 26.46 -9.41
C VAL B 268 -8.09 26.81 -9.47
N THR B 269 -8.94 25.81 -9.32
CA THR B 269 -10.37 25.97 -9.41
C THR B 269 -11.00 25.72 -8.05
N THR B 270 -11.81 26.66 -7.59
CA THR B 270 -12.58 26.53 -6.37
C THR B 270 -14.05 26.43 -6.72
N GLN B 271 -14.71 25.40 -6.18
CA GLN B 271 -16.10 25.10 -6.48
C GLN B 271 -16.74 24.48 -5.25
N ARG B 272 -18.06 24.58 -5.18
CA ARG B 272 -18.80 23.96 -4.09
C ARG B 272 -19.00 22.48 -4.37
N VAL B 273 -19.02 21.69 -3.30
CA VAL B 273 -19.18 20.25 -3.38
C VAL B 273 -20.46 19.85 -2.66
N ARG B 274 -21.34 19.14 -3.36
CA ARG B 274 -22.62 18.73 -2.81
C ARG B 274 -22.43 17.50 -1.94
N ARG B 275 -22.85 17.59 -0.67
CA ARG B 275 -22.74 16.50 0.28
C ARG B 275 -24.10 15.92 0.65
N ASN B 276 -25.08 16.05 -0.25
CA ASN B 276 -26.43 15.56 -0.02
C ASN B 276 -26.62 14.11 -0.46
N GLY B 277 -25.54 13.34 -0.51
CA GLY B 277 -25.61 11.95 -0.92
C GLY B 277 -25.36 11.71 -2.40
N GLN B 278 -25.24 12.76 -3.21
CA GLN B 278 -24.98 12.65 -4.64
C GLN B 278 -26.07 11.81 -5.33
N GLN B 279 -27.28 12.33 -5.29
CA GLN B 279 -28.45 11.64 -5.82
C GLN B 279 -29.19 12.54 -6.81
N GLU B 280 -29.99 11.89 -7.66
CA GLU B 280 -30.76 12.44 -8.78
C GLU B 280 -29.92 13.26 -9.74
N ASN B 281 -28.59 13.13 -9.67
CA ASN B 281 -27.72 13.72 -10.71
C ASN B 281 -26.46 12.86 -10.80
N GLU B 282 -26.48 11.90 -11.71
CA GLU B 282 -25.33 11.03 -11.94
C GLU B 282 -24.48 11.62 -13.07
N PHE B 283 -23.24 12.00 -12.73
CA PHE B 283 -22.27 12.51 -13.70
C PHE B 283 -22.78 13.80 -14.36
N TYR B 284 -23.53 14.59 -13.60
CA TYR B 284 -24.06 15.86 -14.08
C TYR B 284 -23.28 17.00 -13.46
N GLU B 285 -22.74 17.88 -14.30
CA GLU B 285 -21.87 18.94 -13.81
C GLU B 285 -22.65 20.04 -13.09
N THR B 286 -23.91 20.24 -13.46
CA THR B 286 -24.80 21.24 -12.83
C THR B 286 -24.13 22.60 -13.02
N ASP B 287 -24.01 23.42 -11.98
CA ASP B 287 -23.20 24.64 -12.02
C ASP B 287 -22.68 24.88 -10.60
N VAL B 288 -21.47 24.39 -10.34
CA VAL B 288 -20.87 24.46 -9.01
C VAL B 288 -19.56 25.22 -9.00
N LYS B 289 -18.98 25.54 -10.16
CA LYS B 289 -17.69 26.22 -10.20
C LYS B 289 -17.84 27.65 -9.68
N LEU B 290 -17.12 27.97 -8.61
CA LEU B 290 -17.10 29.34 -8.11
C LEU B 290 -16.15 30.21 -8.94
N ASN B 291 -14.86 29.88 -8.92
CA ASN B 291 -13.93 30.68 -9.69
C ASN B 291 -12.62 29.94 -9.91
N GLN B 292 -11.93 30.31 -10.98
CA GLN B 292 -10.66 29.70 -11.34
C GLN B 292 -9.61 30.78 -11.54
N VAL B 293 -8.36 30.43 -11.23
CA VAL B 293 -7.21 31.32 -11.45
C VAL B 293 -6.16 30.54 -12.23
N ALA B 294 -5.63 31.17 -13.29
CA ALA B 294 -4.69 30.52 -14.20
C ALA B 294 -3.35 31.24 -14.13
N MET B 295 -2.28 30.46 -13.96
CA MET B 295 -0.96 31.01 -13.69
C MET B 295 0.10 30.01 -14.13
N PHE B 296 1.32 30.52 -14.31
CA PHE B 296 2.48 29.73 -14.69
C PHE B 296 3.62 30.03 -13.74
N THR B 297 4.76 29.37 -13.97
CA THR B 297 5.92 29.49 -13.09
C THR B 297 7.11 30.04 -13.88
N ASN B 298 7.79 31.01 -13.30
CA ASN B 298 8.98 31.61 -13.89
C ASN B 298 10.16 31.45 -12.93
N LEU B 299 11.35 31.25 -13.50
CA LEU B 299 12.56 31.01 -12.73
C LEU B 299 13.49 32.20 -12.89
N GLU B 300 13.61 33.00 -11.84
CA GLU B 300 14.56 34.10 -11.80
C GLU B 300 15.89 33.59 -11.23
N ARG B 301 16.87 34.49 -11.13
CA ARG B 301 18.18 34.14 -10.61
C ARG B 301 18.70 35.29 -9.76
N THR B 302 19.59 34.94 -8.82
CA THR B 302 20.20 35.91 -7.92
C THR B 302 21.72 35.79 -8.00
N PRO B 303 22.45 36.89 -7.76
CA PRO B 303 23.90 36.93 -7.73
C PRO B 303 24.53 35.81 -6.90
N PRO B 320 23.33 29.28 -1.07
CA PRO B 320 22.08 28.52 -1.12
C PRO B 320 21.71 28.11 -2.54
N ALA B 321 20.43 27.91 -2.78
CA ALA B 321 19.96 27.62 -4.13
C ALA B 321 19.96 28.89 -4.97
N PRO B 322 20.67 28.94 -6.08
CA PRO B 322 20.74 30.18 -6.87
C PRO B 322 19.39 30.57 -7.49
N TRP B 323 18.76 29.63 -8.18
CA TRP B 323 17.48 29.90 -8.81
C TRP B 323 16.39 30.06 -7.76
N VAL B 324 15.57 31.09 -7.93
CA VAL B 324 14.42 31.34 -7.04
C VAL B 324 13.15 31.21 -7.88
N ALA B 325 12.21 30.40 -7.39
CA ALA B 325 10.96 30.20 -8.12
C ALA B 325 10.08 31.44 -8.04
N SER B 326 9.26 31.61 -9.07
CA SER B 326 8.33 32.73 -9.12
C SER B 326 7.06 32.27 -9.83
N VAL B 327 5.92 32.66 -9.28
CA VAL B 327 4.61 32.32 -9.83
C VAL B 327 3.94 33.62 -10.25
N VAL B 328 3.56 33.69 -11.52
CA VAL B 328 2.96 34.90 -12.09
C VAL B 328 1.49 34.60 -12.37
N ILE B 329 0.60 35.34 -11.70
CA ILE B 329 -0.83 35.19 -11.89
C ILE B 329 -1.22 35.91 -13.17
N THR B 330 -1.84 35.19 -14.10
CA THR B 330 -2.17 35.73 -15.41
C THR B 330 -3.67 35.92 -15.59
N ASP B 331 -4.47 34.88 -15.40
CA ASP B 331 -5.92 34.97 -15.54
C ASP B 331 -6.57 34.87 -14.17
N VAL B 332 -7.51 35.78 -13.90
CA VAL B 332 -8.13 35.88 -12.58
C VAL B 332 -9.65 35.84 -12.74
N ARG B 333 -10.10 35.64 -13.97
CA ARG B 333 -11.54 35.66 -14.24
C ARG B 333 -12.24 34.53 -13.50
N ASN B 334 -13.48 34.81 -13.09
CA ASN B 334 -14.29 33.85 -12.37
C ASN B 334 -15.09 32.97 -13.33
N ALA B 335 -15.78 31.99 -12.77
CA ALA B 335 -16.44 30.96 -13.57
C ALA B 335 -17.60 31.55 -14.37
N ASP B 336 -17.93 30.86 -15.47
CA ASP B 336 -19.00 31.32 -16.34
C ASP B 336 -20.38 31.24 -15.69
N GLY B 337 -20.52 30.43 -14.63
CA GLY B 337 -21.81 30.32 -13.97
C GLY B 337 -22.27 31.66 -13.40
N ILE B 338 -21.38 32.36 -12.71
CA ILE B 338 -21.65 33.72 -12.26
C ILE B 338 -21.50 34.67 -13.44
N GLN B 339 -22.33 35.71 -13.46
CA GLN B 339 -22.30 36.70 -14.51
C GLN B 339 -21.95 38.09 -14.00
N ALA B 340 -21.72 38.26 -12.71
CA ALA B 340 -21.38 39.54 -12.12
C ALA B 340 -19.91 39.55 -11.71
N ASN B 341 -19.17 40.57 -12.17
CA ASN B 341 -17.76 40.73 -11.82
C ASN B 341 -17.66 41.85 -10.79
N THR B 342 -17.45 41.46 -9.53
CA THR B 342 -17.38 42.37 -8.40
C THR B 342 -16.01 42.25 -7.73
N PRO B 343 -15.59 43.28 -6.98
CA PRO B 343 -14.26 43.20 -6.33
C PRO B 343 -14.10 42.00 -5.43
N GLU B 344 -15.18 41.56 -4.78
CA GLU B 344 -15.09 40.43 -3.86
C GLU B 344 -14.75 39.15 -4.60
N MET B 345 -15.30 38.96 -5.81
CA MET B 345 -14.88 37.83 -6.62
C MET B 345 -13.38 37.89 -6.94
N TYR B 346 -12.88 39.09 -7.25
CA TYR B 346 -11.47 39.25 -7.55
C TYR B 346 -10.60 38.86 -6.35
N TRP B 347 -10.97 39.34 -5.16
CA TRP B 347 -10.16 39.03 -3.98
C TRP B 347 -10.31 37.57 -3.57
N PHE B 348 -11.49 36.97 -3.80
CA PHE B 348 -11.64 35.54 -3.61
C PHE B 348 -10.72 34.77 -4.52
N ALA B 349 -10.61 35.19 -5.79
CA ALA B 349 -9.71 34.53 -6.73
C ALA B 349 -8.26 34.69 -6.31
N LEU B 350 -7.86 35.87 -5.84
CA LEU B 350 -6.50 36.04 -5.35
C LEU B 350 -6.23 35.15 -4.13
N SER B 351 -7.20 35.04 -3.23
CA SER B 351 -7.05 34.14 -2.10
C SER B 351 -6.90 32.70 -2.57
N ASN B 352 -7.65 32.31 -3.60
CA ASN B 352 -7.53 30.98 -4.16
C ASN B 352 -6.14 30.75 -4.77
N ALA B 353 -5.58 31.77 -5.40
CA ALA B 353 -4.32 31.62 -6.12
C ALA B 353 -3.18 31.24 -5.19
N PHE B 354 -3.27 31.58 -3.91
CA PHE B 354 -2.20 31.22 -2.98
C PHE B 354 -2.17 29.72 -2.72
N ARG B 355 -3.30 29.03 -2.88
CA ARG B 355 -3.38 27.61 -2.55
C ARG B 355 -2.68 26.78 -3.60
N SER B 356 -1.38 27.02 -3.79
CA SER B 356 -0.54 26.21 -4.67
C SER B 356 0.79 25.83 -4.05
N THR B 357 1.28 26.58 -3.06
CA THR B 357 2.50 26.17 -2.37
C THR B 357 2.29 24.92 -1.53
N HIS B 358 1.04 24.54 -1.27
CA HIS B 358 0.76 23.30 -0.55
C HIS B 358 1.03 22.11 -1.46
N GLY B 359 1.94 21.24 -1.04
CA GLY B 359 2.33 20.12 -1.87
C GLY B 359 3.27 20.47 -2.99
N HIS B 360 3.81 21.69 -3.01
CA HIS B 360 4.72 22.15 -4.07
C HIS B 360 4.08 22.01 -5.45
N ALA B 361 2.79 22.33 -5.53
CA ALA B 361 2.07 22.20 -6.79
C ALA B 361 2.64 23.07 -7.90
N TRP B 362 3.34 24.15 -7.55
CA TRP B 362 3.96 24.99 -8.56
C TRP B 362 5.11 24.29 -9.27
N ALA B 363 5.65 23.22 -8.69
CA ALA B 363 6.72 22.46 -9.31
C ALA B 363 6.21 21.38 -10.26
N ARG B 364 4.90 21.14 -10.28
CA ARG B 364 4.35 20.12 -11.18
C ARG B 364 4.61 20.40 -12.66
N PRO B 365 4.44 21.63 -13.18
CA PRO B 365 4.74 21.85 -14.60
C PRO B 365 6.20 21.57 -14.96
N PHE B 366 7.12 21.69 -14.00
CA PHE B 366 8.52 21.37 -14.30
C PHE B 366 8.75 19.87 -14.38
N LEU B 367 7.83 19.07 -13.87
CA LEU B 367 7.96 17.61 -13.95
C LEU B 367 7.90 17.15 -15.40
N PRO B 368 8.89 16.41 -15.89
CA PRO B 368 8.79 15.84 -17.24
C PRO B 368 7.64 14.85 -17.33
N MET B 369 6.98 14.84 -18.48
CA MET B 369 5.92 13.88 -18.77
C MET B 369 6.45 12.90 -19.81
N THR B 370 6.21 11.61 -19.57
CA THR B 370 6.77 10.58 -20.44
C THR B 370 6.12 10.63 -21.82
N GLY B 371 6.95 10.48 -22.86
CA GLY B 371 6.48 10.39 -24.22
C GLY B 371 6.57 11.67 -25.02
N VAL B 372 6.83 12.81 -24.40
CA VAL B 372 6.87 14.09 -25.08
C VAL B 372 8.28 14.68 -24.94
N ALA B 373 8.83 15.16 -26.05
CA ALA B 373 10.13 15.83 -26.10
C ALA B 373 9.99 17.18 -26.78
N LYS B 374 8.95 17.94 -26.37
CA LYS B 374 8.64 19.21 -27.03
C LYS B 374 9.73 20.25 -26.81
N ASP B 375 10.61 20.03 -25.83
CA ASP B 375 11.74 20.91 -25.54
C ASP B 375 11.25 22.29 -25.08
N MET B 376 12.19 23.21 -24.84
CA MET B 376 11.98 24.58 -24.35
C MET B 376 11.09 24.61 -23.10
N LYS B 377 10.90 23.44 -22.48
CA LYS B 377 10.23 23.33 -21.20
C LYS B 377 10.86 22.31 -20.27
N ASP B 378 11.96 21.68 -20.67
CA ASP B 378 12.58 20.65 -19.86
C ASP B 378 13.33 21.27 -18.69
N ILE B 379 13.47 20.47 -17.62
CA ILE B 379 14.12 20.96 -16.41
C ILE B 379 15.63 20.88 -16.51
N GLY B 380 16.16 20.11 -17.47
CA GLY B 380 17.59 19.87 -17.55
C GLY B 380 18.41 21.10 -17.88
N ALA B 381 17.77 22.17 -18.35
CA ALA B 381 18.51 23.38 -18.71
C ALA B 381 19.30 23.93 -17.54
N LEU B 382 18.80 23.75 -16.32
CA LEU B 382 19.51 24.24 -15.14
C LEU B 382 20.91 23.65 -15.06
N GLY B 383 21.12 22.47 -15.63
CA GLY B 383 22.45 21.86 -15.64
C GLY B 383 23.48 22.74 -16.32
N TRP B 384 23.08 23.52 -17.32
CA TRP B 384 24.02 24.43 -17.98
C TRP B 384 24.56 25.47 -17.01
N MET B 385 23.80 25.78 -15.95
CA MET B 385 24.22 26.77 -14.97
C MET B 385 24.70 26.15 -13.67
N SER B 386 24.92 24.84 -13.65
CA SER B 386 25.42 24.16 -12.46
C SER B 386 26.95 24.09 -12.53
N ALA B 387 27.55 23.35 -11.59
CA ALA B 387 29.00 23.18 -11.60
C ALA B 387 29.47 22.46 -12.85
N LEU B 388 28.76 21.40 -13.24
CA LEU B 388 29.05 20.68 -14.47
C LEU B 388 28.29 21.29 -15.62
N ARG B 389 28.91 21.31 -16.80
CA ARG B 389 28.29 21.87 -18.01
C ARG B 389 27.72 20.73 -18.84
N ASN B 390 26.55 20.25 -18.42
CA ASN B 390 25.88 19.18 -19.13
C ASN B 390 24.38 19.27 -18.84
N ARG B 391 23.59 18.71 -19.74
CA ARG B 391 22.14 18.60 -19.54
C ARG B 391 21.81 17.23 -18.97
N ILE B 392 21.04 17.21 -17.90
CA ILE B 392 20.63 15.96 -17.28
C ILE B 392 19.76 15.17 -18.26
N ASP B 393 19.99 13.86 -18.33
CA ASP B 393 19.23 12.99 -19.22
C ASP B 393 17.83 12.84 -18.64
N THR B 394 17.03 13.89 -18.84
CA THR B 394 15.71 13.96 -18.21
C THR B 394 14.79 12.86 -18.71
N LYS B 395 14.77 12.61 -20.03
CA LYS B 395 13.85 11.63 -20.58
C LYS B 395 14.29 10.20 -20.32
N ALA B 396 15.54 9.99 -19.89
CA ALA B 396 16.05 8.64 -19.72
C ALA B 396 15.36 7.93 -18.55
N ALA B 397 15.63 6.63 -18.44
CA ALA B 397 15.02 5.84 -17.38
C ALA B 397 15.62 6.14 -16.02
N ASN B 398 16.86 6.64 -15.99
CA ASN B 398 17.53 6.94 -14.72
C ASN B 398 16.96 8.17 -14.02
N PHE B 399 16.16 8.98 -14.71
CA PHE B 399 15.56 10.17 -14.11
C PHE B 399 14.17 9.79 -13.60
N ASP B 400 14.08 9.50 -12.30
CA ASP B 400 12.85 9.06 -11.66
C ASP B 400 12.34 10.18 -10.75
N ASP B 401 11.21 9.92 -10.07
CA ASP B 401 10.60 10.93 -9.22
C ASP B 401 11.52 11.31 -8.07
N ALA B 402 12.18 10.33 -7.46
CA ALA B 402 13.09 10.63 -6.35
C ALA B 402 14.26 11.51 -6.83
N GLN B 403 14.82 11.19 -8.00
CA GLN B 403 15.89 12.01 -8.55
C GLN B 403 15.40 13.42 -8.84
N PHE B 404 14.18 13.55 -9.34
CA PHE B 404 13.61 14.86 -9.61
C PHE B 404 13.47 15.68 -8.33
N GLY B 405 12.91 15.06 -7.28
CA GLY B 405 12.79 15.75 -6.01
C GLY B 405 14.12 16.13 -5.42
N GLN B 406 15.17 15.44 -5.87
CA GLN B 406 16.52 15.88 -5.47
C GLN B 406 16.84 17.14 -6.28
N LEU B 407 16.76 17.06 -7.61
CA LEU B 407 17.15 18.21 -8.45
C LEU B 407 16.53 19.49 -7.89
N MET B 408 15.33 19.39 -7.31
CA MET B 408 14.64 20.61 -6.82
C MET B 408 15.30 21.10 -5.52
N LEU B 409 15.47 20.22 -4.53
CA LEU B 409 16.03 20.68 -3.23
C LEU B 409 17.44 21.18 -3.49
N SER B 410 18.21 20.40 -4.24
CA SER B 410 19.57 20.84 -4.60
C SER B 410 19.47 22.18 -5.31
N GLN B 411 18.58 22.36 -6.28
CA GLN B 411 18.66 23.59 -7.13
C GLN B 411 17.80 24.81 -6.74
N VAL B 412 16.47 24.73 -6.78
CA VAL B 412 15.63 25.96 -6.56
C VAL B 412 15.27 26.16 -5.09
N GLN B 413 15.31 27.40 -4.58
CA GLN B 413 14.87 27.60 -3.18
C GLN B 413 13.43 27.12 -3.07
N PRO B 414 13.03 26.42 -1.98
CA PRO B 414 11.67 25.86 -1.88
C PRO B 414 10.60 26.86 -1.41
N ASN B 415 10.79 28.15 -1.67
CA ASN B 415 9.76 29.12 -1.34
C ASN B 415 9.43 29.94 -2.58
N PRO B 416 8.17 29.93 -3.05
CA PRO B 416 7.85 30.69 -4.27
C PRO B 416 7.40 32.11 -3.98
N VAL B 417 8.02 33.08 -4.63
CA VAL B 417 7.56 34.46 -4.58
C VAL B 417 6.41 34.63 -5.55
N PHE B 418 5.50 35.55 -5.24
CA PHE B 418 4.26 35.71 -6.00
C PHE B 418 4.31 37.00 -6.80
N GLN B 419 4.19 36.88 -8.12
CA GLN B 419 4.08 38.00 -9.03
C GLN B 419 2.70 37.99 -9.68
N ILE B 420 2.43 39.06 -10.42
CA ILE B 420 1.16 39.19 -11.12
C ILE B 420 1.33 40.22 -12.23
N ASP B 421 0.69 39.95 -13.37
CA ASP B 421 0.79 40.80 -14.55
C ASP B 421 -0.44 41.69 -14.62
N LEU B 422 -0.30 42.93 -14.18
CA LEU B 422 -1.38 43.90 -14.26
C LEU B 422 -1.56 44.33 -15.70
N ASN B 423 -2.80 44.34 -16.18
CA ASN B 423 -3.12 44.72 -17.54
C ASN B 423 -3.84 46.06 -17.53
N ARG B 424 -3.27 47.05 -18.21
CA ARG B 424 -3.90 48.37 -18.28
C ARG B 424 -5.11 48.34 -19.22
N MET B 425 -5.08 47.49 -20.24
CA MET B 425 -6.14 47.37 -21.23
C MET B 425 -6.63 45.94 -21.32
N GLY B 426 -6.87 45.32 -20.16
CA GLY B 426 -7.29 43.93 -20.10
C GLY B 426 -8.74 43.77 -19.72
N GLU B 427 -9.09 42.51 -19.40
CA GLU B 427 -10.46 42.20 -19.00
C GLU B 427 -10.83 42.87 -17.69
N THR B 428 -9.90 42.92 -16.75
CA THR B 428 -10.12 43.53 -15.43
C THR B 428 -9.39 44.85 -15.31
N ALA B 429 -9.35 45.62 -16.40
CA ALA B 429 -8.59 46.87 -16.40
C ALA B 429 -9.15 47.86 -15.38
N GLN B 430 -10.47 48.00 -15.33
CA GLN B 430 -11.09 48.91 -14.37
C GLN B 430 -10.79 48.50 -12.93
N MET B 431 -10.43 47.23 -12.71
CA MET B 431 -10.04 46.76 -11.38
C MET B 431 -8.54 46.69 -11.20
N ASP B 432 -7.79 46.43 -12.28
CA ASP B 432 -6.34 46.40 -12.20
C ASP B 432 -5.75 47.80 -12.05
N SER B 433 -6.50 48.84 -12.44
CA SER B 433 -6.02 50.20 -12.26
C SER B 433 -5.82 50.51 -10.77
N LEU B 434 -6.64 49.93 -9.91
CA LEU B 434 -6.47 50.16 -8.47
C LEU B 434 -5.12 49.67 -7.99
N GLN B 435 -4.75 48.45 -8.35
CA GLN B 435 -3.46 47.92 -7.94
C GLN B 435 -2.31 48.66 -8.63
N LEU B 436 -2.50 49.04 -9.89
CA LEU B 436 -1.45 49.78 -10.59
C LEU B 436 -1.17 51.11 -9.91
N ASP B 437 -2.23 51.80 -9.46
CA ASP B 437 -2.05 53.04 -8.72
C ASP B 437 -1.48 52.79 -7.33
N ALA B 438 -1.88 51.70 -6.68
CA ALA B 438 -1.34 51.34 -5.37
C ALA B 438 0.13 50.93 -5.44
N ALA B 439 0.64 50.61 -6.62
CA ALA B 439 2.07 50.33 -6.77
C ALA B 439 2.93 51.54 -6.44
N GLY B 440 2.37 52.74 -6.53
CA GLY B 440 3.12 53.94 -6.22
C GLY B 440 2.85 55.06 -7.22
N GLY B 441 2.48 56.23 -6.71
CA GLY B 441 2.18 57.36 -7.55
C GLY B 441 1.48 58.47 -6.79
N PRO B 442 0.96 59.46 -7.53
CA PRO B 442 0.25 60.57 -6.87
C PRO B 442 -0.98 60.12 -6.10
N ASN B 443 -1.67 59.09 -6.56
CA ASN B 443 -2.86 58.56 -5.89
C ASN B 443 -2.58 57.29 -5.12
N ALA B 444 -1.32 57.05 -4.72
CA ALA B 444 -0.97 55.81 -4.05
C ALA B 444 -1.69 55.66 -2.72
N GLN B 445 -1.76 56.74 -1.93
CA GLN B 445 -2.42 56.66 -0.63
C GLN B 445 -3.92 56.43 -0.78
N LYS B 446 -4.57 57.13 -1.72
CA LYS B 446 -5.98 56.91 -1.96
C LYS B 446 -6.24 55.49 -2.47
N ALA B 447 -5.37 54.99 -3.34
CA ALA B 447 -5.50 53.63 -3.82
C ALA B 447 -5.39 52.63 -2.68
N ALA B 448 -4.42 52.84 -1.78
CA ALA B 448 -4.28 51.96 -0.62
C ALA B 448 -5.52 52.00 0.26
N ALA B 449 -6.05 53.21 0.51
CA ALA B 449 -7.24 53.33 1.35
C ALA B 449 -8.42 52.60 0.73
N THR B 450 -8.66 52.80 -0.57
CA THR B 450 -9.81 52.18 -1.20
C THR B 450 -9.64 50.68 -1.33
N ILE B 451 -8.42 50.19 -1.57
CA ILE B 451 -8.20 48.75 -1.66
C ILE B 451 -8.38 48.11 -0.29
N ILE B 452 -7.94 48.79 0.78
CA ILE B 452 -8.16 48.28 2.12
C ILE B 452 -9.64 48.22 2.45
N ARG B 453 -10.37 49.27 2.08
CA ARG B 453 -11.82 49.27 2.30
C ARG B 453 -12.48 48.13 1.52
N GLN B 454 -12.06 47.93 0.27
CA GLN B 454 -12.66 46.87 -0.55
C GLN B 454 -12.40 45.49 0.04
N ILE B 455 -11.16 45.23 0.45
CA ILE B 455 -10.85 43.91 0.99
C ILE B 455 -11.54 43.70 2.33
N ASN B 456 -11.65 44.75 3.15
CA ASN B 456 -12.36 44.62 4.42
C ASN B 456 -13.86 44.42 4.20
N ASN B 457 -14.40 44.93 3.11
CA ASN B 457 -15.82 44.69 2.81
C ASN B 457 -15.99 43.34 2.14
N LEU B 458 -15.40 42.30 2.72
CA LEU B 458 -15.60 40.93 2.27
C LEU B 458 -15.90 39.98 3.42
N GLY B 459 -15.28 40.17 4.58
CA GLY B 459 -15.51 39.32 5.72
C GLY B 459 -15.92 40.07 6.96
N GLY B 460 -15.52 41.34 7.04
CA GLY B 460 -15.86 42.16 8.19
C GLY B 460 -15.15 41.80 9.47
N GLY B 461 -13.99 41.16 9.39
CA GLY B 461 -13.27 40.75 10.58
C GLY B 461 -12.13 41.68 10.96
N GLY B 462 -12.16 42.91 10.45
CA GLY B 462 -11.14 43.88 10.81
C GLY B 462 -9.77 43.61 10.21
N PHE B 463 -9.63 43.84 8.90
CA PHE B 463 -8.34 43.63 8.24
C PHE B 463 -7.23 44.49 8.80
N GLU B 464 -7.57 45.56 9.51
CA GLU B 464 -6.55 46.42 10.10
C GLU B 464 -5.66 45.63 11.07
N ARG B 465 -6.26 44.76 11.87
CA ARG B 465 -5.50 44.00 12.85
C ARG B 465 -4.52 43.05 12.17
N PHE B 466 -4.98 42.29 11.18
CA PHE B 466 -4.11 41.31 10.54
C PHE B 466 -2.99 41.97 9.73
N PHE B 467 -3.29 43.06 9.04
CA PHE B 467 -2.31 43.70 8.18
C PHE B 467 -2.74 45.14 7.90
N ASP B 468 -1.89 46.08 8.27
CA ASP B 468 -2.16 47.49 8.03
C ASP B 468 -1.68 47.87 6.63
N HIS B 469 -1.88 49.13 6.26
CA HIS B 469 -1.43 49.64 4.98
C HIS B 469 -0.35 50.70 5.09
N THR B 470 -0.42 51.56 6.11
CA THR B 470 0.62 52.55 6.30
C THR B 470 1.94 51.94 6.74
N THR B 471 1.93 50.73 7.29
CA THR B 471 3.15 50.12 7.78
C THR B 471 4.10 49.76 6.65
N GLN B 472 3.57 49.17 5.57
CA GLN B 472 4.40 48.69 4.47
C GLN B 472 3.54 48.60 3.22
N PRO B 473 4.15 48.65 2.03
CA PRO B 473 3.36 48.59 0.80
C PRO B 473 2.78 47.21 0.56
N ILE B 474 1.84 47.16 -0.37
CA ILE B 474 1.13 45.92 -0.70
C ILE B 474 1.76 45.21 -1.89
N LEU B 475 2.16 45.95 -2.92
CA LEU B 475 2.76 45.35 -4.10
C LEU B 475 3.72 46.36 -4.72
N GLU B 476 4.83 45.86 -5.25
CA GLU B 476 5.87 46.71 -5.83
C GLU B 476 6.12 46.30 -7.27
N ARG B 477 6.18 47.29 -8.16
CA ARG B 477 6.47 47.04 -9.56
C ARG B 477 7.94 46.67 -9.73
N THR B 478 8.21 45.66 -10.55
CA THR B 478 9.58 45.22 -10.79
C THR B 478 10.24 45.96 -11.94
N GLY B 479 9.53 46.83 -12.64
CA GLY B 479 10.07 47.56 -13.75
C GLY B 479 9.98 46.86 -15.09
N GLN B 480 9.54 45.61 -15.11
CA GLN B 480 9.37 44.91 -16.38
C GLN B 480 8.20 45.50 -17.16
N VAL B 481 8.36 45.55 -18.48
CA VAL B 481 7.35 46.13 -19.37
C VAL B 481 6.86 45.00 -20.27
N ILE B 482 6.80 43.78 -19.71
CA ILE B 482 6.36 42.62 -20.47
C ILE B 482 5.03 42.91 -21.14
N ASP B 483 4.89 42.44 -22.38
CA ASP B 483 3.75 42.77 -23.21
C ASP B 483 3.13 41.52 -23.81
N LEU B 484 1.84 41.63 -24.13
CA LEU B 484 1.05 40.49 -24.61
C LEU B 484 1.05 40.49 -26.13
N GLY B 485 1.43 39.36 -26.71
CA GLY B 485 1.44 39.13 -28.14
C GLY B 485 0.79 37.81 -28.50
N ASN B 486 1.18 37.28 -29.65
CA ASN B 486 0.65 36.02 -30.13
C ASN B 486 1.59 35.46 -31.18
N TRP B 487 1.90 34.16 -31.07
CA TRP B 487 2.82 33.49 -32.00
C TRP B 487 2.24 32.15 -32.40
N PHE B 488 2.41 31.79 -33.67
CA PHE B 488 1.72 30.68 -34.29
C PHE B 488 2.72 29.58 -34.64
N ASP B 489 2.39 28.35 -34.26
CA ASP B 489 3.17 27.18 -34.68
C ASP B 489 2.32 25.94 -34.53
N GLY B 490 2.72 24.89 -35.24
CA GLY B 490 2.03 23.60 -35.12
C GLY B 490 0.57 23.63 -35.49
N ASP B 491 0.14 24.65 -36.24
CA ASP B 491 -1.25 24.89 -36.62
C ASP B 491 -2.10 25.37 -35.45
N GLU B 492 -1.50 26.11 -34.51
CA GLU B 492 -2.28 26.80 -33.49
C GLU B 492 -1.52 28.01 -32.97
N LYS B 493 -2.27 28.91 -32.34
CA LYS B 493 -1.71 30.10 -31.72
C LYS B 493 -1.32 29.82 -30.26
N ARG B 494 -0.44 30.66 -29.74
CA ARG B 494 -0.08 30.60 -28.32
C ARG B 494 0.45 31.96 -27.91
N ASP B 495 0.51 32.17 -26.60
CA ASP B 495 0.83 33.47 -26.02
C ASP B 495 2.35 33.65 -26.00
N ARG B 496 2.78 34.90 -26.16
CA ARG B 496 4.20 35.22 -26.19
C ARG B 496 4.90 35.03 -24.85
N ARG B 497 4.15 34.84 -23.77
CA ARG B 497 4.76 34.60 -22.48
C ARG B 497 5.45 33.23 -22.39
N ASP B 498 5.26 32.38 -23.39
CA ASP B 498 5.83 31.03 -23.35
C ASP B 498 7.35 31.05 -23.28
N LEU B 499 7.98 32.16 -23.67
CA LEU B 499 9.44 32.26 -23.64
C LEU B 499 9.85 32.87 -22.31
N ASP B 500 10.01 32.01 -21.30
CA ASP B 500 10.52 32.44 -20.01
C ASP B 500 12.03 32.22 -19.98
N ASN B 501 12.64 32.35 -18.79
CA ASN B 501 14.08 32.17 -18.67
C ASN B 501 14.48 30.73 -19.00
N LEU B 502 13.72 29.76 -18.51
CA LEU B 502 14.06 28.36 -18.75
C LEU B 502 13.94 28.01 -20.23
N ALA B 503 12.92 28.54 -20.91
CA ALA B 503 12.78 28.30 -22.34
C ALA B 503 13.96 28.88 -23.11
N ALA B 504 14.42 30.08 -22.73
CA ALA B 504 15.57 30.67 -23.38
C ALA B 504 16.83 29.84 -23.13
N LEU B 505 16.98 29.33 -21.90
CA LEU B 505 18.12 28.47 -21.60
C LEU B 505 18.11 27.22 -22.46
N ASN B 506 16.94 26.60 -22.61
CA ASN B 506 16.83 25.41 -23.45
C ASN B 506 17.11 25.73 -24.92
N ALA B 507 16.58 26.84 -25.41
CA ALA B 507 16.71 27.16 -26.82
C ALA B 507 18.15 27.54 -27.18
N ALA B 508 18.81 28.33 -26.33
CA ALA B 508 20.15 28.80 -26.61
C ALA B 508 21.23 27.90 -26.03
N GLU B 509 20.85 26.76 -25.45
CA GLU B 509 21.80 25.77 -24.94
C GLU B 509 22.71 26.35 -23.87
N GLY B 510 23.85 25.70 -23.63
CA GLY B 510 24.77 26.06 -22.58
C GLY B 510 25.67 27.23 -22.87
N ASN B 511 25.52 27.88 -24.02
CA ASN B 511 26.35 29.04 -24.35
C ASN B 511 26.12 30.15 -23.34
N GLU B 512 27.17 30.90 -23.05
CA GLU B 512 27.10 32.04 -22.15
C GLU B 512 27.11 33.34 -22.95
N ASN B 513 26.90 34.45 -22.23
CA ASN B 513 26.81 35.83 -22.69
C ASN B 513 25.60 36.10 -23.58
N GLU B 514 24.75 35.10 -23.83
CA GLU B 514 23.50 35.31 -24.53
C GLU B 514 22.27 35.02 -23.68
N PHE B 515 22.36 34.08 -22.72
CA PHE B 515 21.28 33.92 -21.76
C PHE B 515 21.27 35.07 -20.77
N TRP B 516 22.45 35.45 -20.26
CA TRP B 516 22.53 36.63 -19.42
C TRP B 516 22.19 37.89 -20.21
N GLY B 517 22.52 37.91 -21.50
CA GLY B 517 22.07 39.01 -22.34
C GLY B 517 20.55 39.10 -22.43
N PHE B 518 19.90 37.93 -22.57
CA PHE B 518 18.44 37.91 -22.59
C PHE B 518 17.86 38.37 -21.25
N TYR B 519 18.45 37.90 -20.14
CA TYR B 519 17.96 38.30 -18.83
C TYR B 519 18.13 39.79 -18.60
N GLY B 520 19.26 40.35 -19.04
CA GLY B 520 19.44 41.79 -18.94
C GLY B 520 18.48 42.57 -19.81
N ALA B 521 18.28 42.13 -21.05
CA ALA B 521 17.29 42.76 -21.91
C ALA B 521 15.91 42.69 -21.29
N GLN B 522 15.63 41.65 -20.50
CA GLN B 522 14.38 41.58 -19.77
C GLN B 522 14.29 42.70 -18.74
N LEU B 523 15.39 42.99 -18.05
CA LEU B 523 15.40 44.06 -17.05
C LEU B 523 16.84 44.46 -16.74
N ASN B 524 17.10 45.77 -16.80
CA ASN B 524 18.35 46.38 -16.32
C ASN B 524 18.05 47.79 -15.83
N PRO B 525 18.71 48.24 -14.77
CA PRO B 525 18.49 49.62 -14.30
C PRO B 525 19.28 50.65 -15.10
N ASN B 526 20.47 50.28 -15.55
CA ASN B 526 21.40 51.22 -16.15
C ASN B 526 21.24 51.30 -17.67
N LEU B 527 20.01 51.52 -18.13
CA LEU B 527 19.71 51.72 -19.53
C LEU B 527 18.23 52.09 -19.68
N HIS B 528 17.93 52.86 -20.73
CA HIS B 528 16.55 53.26 -20.98
C HIS B 528 15.72 52.04 -21.38
N PRO B 529 14.50 51.92 -20.86
CA PRO B 529 13.69 50.71 -21.14
C PRO B 529 13.34 50.50 -22.60
N ASP B 530 13.38 51.54 -23.43
CA ASP B 530 13.05 51.37 -24.84
C ASP B 530 14.05 50.45 -25.53
N LEU B 531 15.35 50.62 -25.24
CA LEU B 531 16.36 49.78 -25.87
C LEU B 531 16.22 48.33 -25.43
N ARG B 532 15.93 48.10 -24.14
CA ARG B 532 15.76 46.73 -23.69
C ARG B 532 14.48 46.11 -24.24
N ASN B 533 13.43 46.91 -24.45
CA ASN B 533 12.23 46.39 -25.10
C ASN B 533 12.52 45.99 -26.53
N ARG B 534 13.29 46.81 -27.26
CA ARG B 534 13.67 46.46 -28.62
C ARG B 534 14.52 45.20 -28.64
N GLN B 535 15.45 45.07 -27.69
CA GLN B 535 16.25 43.86 -27.60
C GLN B 535 15.40 42.64 -27.29
N SER B 536 14.41 42.79 -26.41
CA SER B 536 13.52 41.68 -26.11
C SER B 536 12.71 41.27 -27.33
N ARG B 537 12.25 42.24 -28.12
CA ARG B 537 11.53 41.93 -29.35
C ARG B 537 12.44 41.19 -30.33
N ASN B 538 13.70 41.64 -30.45
CA ASN B 538 14.66 40.97 -31.32
C ASN B 538 14.87 39.52 -30.86
N TYR B 539 15.05 39.32 -29.56
CA TYR B 539 15.24 37.97 -29.03
C TYR B 539 14.01 37.10 -29.28
N ASP B 540 12.81 37.67 -29.11
CA ASP B 540 11.60 36.92 -29.37
C ASP B 540 11.52 36.50 -30.83
N ARG B 541 11.89 37.40 -31.74
CA ARG B 541 11.95 37.03 -33.15
C ARG B 541 13.01 35.97 -33.40
N GLN B 542 14.10 35.98 -32.62
CA GLN B 542 15.20 35.04 -32.85
C GLN B 542 14.83 33.63 -32.41
N TYR B 543 14.55 33.45 -31.11
CA TYR B 543 14.39 32.09 -30.59
C TYR B 543 13.16 31.41 -31.16
N LEU B 544 12.01 32.09 -31.18
CA LEU B 544 10.79 31.50 -31.71
C LEU B 544 10.50 32.10 -33.09
N GLY B 545 9.43 31.62 -33.70
CA GLY B 545 9.16 31.98 -35.09
C GLY B 545 8.91 33.46 -35.27
N SER B 546 9.34 33.97 -36.43
CA SER B 546 9.18 35.38 -36.75
C SER B 546 7.74 35.78 -37.00
N THR B 547 6.82 34.82 -37.10
CA THR B 547 5.41 35.08 -37.32
C THR B 547 4.71 35.67 -36.10
N VAL B 548 5.45 36.00 -35.04
CA VAL B 548 4.83 36.54 -33.82
C VAL B 548 4.24 37.90 -34.11
N THR B 549 3.09 38.19 -33.49
CA THR B 549 2.44 39.49 -33.58
C THR B 549 2.20 40.01 -32.16
N TYR B 550 2.19 41.33 -32.04
CA TYR B 550 2.09 41.99 -30.74
C TYR B 550 0.74 42.69 -30.62
N THR B 551 0.10 42.53 -29.46
CA THR B 551 -1.25 43.04 -29.25
C THR B 551 -1.30 44.19 -28.26
N GLY B 552 -0.78 44.02 -27.05
CA GLY B 552 -0.88 45.05 -26.04
C GLY B 552 0.30 45.02 -25.10
N LYS B 553 0.30 45.93 -24.14
CA LYS B 553 1.37 46.04 -23.16
C LYS B 553 0.81 45.90 -21.75
N ALA B 554 1.51 45.13 -20.92
CA ALA B 554 1.16 44.91 -19.52
C ALA B 554 2.31 45.38 -18.63
N GLU B 555 2.14 45.19 -17.32
CA GLU B 555 3.16 45.58 -16.35
C GLU B 555 3.23 44.52 -15.26
N ARG B 556 4.42 43.96 -15.04
CA ARG B 556 4.59 42.94 -14.01
C ARG B 556 4.83 43.60 -12.65
N CYS B 557 4.31 42.98 -11.60
CA CYS B 557 4.50 43.45 -10.24
C CYS B 557 4.66 42.25 -9.32
N THR B 558 5.19 42.50 -8.13
CA THR B 558 5.40 41.46 -7.14
C THR B 558 4.62 41.80 -5.88
N TYR B 559 3.83 40.84 -5.39
CA TYR B 559 3.08 41.05 -4.17
C TYR B 559 3.99 40.99 -2.96
N ASN B 560 3.55 41.63 -1.87
CA ASN B 560 4.27 41.52 -0.62
C ASN B 560 4.21 40.09 -0.10
N ALA B 561 5.34 39.64 0.46
CA ALA B 561 5.44 38.23 0.86
C ALA B 561 4.44 37.86 1.94
N LYS B 562 4.26 38.73 2.94
CA LYS B 562 3.36 38.43 4.04
C LYS B 562 1.96 38.98 3.86
N PHE B 563 1.73 39.84 2.86
CA PHE B 563 0.37 40.31 2.60
C PHE B 563 -0.53 39.16 2.18
N ILE B 564 -0.04 38.27 1.32
CA ILE B 564 -0.83 37.13 0.89
C ILE B 564 -1.09 36.19 2.08
N GLU B 565 -0.09 36.01 2.94
CA GLU B 565 -0.30 35.19 4.13
C GLU B 565 -1.36 35.79 5.05
N ALA B 566 -1.33 37.12 5.22
CA ALA B 566 -2.35 37.77 6.03
C ALA B 566 -3.72 37.62 5.41
N LEU B 567 -3.82 37.74 4.08
CA LEU B 567 -5.09 37.55 3.40
C LEU B 567 -5.62 36.14 3.61
N ASP B 568 -4.74 35.13 3.49
CA ASP B 568 -5.17 33.75 3.70
C ASP B 568 -5.60 33.52 5.14
N ARG B 569 -4.89 34.11 6.10
CA ARG B 569 -5.28 33.98 7.50
C ARG B 569 -6.64 34.62 7.75
N TYR B 570 -6.88 35.78 7.15
CA TYR B 570 -8.21 36.40 7.21
C TYR B 570 -9.28 35.47 6.67
N LEU B 571 -9.05 34.91 5.48
CA LEU B 571 -10.06 34.06 4.87
C LEU B 571 -10.29 32.81 5.71
N ALA B 572 -9.23 32.29 6.35
CA ALA B 572 -9.37 31.12 7.20
C ALA B 572 -10.18 31.45 8.46
N GLU B 573 -9.88 32.56 9.12
CA GLU B 573 -10.56 32.89 10.36
C GLU B 573 -12.01 33.29 10.11
N ALA B 574 -12.30 33.91 8.96
CA ALA B 574 -13.69 34.21 8.62
C ALA B 574 -14.49 32.92 8.42
N GLY B 575 -13.85 31.87 7.92
CA GLY B 575 -14.47 30.58 7.79
C GLY B 575 -14.71 30.13 6.36
N LEU B 576 -13.79 29.35 5.82
CA LEU B 576 -13.91 28.76 4.48
C LEU B 576 -13.29 27.36 4.54
N GLN B 577 -14.14 26.35 4.69
CA GLN B 577 -13.68 24.96 4.74
C GLN B 577 -13.26 24.53 3.34
N ILE B 578 -11.96 24.58 3.07
CA ILE B 578 -11.39 24.26 1.76
C ILE B 578 -10.58 22.97 1.91
N THR B 579 -10.84 22.01 1.04
CA THR B 579 -10.24 20.69 1.11
C THR B 579 -9.30 20.46 -0.06
N MET B 580 -8.14 19.88 0.22
CA MET B 580 -7.14 19.53 -0.79
C MET B 580 -7.01 18.01 -0.86
N ASP B 581 -6.12 17.56 -1.74
CA ASP B 581 -5.88 16.14 -1.95
C ASP B 581 -4.62 15.99 -2.80
N ASN B 582 -4.31 14.74 -3.17
CA ASN B 582 -3.21 14.41 -4.05
C ASN B 582 -1.87 14.86 -3.47
N THR B 583 -1.24 15.86 -4.12
CA THR B 583 0.07 16.41 -3.77
C THR B 583 1.17 15.37 -3.96
N SER B 584 2.40 15.85 -4.16
CA SER B 584 3.55 14.97 -4.37
C SER B 584 3.86 14.16 -3.11
N GLY B 589 12.24 6.16 -6.00
CA GLY B 589 10.92 6.76 -5.84
C GLY B 589 10.68 7.31 -4.46
N GLN B 590 10.27 6.44 -3.54
CA GLN B 590 10.01 6.82 -2.16
C GLN B 590 11.04 6.25 -1.19
N ARG B 591 12.23 5.90 -1.68
CA ARG B 591 13.30 5.49 -0.79
C ARG B 591 13.78 6.68 0.04
N PHE B 592 14.25 6.38 1.25
CA PHE B 592 14.57 7.43 2.21
C PHE B 592 15.81 8.22 1.76
N MET B 593 15.73 9.54 1.85
CA MET B 593 16.82 10.44 1.51
C MET B 593 17.04 11.42 2.66
N GLY B 594 17.86 11.02 3.63
CA GLY B 594 18.29 11.91 4.69
C GLY B 594 17.22 12.32 5.68
N ASN B 595 17.66 12.81 6.85
CA ASN B 595 16.71 13.16 7.90
C ASN B 595 15.95 14.44 7.59
N SER B 596 16.64 15.44 7.05
CA SER B 596 16.14 16.78 6.73
C SER B 596 15.80 17.60 7.97
N VAL B 597 16.02 17.07 9.17
CA VAL B 597 15.75 17.81 10.40
C VAL B 597 16.94 17.84 11.34
N ILE B 598 17.93 16.95 11.20
CA ILE B 598 19.04 16.90 12.13
C ILE B 598 19.91 18.16 12.05
N GLY B 599 19.88 18.87 10.93
CA GLY B 599 20.68 20.06 10.77
C GLY B 599 20.25 21.25 11.60
N ASN B 600 19.11 21.16 12.29
CA ASN B 600 18.63 22.28 13.08
C ASN B 600 19.54 22.57 14.26
N ASN B 601 20.04 21.53 14.93
CA ASN B 601 20.82 21.67 16.15
C ASN B 601 22.27 21.33 15.83
N MET B 602 23.12 22.36 15.71
CA MET B 602 24.55 22.18 15.49
C MET B 602 25.39 22.46 16.73
N VAL B 603 24.80 23.07 17.77
CA VAL B 603 25.47 23.49 18.99
C VAL B 603 26.90 23.97 18.69
N SER B 604 27.00 24.95 17.79
CA SER B 604 28.30 25.47 17.39
C SER B 604 28.99 26.17 18.55
N GLY B 605 30.30 25.96 18.67
CA GLY B 605 31.08 26.60 19.71
C GLY B 605 31.20 25.76 20.96
N GLN B 606 32.44 25.40 21.32
CA GLN B 606 32.68 24.62 22.51
C GLN B 606 32.62 25.50 23.75
N ALA B 607 32.73 24.89 24.92
CA ALA B 607 32.63 25.63 26.18
C ALA B 607 33.82 26.53 26.41
N GLN B 608 34.99 26.18 25.86
CA GLN B 608 36.21 26.97 26.00
C GLN B 608 36.55 27.21 27.48
N VAL B 609 36.45 26.14 28.27
CA VAL B 609 36.73 26.25 29.69
C VAL B 609 38.21 26.47 29.91
N HIS B 610 38.55 27.44 30.75
CA HIS B 610 39.95 27.74 31.08
C HIS B 610 40.54 26.62 31.93
N GLY C 49 -16.20 -21.99 32.12
CA GLY C 49 -15.35 -22.61 31.13
C GLY C 49 -15.74 -24.04 30.82
N ILE C 50 -14.82 -24.79 30.24
CA ILE C 50 -15.07 -26.19 29.90
C ILE C 50 -14.26 -27.16 30.75
N ASN C 51 -13.22 -26.70 31.46
CA ASN C 51 -12.52 -27.57 32.39
C ASN C 51 -13.43 -27.98 33.54
N SER C 52 -14.23 -27.05 34.05
CA SER C 52 -15.19 -27.34 35.10
C SER C 52 -16.46 -28.01 34.57
N GLN C 53 -16.62 -28.09 33.25
CA GLN C 53 -17.78 -28.77 32.70
C GLN C 53 -17.77 -30.26 33.04
N PHE C 54 -16.59 -30.87 33.00
CA PHE C 54 -16.46 -32.30 33.25
C PHE C 54 -16.05 -32.64 34.68
N THR C 55 -15.45 -31.70 35.39
CA THR C 55 -15.02 -31.88 36.79
C THR C 55 -14.14 -33.12 36.95
N ARG C 56 -13.02 -33.11 36.23
CA ARG C 56 -12.06 -34.20 36.32
C ARG C 56 -11.29 -34.13 37.64
N SER C 57 -10.84 -35.30 38.10
CA SER C 57 -10.15 -35.41 39.39
C SER C 57 -8.63 -35.24 39.19
N GLY C 58 -8.26 -34.11 38.60
CA GLY C 58 -6.86 -33.82 38.37
C GLY C 58 -6.57 -32.35 38.12
N ASN C 59 -5.48 -31.85 38.69
CA ASN C 59 -5.05 -30.47 38.49
C ASN C 59 -3.60 -30.48 38.01
N VAL C 60 -3.38 -29.94 36.81
CA VAL C 60 -2.06 -29.92 36.18
C VAL C 60 -1.53 -28.50 36.21
N GLN C 61 -0.20 -28.36 36.33
CA GLN C 61 0.59 -27.13 36.25
C GLN C 61 0.15 -26.09 37.27
N GLY C 62 0.96 -25.04 37.43
CA GLY C 62 0.66 -23.99 38.39
C GLY C 62 0.55 -22.61 37.77
N GLY C 63 1.25 -22.40 36.65
CA GLY C 63 1.22 -21.12 35.99
C GLY C 63 2.17 -20.07 36.53
N ASP C 64 3.07 -20.45 37.44
CA ASP C 64 4.00 -19.49 38.03
C ASP C 64 5.21 -20.25 38.55
N ALA C 65 6.38 -19.98 38.00
CA ALA C 65 7.61 -20.66 38.40
C ALA C 65 8.66 -19.71 38.96
N ARG C 66 8.98 -18.64 38.24
CA ARG C 66 10.10 -17.80 38.63
C ARG C 66 9.78 -16.93 39.85
N ALA C 67 8.50 -16.62 40.07
CA ALA C 67 8.14 -15.73 41.17
C ALA C 67 8.47 -16.34 42.52
N SER C 68 8.21 -17.63 42.70
CA SER C 68 8.51 -18.28 43.98
C SER C 68 10.01 -18.29 44.25
N GLU C 69 10.81 -18.63 43.25
CA GLU C 69 12.26 -18.62 43.42
C GLU C 69 12.76 -17.22 43.75
N ALA C 70 12.23 -16.22 43.04
CA ALA C 70 12.65 -14.84 43.28
C ALA C 70 12.27 -14.41 44.69
N LEU C 71 11.07 -14.73 45.15
CA LEU C 71 10.67 -14.37 46.50
C LEU C 71 11.57 -15.02 47.54
N THR C 72 11.88 -16.31 47.35
CA THR C 72 12.74 -17.01 48.29
C THR C 72 14.13 -16.38 48.34
N VAL C 73 14.74 -16.15 47.18
CA VAL C 73 16.10 -15.61 47.17
C VAL C 73 16.11 -14.18 47.69
N PHE C 74 15.08 -13.39 47.42
CA PHE C 74 15.03 -12.03 47.92
C PHE C 74 14.86 -12.01 49.43
N THR C 75 14.03 -12.91 49.98
CA THR C 75 13.91 -13.01 51.43
C THR C 75 15.23 -13.41 52.05
N ARG C 76 15.93 -14.37 51.44
CA ARG C 76 17.22 -14.81 51.97
C ARG C 76 18.22 -13.66 51.96
N LEU C 77 18.28 -12.91 50.85
CA LEU C 77 19.22 -11.80 50.77
C LEU C 77 18.88 -10.70 51.76
N LYS C 78 17.59 -10.40 51.92
CA LYS C 78 17.18 -9.37 52.87
C LYS C 78 17.54 -9.77 54.30
N GLU C 79 17.29 -11.03 54.67
CA GLU C 79 17.62 -11.49 56.01
C GLU C 79 19.13 -11.46 56.24
N GLN C 80 19.91 -11.90 55.24
CA GLN C 80 21.36 -11.87 55.37
C GLN C 80 21.88 -10.45 55.52
N ALA C 81 21.34 -9.51 54.74
CA ALA C 81 21.79 -8.13 54.81
C ALA C 81 21.43 -7.49 56.14
N VAL C 82 20.20 -7.71 56.62
CA VAL C 82 19.78 -7.10 57.87
C VAL C 82 20.45 -7.76 59.07
N ALA C 83 20.91 -9.01 58.91
CA ALA C 83 21.56 -9.69 60.04
C ALA C 83 22.84 -8.99 60.44
N GLN C 84 23.66 -8.57 59.47
CA GLN C 84 24.93 -7.92 59.75
C GLN C 84 24.85 -6.40 59.65
N GLN C 85 23.64 -5.83 59.81
CA GLN C 85 23.43 -4.39 59.82
C GLN C 85 23.90 -3.75 58.52
N ASP C 86 23.24 -4.12 57.43
CA ASP C 86 23.41 -3.43 56.15
C ASP C 86 22.23 -2.55 55.78
N LEU C 87 21.01 -3.03 55.96
CA LEU C 87 19.80 -2.28 55.63
C LEU C 87 18.87 -2.29 56.83
N ALA C 88 18.21 -1.15 57.07
CA ALA C 88 17.19 -1.10 58.10
C ALA C 88 16.01 -1.97 57.71
N ASP C 89 15.48 -2.71 58.67
CA ASP C 89 14.40 -3.65 58.42
C ASP C 89 13.03 -2.98 58.33
N ASP C 90 13.00 -1.64 58.26
CA ASP C 90 11.73 -0.94 58.17
C ASP C 90 11.00 -1.26 56.85
N PHE C 91 11.74 -1.39 55.76
CA PHE C 91 11.13 -1.70 54.48
C PHE C 91 10.69 -3.15 54.42
N SER C 92 9.77 -3.44 53.50
CA SER C 92 9.25 -4.78 53.30
C SER C 92 9.19 -5.10 51.82
N ILE C 93 9.35 -6.39 51.50
CA ILE C 93 9.27 -6.89 50.13
C ILE C 93 8.01 -7.75 50.01
N LEU C 94 7.29 -7.56 48.92
CA LEU C 94 6.01 -8.23 48.71
C LEU C 94 6.08 -9.11 47.46
N ARG C 95 4.96 -9.77 47.18
CA ARG C 95 4.82 -10.65 46.03
C ARG C 95 3.50 -10.32 45.33
N PHE C 96 3.52 -10.37 43.99
CA PHE C 96 2.35 -10.05 43.17
C PHE C 96 2.24 -11.11 42.08
N ASP C 97 1.43 -12.13 42.34
CA ASP C 97 1.21 -13.18 41.36
C ASP C 97 0.45 -12.64 40.15
N ARG C 98 0.86 -13.10 38.96
CA ARG C 98 0.23 -12.60 37.73
C ARG C 98 -1.20 -13.12 37.58
N ASP C 99 -1.48 -14.34 38.05
CA ASP C 99 -2.80 -14.93 37.84
C ASP C 99 -3.85 -14.32 38.77
N GLN C 100 -3.46 -13.95 39.99
CA GLN C 100 -4.42 -13.55 41.00
C GLN C 100 -5.02 -12.17 40.77
N HIS C 101 -4.50 -11.39 39.81
CA HIS C 101 -5.00 -10.05 39.59
C HIS C 101 -5.20 -9.72 38.11
N GLN C 102 -5.14 -10.72 37.22
CA GLN C 102 -5.37 -10.55 35.80
C GLN C 102 -4.43 -9.49 35.20
N VAL C 103 -3.13 -9.78 35.30
CA VAL C 103 -2.09 -8.89 34.81
C VAL C 103 -1.13 -9.66 33.94
N GLY C 104 -0.46 -8.94 33.04
CA GLY C 104 0.44 -9.55 32.08
C GLY C 104 1.65 -10.19 32.70
N TRP C 105 2.52 -9.38 33.30
CA TRP C 105 3.77 -9.85 33.89
C TRP C 105 3.71 -9.68 35.40
N SER C 106 4.07 -10.74 36.12
CA SER C 106 4.13 -10.67 37.57
C SER C 106 5.35 -9.86 38.00
N SER C 107 5.13 -8.85 38.83
CA SER C 107 6.20 -7.97 39.29
C SER C 107 6.13 -7.84 40.80
N LEU C 108 7.26 -8.01 41.46
CA LEU C 108 7.32 -7.87 42.92
C LEU C 108 7.72 -6.45 43.28
N VAL C 109 7.15 -5.95 44.37
CA VAL C 109 7.30 -4.54 44.74
C VAL C 109 8.15 -4.43 46.00
N ILE C 110 8.83 -3.30 46.13
CA ILE C 110 9.59 -2.95 47.32
C ILE C 110 8.95 -1.71 47.93
N ALA C 111 8.58 -1.80 49.20
CA ALA C 111 7.86 -0.73 49.88
C ALA C 111 8.59 -0.32 51.15
N LYS C 112 8.52 0.97 51.46
CA LYS C 112 9.17 1.54 52.64
C LYS C 112 8.22 1.69 53.82
N GLN C 113 6.99 2.14 53.58
CA GLN C 113 5.94 2.27 54.61
C GLN C 113 6.40 3.19 55.74
N ILE C 114 6.59 4.46 55.38
CA ILE C 114 6.87 5.53 56.32
C ILE C 114 5.88 6.66 56.06
N SER C 115 5.17 7.09 57.10
CA SER C 115 4.20 8.15 56.97
C SER C 115 4.89 9.52 56.94
N LEU C 116 4.10 10.58 56.80
CA LEU C 116 4.65 11.92 56.68
C LEU C 116 3.58 12.93 57.04
N ASN C 117 3.95 13.91 57.86
CA ASN C 117 3.10 15.04 58.24
C ASN C 117 1.78 14.60 58.88
N GLY C 118 1.73 13.38 59.42
CA GLY C 118 0.54 12.86 60.04
C GLY C 118 -0.41 12.14 59.11
N GLN C 119 -0.16 12.16 57.81
CA GLN C 119 -0.98 11.42 56.86
C GLN C 119 -0.18 10.28 56.25
N PRO C 120 -0.82 9.17 55.92
CA PRO C 120 -0.07 8.02 55.38
C PRO C 120 0.36 8.26 53.95
N VAL C 121 1.61 7.90 53.66
CA VAL C 121 2.15 7.93 52.31
C VAL C 121 2.99 6.68 52.10
N ILE C 122 2.88 6.07 50.92
CA ILE C 122 3.60 4.85 50.60
C ILE C 122 4.43 5.08 49.35
N ALA C 123 5.69 4.64 49.39
CA ALA C 123 6.58 4.68 48.23
C ALA C 123 6.91 3.25 47.83
N VAL C 124 6.68 2.93 46.56
CA VAL C 124 6.86 1.58 46.05
C VAL C 124 7.74 1.63 44.81
N ARG C 125 8.60 0.63 44.68
CA ARG C 125 9.44 0.44 43.50
C ARG C 125 9.15 -0.91 42.91
N PRO C 126 8.66 -1.00 41.68
CA PRO C 126 8.37 -2.30 41.07
C PRO C 126 9.64 -3.01 40.64
N LEU C 127 9.47 -4.30 40.35
CA LEU C 127 10.57 -5.12 39.81
C LEU C 127 9.90 -6.23 39.01
N ILE C 128 9.93 -6.10 37.69
CA ILE C 128 9.22 -7.00 36.79
C ILE C 128 10.06 -8.25 36.56
N LEU C 129 9.38 -9.39 36.41
CA LEU C 129 10.04 -10.69 36.22
C LEU C 129 9.46 -11.37 34.99
N PRO C 130 9.92 -10.99 33.80
CA PRO C 130 9.50 -11.70 32.59
C PRO C 130 9.93 -13.15 32.63
N ASN C 131 9.08 -14.02 32.09
CA ASN C 131 9.33 -15.45 32.09
C ASN C 131 9.24 -15.97 30.67
N ASN C 132 10.24 -16.78 30.26
CA ASN C 132 10.24 -17.33 28.91
C ASN C 132 9.21 -18.43 28.75
N SER C 133 8.86 -19.12 29.84
CA SER C 133 7.89 -20.20 29.75
C SER C 133 6.53 -19.69 29.32
N ILE C 134 6.09 -18.56 29.86
CA ILE C 134 4.80 -17.98 29.54
C ILE C 134 4.99 -16.94 28.44
N GLU C 135 4.30 -17.12 27.32
CA GLU C 135 4.37 -16.20 26.20
C GLU C 135 3.01 -15.52 26.05
N LEU C 136 2.95 -14.24 26.40
CA LEU C 136 1.71 -13.49 26.29
C LEU C 136 1.38 -13.26 24.81
N PRO C 137 0.09 -13.07 24.49
CA PRO C 137 -0.29 -12.91 23.08
C PRO C 137 0.36 -11.68 22.45
N LYS C 138 0.69 -11.82 21.17
CA LYS C 138 1.36 -10.78 20.43
C LYS C 138 0.39 -9.65 20.07
N ARG C 139 0.91 -8.62 19.40
CA ARG C 139 0.11 -7.49 18.97
C ARG C 139 0.03 -7.49 17.44
N LYS C 140 -1.19 -7.43 16.91
CA LYS C 140 -1.44 -7.52 15.48
C LYS C 140 -1.77 -6.16 14.92
N THR C 141 -1.13 -5.80 13.80
CA THR C 141 -1.43 -4.58 13.08
C THR C 141 -1.67 -4.92 11.61
N ASN C 142 -2.38 -4.04 10.91
CA ASN C 142 -2.73 -4.25 9.52
C ASN C 142 -2.08 -3.20 8.64
N ILE C 143 -1.44 -3.63 7.56
CA ILE C 143 -0.81 -2.76 6.59
C ILE C 143 -1.39 -3.07 5.22
N VAL C 144 -1.81 -2.04 4.50
CA VAL C 144 -2.45 -2.18 3.19
C VAL C 144 -1.40 -1.91 2.13
N ASN C 145 -1.21 -2.87 1.23
CA ASN C 145 -0.30 -2.72 0.10
C ASN C 145 -1.07 -2.98 -1.18
N GLY C 146 -1.05 -2.02 -2.10
CA GLY C 146 -1.84 -2.15 -3.31
C GLY C 146 -3.30 -2.32 -2.97
N MET C 147 -3.90 -3.41 -3.47
CA MET C 147 -5.25 -3.78 -3.10
C MET C 147 -5.27 -4.72 -1.90
N GLN C 148 -4.20 -5.49 -1.70
CA GLN C 148 -4.21 -6.51 -0.66
C GLN C 148 -3.86 -5.91 0.70
N THR C 149 -4.12 -6.68 1.75
CA THR C 149 -3.79 -6.31 3.11
C THR C 149 -2.99 -7.43 3.75
N ASP C 150 -2.13 -7.05 4.71
CA ASP C 150 -1.32 -8.00 5.43
C ASP C 150 -1.37 -7.66 6.91
N VAL C 151 -1.14 -8.68 7.74
CA VAL C 151 -1.12 -8.52 9.19
C VAL C 151 0.28 -8.80 9.70
N ILE C 152 0.82 -7.87 10.49
CA ILE C 152 2.12 -8.00 11.11
C ILE C 152 1.92 -8.22 12.60
N GLU C 153 2.51 -9.31 13.11
CA GLU C 153 2.45 -9.63 14.52
C GLU C 153 3.79 -9.27 15.16
N SER C 154 3.74 -8.41 16.17
CA SER C 154 4.93 -7.96 16.86
C SER C 154 4.87 -8.36 18.33
N ASP C 155 6.04 -8.65 18.89
CA ASP C 155 6.12 -9.07 20.28
C ASP C 155 5.84 -7.89 21.21
N ILE C 156 5.46 -8.21 22.44
CA ILE C 156 5.16 -7.21 23.46
C ILE C 156 6.38 -7.06 24.36
N ASP C 157 6.87 -5.82 24.48
CA ASP C 157 8.05 -5.55 25.28
C ASP C 157 7.67 -5.45 26.74
N VAL C 158 8.62 -5.02 27.57
CA VAL C 158 8.32 -4.78 28.98
C VAL C 158 7.75 -3.38 29.20
N GLY C 159 8.09 -2.43 28.32
CA GLY C 159 7.57 -1.07 28.47
C GLY C 159 6.07 -0.98 28.30
N THR C 160 5.52 -1.71 27.32
CA THR C 160 4.09 -1.64 27.05
C THR C 160 3.28 -2.35 28.13
N VAL C 161 3.87 -3.30 28.86
CA VAL C 161 3.12 -4.02 29.88
C VAL C 161 2.79 -3.09 31.06
N PHE C 162 3.74 -2.22 31.44
CA PHE C 162 3.58 -1.35 32.60
C PHE C 162 2.63 -0.20 32.25
N SER C 163 1.36 -0.57 32.06
CA SER C 163 0.32 0.41 31.78
C SER C 163 -0.18 1.05 33.07
N ALA C 164 -0.99 2.10 32.92
CA ALA C 164 -1.56 2.77 34.07
C ALA C 164 -2.46 1.83 34.88
N GLN C 165 -3.16 0.93 34.20
CA GLN C 165 -3.99 -0.05 34.91
C GLN C 165 -3.13 -0.94 35.80
N TYR C 166 -1.95 -1.33 35.30
CA TYR C 166 -1.03 -2.12 36.12
C TYR C 166 -0.61 -1.35 37.36
N PHE C 167 -0.30 -0.06 37.22
CA PHE C 167 0.08 0.76 38.36
C PHE C 167 -1.06 0.87 39.37
N ASN C 168 -2.28 1.07 38.88
CA ASN C 168 -3.43 1.17 39.78
C ASN C 168 -3.66 -0.14 40.52
N ARG C 169 -3.54 -1.27 39.82
CA ARG C 169 -3.73 -2.57 40.46
C ARG C 169 -2.67 -2.81 41.53
N LEU C 170 -1.41 -2.47 41.23
CA LEU C 170 -0.37 -2.62 42.24
C LEU C 170 -0.59 -1.69 43.42
N SER C 171 -1.05 -0.46 43.16
CA SER C 171 -1.32 0.47 44.24
C SER C 171 -2.42 -0.05 45.16
N THR C 172 -3.50 -0.56 44.58
CA THR C 172 -4.58 -1.07 45.42
C THR C 172 -4.16 -2.36 46.14
N TYR C 173 -3.32 -3.18 45.51
CA TYR C 173 -2.82 -4.38 46.19
C TYR C 173 -1.96 -4.03 47.38
N VAL C 174 -1.05 -3.06 47.22
CA VAL C 174 -0.19 -2.68 48.33
C VAL C 174 -0.99 -1.96 49.41
N GLN C 175 -2.02 -1.19 49.02
CA GLN C 175 -2.88 -0.55 50.01
C GLN C 175 -3.63 -1.59 50.84
N ASN C 176 -4.16 -2.63 50.18
CA ASN C 176 -4.87 -3.66 50.92
C ASN C 176 -3.93 -4.49 51.79
N THR C 177 -2.72 -4.77 51.30
CA THR C 177 -1.79 -5.60 52.05
C THR C 177 -1.24 -4.85 53.26
N LEU C 178 -0.94 -3.57 53.11
CA LEU C 178 -0.34 -2.78 54.18
C LEU C 178 -1.39 -2.13 55.08
N GLY C 179 -2.67 -2.25 54.76
CA GLY C 179 -3.72 -1.79 55.65
C GLY C 179 -3.87 -0.29 55.76
N LYS C 180 -3.42 0.47 54.77
CA LYS C 180 -3.55 1.92 54.75
C LYS C 180 -4.19 2.34 53.45
N PRO C 181 -5.52 2.21 53.33
CA PRO C 181 -6.19 2.58 52.08
C PRO C 181 -6.03 4.05 51.71
N GLY C 182 -5.92 4.93 52.70
CA GLY C 182 -5.78 6.35 52.44
C GLY C 182 -4.39 6.83 52.13
N ALA C 183 -3.41 5.92 52.06
CA ALA C 183 -2.03 6.32 51.80
C ALA C 183 -1.86 6.79 50.37
N LYS C 184 -0.85 7.63 50.16
CA LYS C 184 -0.50 8.14 48.83
C LYS C 184 0.63 7.30 48.27
N VAL C 185 0.47 6.86 47.02
CA VAL C 185 1.40 5.94 46.37
C VAL C 185 2.26 6.72 45.38
N VAL C 186 3.58 6.48 45.43
CA VAL C 186 4.52 7.04 44.48
C VAL C 186 5.46 5.93 44.03
N LEU C 187 6.07 6.13 42.86
CA LEU C 187 6.97 5.15 42.27
C LEU C 187 8.38 5.73 42.15
N ALA C 188 9.37 4.86 42.32
CA ALA C 188 10.77 5.24 42.22
C ALA C 188 11.41 4.81 40.91
N GLY C 189 10.63 4.27 39.98
CA GLY C 189 11.14 3.85 38.70
C GLY C 189 11.24 2.34 38.57
N PRO C 190 10.26 1.74 37.89
CA PRO C 190 10.30 0.29 37.68
C PRO C 190 11.49 -0.13 36.84
N PHE C 191 11.98 -1.34 37.11
CA PHE C 191 13.17 -1.86 36.46
C PHE C 191 13.03 -3.35 36.22
N PRO C 192 13.10 -3.81 34.98
CA PRO C 192 12.89 -5.25 34.71
C PRO C 192 14.10 -6.07 35.14
N ILE C 193 13.85 -7.36 35.34
CA ILE C 193 14.90 -8.34 35.59
C ILE C 193 15.10 -9.12 34.30
N PRO C 194 16.29 -9.10 33.71
CA PRO C 194 16.49 -9.81 32.43
C PRO C 194 16.24 -11.30 32.59
N ALA C 195 15.67 -11.90 31.53
CA ALA C 195 15.29 -13.30 31.58
C ALA C 195 16.50 -14.24 31.49
N ASP C 196 17.61 -13.78 30.91
CA ASP C 196 18.79 -14.63 30.80
C ASP C 196 19.44 -14.92 32.15
N LEU C 197 19.17 -14.09 33.16
CA LEU C 197 19.76 -14.29 34.48
C LEU C 197 19.24 -15.58 35.11
N VAL C 198 20.14 -16.28 35.80
CA VAL C 198 19.79 -17.47 36.57
C VAL C 198 19.71 -17.08 38.04
N LEU C 199 18.62 -17.48 38.70
CA LEU C 199 18.36 -17.01 40.05
C LEU C 199 19.35 -17.59 41.05
N LYS C 200 19.74 -18.86 40.88
CA LYS C 200 20.57 -19.54 41.87
C LYS C 200 22.02 -19.10 41.85
N ASP C 201 22.45 -18.32 40.86
CA ASP C 201 23.86 -17.96 40.70
C ASP C 201 24.02 -16.48 40.46
N SER C 202 23.25 -15.65 41.16
CA SER C 202 23.26 -14.20 40.96
C SER C 202 23.22 -13.48 42.31
N GLU C 203 24.06 -13.93 43.24
CA GLU C 203 24.03 -13.39 44.60
C GLU C 203 24.37 -11.90 44.62
N LEU C 204 25.59 -11.56 44.18
CA LEU C 204 26.10 -10.20 44.37
C LEU C 204 25.26 -9.16 43.64
N GLN C 205 24.95 -9.41 42.37
CA GLN C 205 24.19 -8.44 41.60
C GLN C 205 22.78 -8.28 42.13
N LEU C 206 22.13 -9.36 42.55
CA LEU C 206 20.79 -9.24 43.14
C LEU C 206 20.83 -8.46 44.44
N ARG C 207 21.83 -8.70 45.28
CA ARG C 207 21.96 -7.92 46.51
C ARG C 207 22.16 -6.44 46.21
N ASN C 208 23.03 -6.14 45.25
CA ASN C 208 23.26 -4.75 44.88
C ASN C 208 21.99 -4.10 44.32
N LEU C 209 21.23 -4.86 43.53
CA LEU C 209 19.98 -4.34 42.99
C LEU C 209 18.99 -4.04 44.11
N LEU C 210 18.89 -4.92 45.11
CA LEU C 210 18.00 -4.66 46.24
C LEU C 210 18.45 -3.40 47.00
N ILE C 211 19.75 -3.25 47.22
CA ILE C 211 20.25 -2.09 47.94
C ILE C 211 19.95 -0.81 47.16
N LYS C 212 20.18 -0.83 45.84
CA LYS C 212 19.88 0.35 45.03
C LYS C 212 18.39 0.64 45.01
N SER C 213 17.55 -0.39 45.00
CA SER C 213 16.11 -0.19 44.99
C SER C 213 15.64 0.48 46.29
N VAL C 214 16.12 -0.02 47.44
CA VAL C 214 15.71 0.60 48.69
C VAL C 214 16.27 2.01 48.80
N ASN C 215 17.48 2.25 48.27
CA ASN C 215 18.02 3.59 48.28
C ASN C 215 17.16 4.54 47.43
N ALA C 216 16.73 4.08 46.26
CA ALA C 216 15.88 4.91 45.41
C ALA C 216 14.53 5.18 46.08
N CYS C 217 13.96 4.18 46.75
CA CYS C 217 12.72 4.39 47.48
C CYS C 217 12.89 5.43 48.58
N ASP C 218 13.98 5.32 49.34
CA ASP C 218 14.25 6.32 50.38
C ASP C 218 14.44 7.70 49.77
N ASP C 219 15.13 7.77 48.63
CA ASP C 219 15.38 9.07 47.99
C ASP C 219 14.09 9.72 47.51
N ILE C 220 13.19 8.94 46.88
CA ILE C 220 11.94 9.54 46.42
C ILE C 220 11.06 9.93 47.60
N LEU C 221 11.05 9.13 48.67
CA LEU C 221 10.30 9.50 49.85
C LEU C 221 10.83 10.79 50.46
N ALA C 222 12.16 10.93 50.54
CA ALA C 222 12.74 12.15 51.05
C ALA C 222 12.44 13.34 50.16
N LEU C 223 12.50 13.15 48.84
CA LEU C 223 12.21 14.24 47.91
C LEU C 223 10.77 14.71 48.09
N HIS C 224 9.83 13.79 48.28
CA HIS C 224 8.48 14.19 48.64
C HIS C 224 8.46 14.88 50.00
N SER C 225 9.36 14.50 50.90
CA SER C 225 9.47 15.18 52.19
C SER C 225 10.07 16.58 52.07
N GLY C 226 10.79 16.86 50.99
CA GLY C 226 11.32 18.19 50.76
C GLY C 226 12.55 18.54 51.56
N GLU C 227 13.67 17.86 51.27
CA GLU C 227 14.93 18.14 51.96
C GLU C 227 15.55 19.39 51.35
N ARG C 228 16.82 19.65 51.68
CA ARG C 228 17.53 20.78 51.12
C ARG C 228 18.17 20.36 49.80
N PRO C 229 17.85 21.00 48.67
CA PRO C 229 18.50 20.64 47.41
C PRO C 229 19.99 20.96 47.45
N PHE C 230 20.76 20.16 46.72
CA PHE C 230 22.22 20.31 46.70
C PHE C 230 22.62 21.24 45.56
N THR C 231 22.92 22.48 45.89
CA THR C 231 23.42 23.43 44.92
C THR C 231 24.93 23.24 44.74
N ILE C 232 25.46 23.83 43.67
CA ILE C 232 26.88 23.73 43.38
C ILE C 232 27.71 24.42 44.44
N ALA C 233 27.11 25.38 45.16
CA ALA C 233 27.84 26.11 46.20
C ALA C 233 28.32 25.19 47.31
N GLY C 234 27.63 24.06 47.53
CA GLY C 234 28.08 23.10 48.51
C GLY C 234 29.41 22.47 48.15
N LEU C 235 29.65 22.23 46.86
CA LEU C 235 30.90 21.61 46.44
C LEU C 235 32.09 22.50 46.73
N LYS C 236 32.03 23.77 46.32
CA LYS C 236 33.13 24.68 46.54
C LYS C 236 33.29 24.99 48.02
N GLY C 237 34.55 25.09 48.46
CA GLY C 237 34.84 25.35 49.85
C GLY C 237 36.12 26.13 50.06
N GLN C 238 36.65 26.10 51.29
CA GLN C 238 37.89 26.81 51.58
C GLN C 238 39.05 26.26 50.77
N GLN C 239 39.17 24.94 50.70
CA GLN C 239 40.24 24.32 49.92
C GLN C 239 40.06 24.61 48.43
N GLY C 240 41.17 24.83 47.74
CA GLY C 240 41.13 25.07 46.31
C GLY C 240 41.10 23.79 45.50
N GLU C 241 40.41 22.76 46.02
CA GLU C 241 40.31 21.47 45.35
C GLU C 241 39.35 21.63 44.17
N THR C 242 39.85 22.20 43.09
CA THR C 242 39.05 22.41 41.90
C THR C 242 38.71 21.08 41.24
N LEU C 243 37.54 21.04 40.61
CA LEU C 243 37.10 19.84 39.93
C LEU C 243 37.90 19.64 38.63
N ALA C 244 37.85 18.43 38.10
CA ALA C 244 38.61 18.10 36.90
C ALA C 244 37.86 17.05 36.08
N ALA C 245 38.20 16.99 34.80
CA ALA C 245 37.65 16.01 33.88
C ALA C 245 38.78 15.19 33.28
N LYS C 246 38.59 13.87 33.22
CA LYS C 246 39.59 12.93 32.70
C LYS C 246 38.96 12.05 31.63
N VAL C 247 38.33 12.68 30.63
CA VAL C 247 37.66 11.98 29.55
C VAL C 247 38.54 10.85 29.02
N ASP C 248 37.95 9.67 28.88
CA ASP C 248 38.69 8.47 28.52
C ASP C 248 37.90 7.69 27.48
N ILE C 249 38.61 6.91 26.67
CA ILE C 249 38.02 6.11 25.61
C ILE C 249 38.00 4.66 26.05
N ARG C 250 36.95 3.95 25.66
CA ARG C 250 36.76 2.56 26.04
C ARG C 250 36.36 1.73 24.83
N THR C 251 36.64 0.44 24.90
CA THR C 251 36.23 -0.53 23.88
C THR C 251 35.23 -1.54 24.43
N GLN C 252 35.56 -2.20 25.53
CA GLN C 252 34.61 -3.09 26.17
C GLN C 252 33.45 -2.27 26.76
N PRO C 253 32.22 -2.76 26.69
CA PRO C 253 31.07 -1.98 27.15
C PRO C 253 30.98 -1.95 28.67
N LEU C 254 30.33 -0.90 29.17
CA LEU C 254 30.01 -0.82 30.58
C LEU C 254 28.84 -1.76 30.91
N HIS C 255 28.68 -2.04 32.19
CA HIS C 255 27.70 -3.00 32.66
C HIS C 255 26.70 -2.34 33.59
N ASP C 256 25.45 -2.79 33.52
CA ASP C 256 24.39 -2.30 34.39
C ASP C 256 24.55 -2.93 35.77
N THR C 257 23.60 -2.68 36.67
CA THR C 257 23.65 -3.27 38.00
C THR C 257 23.34 -4.76 37.98
N VAL C 258 22.76 -5.26 36.89
CA VAL C 258 22.44 -6.67 36.75
C VAL C 258 23.44 -7.40 35.87
N GLY C 259 23.87 -6.77 34.78
CA GLY C 259 24.80 -7.41 33.87
C GLY C 259 24.49 -7.11 32.41
N ASN C 260 23.42 -6.36 32.18
CA ASN C 260 23.06 -5.98 30.82
C ASN C 260 24.11 -5.03 30.26
N PRO C 261 24.72 -5.32 29.11
CA PRO C 261 25.75 -4.43 28.59
C PRO C 261 25.16 -3.26 27.83
N ILE C 262 25.81 -2.10 27.96
CA ILE C 262 25.40 -0.89 27.25
C ILE C 262 26.63 -0.32 26.55
N ARG C 263 26.47 0.01 25.27
CA ARG C 263 27.60 0.51 24.49
C ARG C 263 28.05 1.87 25.02
N ALA C 264 29.36 2.04 25.12
CA ALA C 264 29.94 3.27 25.65
C ALA C 264 31.33 3.43 25.06
N ASP C 265 31.50 4.38 24.16
CA ASP C 265 32.79 4.62 23.52
C ASP C 265 33.59 5.71 24.21
N ILE C 266 32.95 6.78 24.65
CA ILE C 266 33.62 7.85 25.40
C ILE C 266 32.86 8.08 26.70
N VAL C 267 33.61 8.26 27.78
CA VAL C 267 33.05 8.55 29.08
C VAL C 267 33.68 9.83 29.61
N VAL C 268 32.85 10.71 30.17
CA VAL C 268 33.29 11.95 30.79
C VAL C 268 32.97 11.87 32.28
N THR C 269 33.97 12.16 33.11
CA THR C 269 33.86 11.95 34.54
C THR C 269 34.43 13.15 35.30
N THR C 270 33.90 13.36 36.51
CA THR C 270 34.22 14.50 37.34
C THR C 270 34.92 14.05 38.61
N GLN C 271 36.06 14.68 38.91
CA GLN C 271 36.88 14.33 40.07
C GLN C 271 37.20 15.56 40.89
N ARG C 272 37.53 15.33 42.16
CA ARG C 272 38.03 16.37 43.05
C ARG C 272 39.55 16.40 42.98
N VAL C 273 40.15 17.26 43.81
CA VAL C 273 41.61 17.39 43.90
C VAL C 273 42.23 17.71 42.55
N ASP C 287 40.34 9.07 44.20
CA ASP C 287 39.79 8.73 45.51
C ASP C 287 38.30 9.09 45.59
N VAL C 288 37.95 10.26 45.09
CA VAL C 288 36.59 10.77 45.12
C VAL C 288 36.16 11.08 43.69
N LYS C 289 35.02 10.52 43.29
CA LYS C 289 34.45 10.74 41.97
C LYS C 289 33.04 11.28 42.12
N LEU C 290 32.58 12.03 41.13
CA LEU C 290 31.27 12.67 41.19
C LEU C 290 30.30 12.17 40.13
N ASN C 291 30.69 12.20 38.86
CA ASN C 291 29.79 11.84 37.77
C ASN C 291 30.52 10.97 36.78
N GLN C 292 29.73 10.29 35.94
CA GLN C 292 30.28 9.48 34.85
C GLN C 292 29.21 9.34 33.79
N VAL C 293 29.39 10.03 32.66
CA VAL C 293 28.44 9.98 31.55
C VAL C 293 29.09 9.19 30.42
N ALA C 294 28.43 8.13 29.98
CA ALA C 294 28.94 7.24 28.96
C ALA C 294 28.09 7.38 27.71
N MET C 295 28.75 7.59 26.56
CA MET C 295 28.05 7.88 25.32
C MET C 295 28.97 7.56 24.15
N PHE C 296 28.36 7.33 22.99
CA PHE C 296 29.09 6.98 21.77
C PHE C 296 28.71 7.95 20.66
N THR C 297 29.33 7.76 19.51
CA THR C 297 29.20 8.68 18.37
C THR C 297 28.53 7.97 17.21
N ASN C 298 27.63 8.68 16.54
CA ASN C 298 26.92 8.16 15.37
C ASN C 298 26.96 9.20 14.26
N LEU C 299 26.84 8.72 13.02
CA LEU C 299 26.91 9.56 11.83
C LEU C 299 25.59 9.50 11.08
N GLU C 300 25.15 10.65 10.58
CA GLU C 300 23.91 10.76 9.82
C GLU C 300 24.17 11.63 8.58
N ARG C 301 23.35 11.42 7.55
CA ARG C 301 23.53 12.08 6.27
C ARG C 301 22.35 13.01 6.01
N THR C 302 22.64 14.30 5.80
CA THR C 302 21.60 15.26 5.46
C THR C 302 21.24 15.14 3.98
N PRO C 303 19.98 15.39 3.62
CA PRO C 303 19.57 15.26 2.21
C PRO C 303 20.25 16.23 1.27
N GLN C 304 20.72 17.38 1.75
CA GLN C 304 21.29 18.37 0.85
C GLN C 304 22.70 17.98 0.43
N ALA C 305 23.45 17.31 1.31
CA ALA C 305 24.82 16.94 0.99
C ALA C 305 24.89 16.00 -0.20
N GLN C 306 24.04 14.97 -0.21
CA GLN C 306 24.01 14.03 -1.33
C GLN C 306 23.51 14.73 -2.58
N ALA C 307 22.63 15.72 -2.40
CA ALA C 307 22.15 16.51 -3.54
C ALA C 307 23.30 17.27 -4.19
N GLN C 308 24.20 17.81 -3.37
CA GLN C 308 25.40 18.47 -3.92
C GLN C 308 26.46 17.48 -4.42
N THR C 309 26.19 16.17 -4.44
CA THR C 309 27.10 15.19 -5.01
C THR C 309 26.68 14.72 -6.40
N LEU C 310 25.40 14.42 -6.60
CA LEU C 310 24.90 14.04 -7.91
C LEU C 310 24.74 15.27 -8.79
N PHE C 311 24.00 16.25 -8.30
CA PHE C 311 23.77 17.49 -9.04
C PHE C 311 24.52 18.62 -8.35
N PRO C 312 25.77 18.87 -8.72
CA PRO C 312 26.59 19.85 -7.98
C PRO C 312 26.20 21.29 -8.26
N ASN C 313 26.95 22.22 -7.69
CA ASN C 313 26.68 23.64 -7.86
C ASN C 313 27.98 24.43 -7.72
N GLN C 314 28.12 25.52 -8.48
CA GLN C 314 29.32 26.32 -8.46
C GLN C 314 29.56 27.00 -7.12
N PRO C 320 30.63 22.90 3.96
CA PRO C 320 29.78 21.78 4.36
C PRO C 320 30.51 20.45 4.36
N ALA C 321 29.77 19.35 4.51
CA ALA C 321 30.36 18.02 4.54
C ALA C 321 29.28 17.01 4.20
N PRO C 322 29.64 15.85 3.64
CA PRO C 322 28.64 14.84 3.29
C PRO C 322 28.08 14.08 4.48
N TRP C 323 28.52 14.38 5.70
CA TRP C 323 28.03 13.67 6.88
C TRP C 323 27.99 14.63 8.06
N VAL C 324 27.13 14.31 9.02
CA VAL C 324 27.01 15.08 10.26
C VAL C 324 27.21 14.13 11.43
N ALA C 325 27.82 14.64 12.49
CA ALA C 325 28.19 13.85 13.66
C ALA C 325 27.14 14.01 14.74
N SER C 326 26.66 12.89 15.27
CA SER C 326 25.67 12.88 16.35
C SER C 326 26.25 12.14 17.54
N VAL C 327 26.05 12.72 18.73
CA VAL C 327 26.51 12.13 19.99
C VAL C 327 25.29 11.64 20.74
N VAL C 328 25.25 10.34 21.05
CA VAL C 328 24.11 9.72 21.69
C VAL C 328 24.50 9.38 23.13
N ILE C 329 23.88 10.06 24.08
CA ILE C 329 24.11 9.79 25.50
C ILE C 329 23.35 8.54 25.89
N THR C 330 24.05 7.57 26.49
CA THR C 330 23.46 6.31 26.88
C THR C 330 23.34 6.17 28.39
N ASP C 331 24.44 6.32 29.12
CA ASP C 331 24.43 6.18 30.58
C ASP C 331 24.73 7.53 31.21
N VAL C 332 23.92 7.90 32.20
CA VAL C 332 24.04 9.21 32.85
C VAL C 332 24.10 9.00 34.36
N ARG C 333 24.53 7.81 34.77
CA ARG C 333 24.59 7.49 36.18
C ARG C 333 25.58 8.39 36.90
N ASN C 334 25.34 8.60 38.19
CA ASN C 334 26.25 9.35 39.02
C ASN C 334 27.41 8.45 39.45
N ALA C 335 28.23 8.91 40.38
CA ALA C 335 29.38 8.14 40.82
C ALA C 335 28.95 6.89 41.56
N ASP C 336 29.79 5.85 41.47
CA ASP C 336 29.52 4.62 42.22
C ASP C 336 29.60 4.89 43.72
N GLY C 337 30.59 5.67 44.16
CA GLY C 337 30.76 5.91 45.58
C GLY C 337 29.58 6.61 46.21
N ILE C 338 29.05 7.65 45.54
CA ILE C 338 27.91 8.38 46.08
C ILE C 338 26.69 7.47 46.07
N GLN C 339 25.78 7.72 47.01
CA GLN C 339 24.61 6.86 47.21
C GLN C 339 23.30 7.51 46.79
N ALA C 340 23.10 8.78 47.12
CA ALA C 340 21.84 9.44 46.81
C ALA C 340 21.71 9.69 45.31
N ASN C 341 20.46 9.78 44.86
CA ASN C 341 20.15 10.05 43.46
C ASN C 341 19.04 11.10 43.41
N THR C 342 19.38 12.30 42.97
CA THR C 342 18.50 13.45 42.99
C THR C 342 18.59 14.18 41.66
N PRO C 343 17.58 14.99 41.32
CA PRO C 343 17.64 15.73 40.04
C PRO C 343 18.87 16.61 39.90
N GLU C 344 19.32 17.24 40.98
CA GLU C 344 20.53 18.06 40.89
C GLU C 344 21.73 17.20 40.51
N MET C 345 21.81 15.97 41.02
CA MET C 345 22.85 15.05 40.58
C MET C 345 22.72 14.78 39.08
N TYR C 346 21.49 14.54 38.62
CA TYR C 346 21.28 14.23 37.20
C TYR C 346 21.76 15.36 36.31
N TRP C 347 21.39 16.60 36.63
CA TRP C 347 21.79 17.70 35.77
C TRP C 347 23.26 18.06 35.91
N PHE C 348 23.83 17.94 37.11
CA PHE C 348 25.26 18.14 37.27
C PHE C 348 26.05 17.12 36.47
N ALA C 349 25.54 15.90 36.35
CA ALA C 349 26.20 14.90 35.51
C ALA C 349 26.00 15.20 34.03
N LEU C 350 24.77 15.59 33.64
CA LEU C 350 24.50 15.86 32.24
C LEU C 350 25.28 17.05 31.72
N SER C 351 25.61 18.01 32.59
CA SER C 351 26.41 19.14 32.16
C SER C 351 27.75 18.69 31.59
N ASN C 352 28.25 17.54 32.02
CA ASN C 352 29.51 17.02 31.49
C ASN C 352 29.38 16.48 30.07
N ALA C 353 28.15 16.21 29.61
CA ALA C 353 27.97 15.63 28.28
C ALA C 353 28.32 16.60 27.15
N PHE C 354 28.50 17.88 27.46
CA PHE C 354 28.92 18.86 26.46
C PHE C 354 30.43 19.04 26.42
N ARG C 355 31.13 18.73 27.51
CA ARG C 355 32.57 18.94 27.59
C ARG C 355 33.35 18.09 26.60
N SER C 356 32.80 16.95 26.16
CA SER C 356 33.53 16.06 25.27
C SER C 356 33.91 16.74 23.95
N THR C 357 33.20 17.81 23.56
CA THR C 357 33.55 18.51 22.34
C THR C 357 34.88 19.23 22.43
N HIS C 358 35.44 19.38 23.62
CA HIS C 358 36.73 20.05 23.77
C HIS C 358 37.79 19.31 22.96
N GLY C 359 38.55 20.06 22.16
CA GLY C 359 39.55 19.46 21.30
C GLY C 359 39.01 18.45 20.32
N HIS C 360 37.71 18.49 20.03
CA HIS C 360 37.03 17.50 19.21
C HIS C 360 37.26 16.09 19.75
N ALA C 361 37.32 15.98 21.08
CA ALA C 361 37.61 14.70 21.71
C ALA C 361 36.57 13.64 21.38
N TRP C 362 35.34 14.06 21.04
CA TRP C 362 34.30 13.09 20.67
C TRP C 362 34.67 12.32 19.42
N ALA C 363 35.65 12.80 18.65
CA ALA C 363 36.12 12.10 17.47
C ALA C 363 37.16 11.03 17.78
N ARG C 364 37.54 10.87 19.05
CA ARG C 364 38.56 9.88 19.38
C ARG C 364 38.22 8.45 18.96
N PRO C 365 36.99 7.95 19.13
CA PRO C 365 36.71 6.59 18.63
C PRO C 365 36.93 6.44 17.14
N PHE C 366 36.68 7.49 16.36
CA PHE C 366 36.91 7.42 14.92
C PHE C 366 38.38 7.29 14.57
N LEU C 367 39.28 7.64 15.48
CA LEU C 367 40.70 7.46 15.24
C LEU C 367 41.00 5.97 15.09
N PRO C 368 41.84 5.58 14.13
CA PRO C 368 42.09 4.16 13.88
C PRO C 368 42.60 3.44 15.12
N MET C 369 42.12 2.22 15.31
CA MET C 369 42.52 1.42 16.47
C MET C 369 43.97 0.96 16.32
N THR C 370 44.58 0.63 17.46
CA THR C 370 45.99 0.24 17.49
C THR C 370 46.15 -1.17 16.95
N GLY C 371 46.22 -1.27 15.63
CA GLY C 371 46.48 -2.53 14.96
C GLY C 371 45.32 -3.50 14.92
N VAL C 372 44.12 -3.09 15.30
CA VAL C 372 42.95 -3.94 15.32
C VAL C 372 42.05 -3.54 14.16
N ALA C 373 41.63 -4.53 13.36
CA ALA C 373 40.77 -4.25 12.22
C ALA C 373 39.44 -3.66 12.67
N LYS C 374 38.64 -4.44 13.41
CA LYS C 374 37.36 -4.01 13.95
C LYS C 374 36.44 -3.51 12.82
N ASP C 375 36.05 -4.46 11.97
CA ASP C 375 35.25 -4.16 10.78
C ASP C 375 33.94 -3.47 11.10
N MET C 376 33.53 -3.42 12.37
CA MET C 376 32.37 -2.65 12.77
C MET C 376 32.70 -1.20 13.08
N LYS C 377 33.96 -0.78 12.95
CA LYS C 377 34.34 0.60 13.20
C LYS C 377 35.36 1.12 12.19
N ASP C 378 35.41 0.55 10.99
CA ASP C 378 36.35 1.01 9.97
C ASP C 378 35.86 2.31 9.36
N ILE C 379 36.74 3.32 9.33
CA ILE C 379 36.42 4.59 8.69
C ILE C 379 36.41 4.47 7.18
N GLY C 380 36.93 3.36 6.64
CA GLY C 380 36.94 3.16 5.20
C GLY C 380 35.56 3.13 4.57
N ALA C 381 34.52 2.94 5.38
CA ALA C 381 33.16 3.04 4.86
C ALA C 381 32.89 4.41 4.26
N LEU C 382 33.56 5.45 4.76
CA LEU C 382 33.41 6.78 4.19
C LEU C 382 33.81 6.81 2.72
N GLY C 383 34.71 5.91 2.31
CA GLY C 383 35.05 5.81 0.90
C GLY C 383 33.88 5.36 0.04
N TRP C 384 33.01 4.49 0.57
CA TRP C 384 31.85 4.04 -0.20
C TRP C 384 30.89 5.18 -0.48
N MET C 385 30.81 6.16 0.42
CA MET C 385 29.93 7.31 0.29
C MET C 385 30.80 8.56 0.18
N SER C 386 31.24 8.87 -1.04
CA SER C 386 32.11 10.02 -1.28
C SER C 386 32.21 10.22 -2.79
N ALA C 387 32.96 11.26 -3.18
CA ALA C 387 33.25 11.47 -4.59
C ALA C 387 34.08 10.32 -5.15
N LEU C 388 35.02 9.81 -4.36
CA LEU C 388 35.83 8.66 -4.74
C LEU C 388 35.03 7.38 -4.54
N ARG C 389 35.68 6.24 -4.66
CA ARG C 389 35.01 4.95 -4.52
C ARG C 389 35.89 4.01 -3.71
N ASN C 390 35.33 2.84 -3.39
CA ASN C 390 36.03 1.74 -2.74
C ASN C 390 36.39 2.08 -1.29
N ARG C 391 36.65 1.05 -0.50
CA ARG C 391 37.06 1.25 0.89
C ARG C 391 38.43 1.91 0.95
N ILE C 392 38.57 2.89 1.84
CA ILE C 392 39.84 3.58 2.00
C ILE C 392 40.82 2.66 2.71
N ASP C 393 42.02 2.52 2.14
CA ASP C 393 43.06 1.65 2.69
C ASP C 393 43.80 2.40 3.80
N THR C 394 43.07 2.68 4.88
CA THR C 394 43.65 3.41 6.00
C THR C 394 44.64 2.56 6.79
N LYS C 395 44.56 1.23 6.69
CA LYS C 395 45.44 0.34 7.44
C LYS C 395 46.86 0.30 6.90
N ALA C 396 47.21 1.14 5.93
CA ALA C 396 48.56 1.17 5.39
C ALA C 396 49.45 2.00 6.31
N ALA C 397 50.65 2.34 5.82
CA ALA C 397 51.59 3.15 6.59
C ALA C 397 51.15 4.60 6.71
N ASN C 398 50.10 5.00 6.01
CA ASN C 398 49.60 6.38 6.03
C ASN C 398 48.42 6.53 6.99
N PHE C 399 48.44 5.81 8.11
CA PHE C 399 47.41 5.89 9.13
C PHE C 399 47.73 6.95 10.19
N ASP C 400 48.60 7.91 9.89
CA ASP C 400 49.01 8.89 10.88
C ASP C 400 47.81 9.72 11.33
N ASP C 401 47.90 10.24 12.56
CA ASP C 401 46.80 11.00 13.13
C ASP C 401 46.53 12.28 12.35
N ALA C 402 47.58 12.86 11.74
CA ALA C 402 47.39 14.10 10.99
C ALA C 402 46.47 13.91 9.80
N GLN C 403 46.76 12.91 8.95
CA GLN C 403 45.93 12.69 7.77
C GLN C 403 44.51 12.33 8.17
N PHE C 404 44.34 11.60 9.28
CA PHE C 404 43.01 11.38 9.83
C PHE C 404 42.36 12.71 10.21
N GLY C 405 43.17 13.66 10.70
CA GLY C 405 42.64 14.96 11.03
C GLY C 405 42.10 15.71 9.83
N GLN C 406 42.88 15.75 8.74
CA GLN C 406 42.35 16.40 7.53
C GLN C 406 41.17 15.63 6.95
N LEU C 407 41.18 14.30 7.06
CA LEU C 407 40.03 13.52 6.58
C LEU C 407 38.78 13.88 7.34
N MET C 408 38.88 13.98 8.67
CA MET C 408 37.72 14.40 9.47
C MET C 408 37.32 15.82 9.17
N LEU C 409 38.30 16.69 8.88
CA LEU C 409 37.98 18.08 8.57
C LEU C 409 37.17 18.19 7.28
N SER C 410 37.38 17.27 6.34
CA SER C 410 36.76 17.35 5.02
C SER C 410 35.76 16.23 4.76
N GLN C 411 35.27 15.57 5.81
CA GLN C 411 34.27 14.52 5.61
C GLN C 411 33.06 14.73 6.50
N VAL C 412 33.25 15.30 7.68
CA VAL C 412 32.18 15.54 8.62
C VAL C 412 32.25 16.98 9.10
N GLN C 413 31.10 17.52 9.49
CA GLN C 413 31.05 18.88 9.99
C GLN C 413 31.75 18.97 11.34
N PRO C 414 32.38 20.10 11.66
CA PRO C 414 33.12 20.23 12.92
C PRO C 414 32.24 20.54 14.13
N ASN C 415 30.92 20.38 14.03
CA ASN C 415 30.03 20.64 15.14
C ASN C 415 29.07 19.46 15.28
N PRO C 416 28.93 18.88 16.48
CA PRO C 416 28.07 17.72 16.64
C PRO C 416 26.63 18.07 16.98
N VAL C 417 25.78 17.06 17.12
CA VAL C 417 24.40 17.23 17.58
C VAL C 417 24.15 16.20 18.68
N PHE C 418 23.50 16.63 19.75
CA PHE C 418 23.33 15.80 20.93
C PHE C 418 21.95 15.16 20.95
N GLN C 419 21.91 13.89 21.34
CA GLN C 419 20.65 13.16 21.50
C GLN C 419 20.86 12.06 22.53
N ILE C 420 19.75 11.59 23.10
CA ILE C 420 19.77 10.61 24.18
C ILE C 420 18.74 9.52 23.87
N ASP C 421 19.12 8.27 24.11
CA ASP C 421 18.20 7.14 23.98
C ASP C 421 17.48 6.93 25.32
N LEU C 422 16.53 7.83 25.58
CA LEU C 422 15.78 7.81 26.83
C LEU C 422 15.06 6.49 27.01
N ASN C 423 15.23 5.88 28.19
CA ASN C 423 14.66 4.57 28.50
C ASN C 423 13.48 4.74 29.43
N ARG C 424 12.33 4.16 29.03
CA ARG C 424 11.16 4.18 29.88
C ARG C 424 11.27 3.21 31.05
N MET C 425 12.19 2.26 30.98
CA MET C 425 12.35 1.26 32.04
C MET C 425 13.83 1.02 32.33
N GLY C 426 14.60 2.10 32.45
CA GLY C 426 15.99 2.01 32.83
C GLY C 426 16.18 2.15 34.33
N GLU C 427 17.45 2.15 34.75
CA GLU C 427 17.76 2.33 36.16
C GLU C 427 17.37 3.72 36.66
N THR C 428 17.24 4.68 35.77
CA THR C 428 16.75 6.03 36.08
C THR C 428 15.49 6.33 35.28
N ALA C 429 14.59 5.34 35.19
CA ALA C 429 13.39 5.49 34.37
C ALA C 429 12.47 6.57 34.89
N GLN C 430 12.42 6.75 36.21
CA GLN C 430 11.59 7.80 36.79
C GLN C 430 12.01 9.16 36.27
N MET C 431 13.32 9.38 36.13
CA MET C 431 13.81 10.68 35.65
C MET C 431 13.69 10.80 34.14
N ASP C 432 13.86 9.70 33.40
CA ASP C 432 13.67 9.74 31.96
C ASP C 432 12.23 10.02 31.59
N SER C 433 11.28 9.59 32.44
CA SER C 433 9.87 9.84 32.15
C SER C 433 9.61 11.34 32.04
N LEU C 434 10.20 12.13 32.94
CA LEU C 434 10.04 13.58 32.85
C LEU C 434 10.56 14.11 31.53
N GLN C 435 11.68 13.57 31.05
CA GLN C 435 12.22 14.00 29.76
C GLN C 435 11.27 13.67 28.61
N LEU C 436 10.68 12.48 28.63
CA LEU C 436 9.69 12.15 27.60
C LEU C 436 8.49 13.08 27.65
N ASP C 437 7.96 13.36 28.84
CA ASP C 437 6.80 14.26 28.90
C ASP C 437 7.18 15.68 28.50
N ALA C 438 8.43 16.08 28.71
CA ALA C 438 8.84 17.44 28.36
C ALA C 438 8.89 17.67 26.86
N ALA C 439 8.91 16.61 26.06
CA ALA C 439 9.05 16.73 24.61
C ALA C 439 7.75 16.54 23.85
N GLY C 440 6.64 16.33 24.54
CA GLY C 440 5.37 16.15 23.87
C GLY C 440 4.34 15.56 24.80
N GLY C 441 3.21 15.19 24.21
CA GLY C 441 2.11 14.63 24.96
C GLY C 441 1.27 15.70 25.62
N PRO C 442 0.20 15.28 26.31
CA PRO C 442 -0.65 16.26 27.00
C PRO C 442 0.09 17.02 28.10
N ASN C 443 0.71 16.31 29.03
CA ASN C 443 1.44 16.93 30.13
C ASN C 443 2.80 17.40 29.60
N ALA C 444 2.81 18.59 29.01
CA ALA C 444 4.00 19.18 28.44
C ALA C 444 4.47 20.43 29.15
N GLN C 445 3.60 21.42 29.32
CA GLN C 445 3.99 22.67 29.95
C GLN C 445 4.37 22.46 31.41
N LYS C 446 3.64 21.60 32.13
CA LYS C 446 3.96 21.32 33.52
C LYS C 446 5.33 20.67 33.64
N ALA C 447 5.67 19.77 32.71
CA ALA C 447 6.99 19.16 32.71
C ALA C 447 8.07 20.21 32.48
N ALA C 448 7.82 21.16 31.58
CA ALA C 448 8.77 22.25 31.35
C ALA C 448 8.95 23.09 32.61
N ALA C 449 7.85 23.40 33.29
CA ALA C 449 7.96 24.16 34.53
C ALA C 449 8.77 23.39 35.57
N THR C 450 8.54 22.09 35.69
CA THR C 450 9.28 21.29 36.65
C THR C 450 10.77 21.25 36.31
N ILE C 451 11.10 21.07 35.03
CA ILE C 451 12.51 20.96 34.66
C ILE C 451 13.22 22.30 34.86
N ILE C 452 12.57 23.41 34.53
CA ILE C 452 13.21 24.71 34.70
C ILE C 452 13.35 25.04 36.18
N ARG C 453 12.35 24.70 37.00
CA ARG C 453 12.48 24.97 38.43
C ARG C 453 13.54 24.09 39.06
N GLN C 454 13.70 22.84 38.59
CA GLN C 454 14.77 22.00 39.09
C GLN C 454 16.14 22.58 38.73
N ILE C 455 16.30 23.06 37.49
CA ILE C 455 17.55 23.68 37.10
C ILE C 455 17.83 24.93 37.93
N ASN C 456 16.79 25.73 38.18
CA ASN C 456 16.95 26.92 39.00
C ASN C 456 17.35 26.56 40.43
N ASN C 457 16.74 25.53 40.99
CA ASN C 457 17.10 25.09 42.34
C ASN C 457 18.55 24.61 42.38
N LEU C 458 18.99 23.91 41.33
CA LEU C 458 20.40 23.53 41.25
C LEU C 458 21.31 24.75 41.24
N GLY C 459 21.04 25.68 40.33
CA GLY C 459 21.89 26.85 40.18
C GLY C 459 21.74 27.88 41.30
N GLY C 460 20.51 28.10 41.76
CA GLY C 460 20.25 29.11 42.75
C GLY C 460 20.15 30.52 42.23
N GLY C 461 20.27 30.72 40.92
CA GLY C 461 20.19 32.05 40.35
C GLY C 461 19.11 32.19 39.30
N GLY C 462 19.16 33.26 38.52
CA GLY C 462 18.16 33.52 37.50
C GLY C 462 18.41 32.79 36.19
N PHE C 463 18.16 31.48 36.18
CA PHE C 463 18.34 30.71 34.95
C PHE C 463 17.33 31.09 33.86
N GLU C 464 16.19 31.67 34.26
CA GLU C 464 15.21 32.10 33.26
C GLU C 464 15.76 33.20 32.37
N ARG C 465 16.77 33.94 32.84
CA ARG C 465 17.34 35.01 32.02
C ARG C 465 18.03 34.47 30.78
N PHE C 466 18.70 33.32 30.89
CA PHE C 466 19.45 32.79 29.76
C PHE C 466 18.52 32.43 28.60
N PHE C 467 17.40 31.79 28.90
CA PHE C 467 16.37 31.55 27.88
C PHE C 467 15.06 31.25 28.58
N ASP C 468 13.97 31.32 27.82
CA ASP C 468 12.63 31.04 28.31
C ASP C 468 12.17 29.70 27.75
N HIS C 469 11.66 28.83 28.63
CA HIS C 469 11.21 27.52 28.21
C HIS C 469 10.00 27.61 27.28
N THR C 470 9.10 28.55 27.56
CA THR C 470 7.90 28.69 26.72
C THR C 470 8.22 29.16 25.31
N THR C 471 9.40 29.74 25.09
CA THR C 471 9.75 30.26 23.78
C THR C 471 10.36 29.20 22.87
N GLN C 472 11.27 28.37 23.39
CA GLN C 472 11.88 27.32 22.59
C GLN C 472 11.76 25.98 23.30
N PRO C 473 11.57 24.89 22.55
CA PRO C 473 11.41 23.58 23.19
C PRO C 473 12.71 23.10 23.83
N ILE C 474 12.55 22.31 24.89
CA ILE C 474 13.71 21.73 25.55
C ILE C 474 14.34 20.65 24.68
N LEU C 475 13.52 19.78 24.09
CA LEU C 475 14.02 18.69 23.26
C LEU C 475 12.90 18.22 22.36
N GLU C 476 13.28 17.62 21.24
CA GLU C 476 12.35 17.13 20.24
C GLU C 476 12.27 15.61 20.27
N ARG C 477 11.07 15.08 20.01
CA ARG C 477 10.86 13.64 20.12
C ARG C 477 11.54 12.89 18.99
N THR C 478 11.46 13.39 17.76
CA THR C 478 12.04 12.84 16.53
C THR C 478 11.38 11.54 16.08
N GLY C 479 10.45 10.98 16.86
CA GLY C 479 9.68 9.83 16.43
C GLY C 479 10.50 8.62 16.05
N GLN C 480 11.49 8.27 16.86
CA GLN C 480 12.33 7.11 16.59
C GLN C 480 12.31 6.19 17.80
N VAL C 481 12.41 4.89 17.54
CA VAL C 481 12.44 3.87 18.57
C VAL C 481 13.73 3.07 18.43
N ILE C 482 14.47 2.95 19.53
CA ILE C 482 15.69 2.14 19.58
C ILE C 482 15.48 1.04 20.60
N ASP C 483 15.60 -0.20 20.15
CA ASP C 483 15.43 -1.35 21.02
C ASP C 483 16.78 -1.80 21.60
N LEU C 484 16.77 -2.17 22.87
CA LEU C 484 17.99 -2.55 23.58
C LEU C 484 18.08 -4.07 23.65
N GLY C 485 19.29 -4.59 23.54
CA GLY C 485 19.51 -6.02 23.62
C GLY C 485 20.98 -6.32 23.79
N ASN C 486 21.33 -7.58 23.53
CA ASN C 486 22.72 -8.00 23.62
C ASN C 486 22.95 -9.16 22.65
N TRP C 487 24.22 -9.32 22.27
CA TRP C 487 24.63 -10.36 21.34
C TRP C 487 25.94 -10.96 21.83
N PHE C 488 26.19 -12.20 21.41
CA PHE C 488 27.34 -12.96 21.88
C PHE C 488 28.37 -13.08 20.75
N ASP C 489 29.59 -12.62 21.01
CA ASP C 489 30.72 -12.82 20.12
C ASP C 489 31.96 -13.07 20.93
N GLY C 490 32.78 -14.01 20.47
CA GLY C 490 33.99 -14.36 21.18
C GLY C 490 33.72 -14.83 22.60
N ASP C 491 34.07 -14.02 23.58
CA ASP C 491 33.86 -14.35 24.98
C ASP C 491 32.91 -13.39 25.67
N GLU C 492 33.15 -12.08 25.56
CA GLU C 492 32.36 -11.07 26.26
C GLU C 492 31.27 -10.55 25.34
N LYS C 493 30.04 -10.54 25.83
CA LYS C 493 28.92 -10.02 25.06
C LYS C 493 28.97 -8.50 25.00
N ARG C 494 28.33 -7.94 23.98
CA ARG C 494 28.28 -6.50 23.78
C ARG C 494 26.83 -6.06 23.58
N ASP C 495 26.62 -4.75 23.69
CA ASP C 495 25.29 -4.19 23.54
C ASP C 495 24.80 -4.33 22.11
N ARG C 496 23.48 -4.44 21.96
CA ARG C 496 22.87 -4.51 20.63
C ARG C 496 23.09 -3.22 19.85
N ARG C 497 23.21 -2.09 20.52
CA ARG C 497 23.24 -0.78 19.88
C ARG C 497 24.55 -0.51 19.17
N ASP C 498 25.40 -1.52 19.00
CA ASP C 498 26.63 -1.39 18.24
C ASP C 498 26.41 -1.45 16.73
N LEU C 499 25.17 -1.69 16.28
CA LEU C 499 24.90 -1.76 14.85
C LEU C 499 25.18 -0.43 14.17
N ASP C 500 24.63 0.65 14.70
CA ASP C 500 24.90 2.00 14.23
C ASP C 500 24.60 2.14 12.74
N ASN C 501 25.20 3.11 12.08
CA ASN C 501 25.14 3.28 10.63
C ASN C 501 26.48 3.04 9.95
N LEU C 502 27.56 3.52 10.56
CA LEU C 502 28.89 3.30 10.00
C LEU C 502 29.23 1.81 9.93
N ALA C 503 28.90 1.07 10.99
CA ALA C 503 29.16 -0.37 10.98
C ALA C 503 28.32 -1.06 9.93
N ALA C 504 27.07 -0.63 9.75
CA ALA C 504 26.23 -1.22 8.71
C ALA C 504 26.79 -0.94 7.32
N LEU C 505 27.29 0.28 7.11
CA LEU C 505 27.89 0.62 5.82
C LEU C 505 29.15 -0.19 5.57
N ASN C 506 29.97 -0.40 6.60
CA ASN C 506 31.15 -1.25 6.46
C ASN C 506 30.76 -2.68 6.14
N ALA C 507 29.74 -3.22 6.81
CA ALA C 507 29.31 -4.58 6.54
C ALA C 507 28.77 -4.72 5.13
N ALA C 508 28.04 -3.71 4.64
CA ALA C 508 27.49 -3.77 3.30
C ALA C 508 28.56 -3.65 2.22
N GLU C 509 29.76 -3.18 2.58
CA GLU C 509 30.90 -2.99 1.69
C GLU C 509 30.47 -2.47 0.32
N GLY C 510 29.77 -1.34 0.36
CA GLY C 510 29.17 -0.77 -0.84
C GLY C 510 27.68 -1.07 -0.90
N ASN C 511 27.17 -1.31 -2.11
CA ASN C 511 25.76 -1.67 -2.32
C ASN C 511 24.84 -0.58 -1.77
N GLU C 512 24.91 0.58 -2.43
CA GLU C 512 24.11 1.76 -2.11
C GLU C 512 22.70 1.41 -1.68
N ASN C 513 22.06 0.51 -2.42
CA ASN C 513 20.67 0.14 -2.14
C ASN C 513 20.53 -0.47 -0.75
N GLU C 514 21.44 -1.36 -0.37
CA GLU C 514 21.33 -2.02 0.92
C GLU C 514 21.46 -1.04 2.09
N PHE C 515 22.47 -0.16 2.02
CA PHE C 515 22.67 0.81 3.08
C PHE C 515 21.52 1.80 3.15
N TRP C 516 21.02 2.25 2.00
CA TRP C 516 19.90 3.17 2.01
C TRP C 516 18.65 2.50 2.56
N GLY C 517 18.43 1.22 2.22
CA GLY C 517 17.31 0.50 2.78
C GLY C 517 17.41 0.35 4.29
N PHE C 518 18.62 0.06 4.80
CA PHE C 518 18.79 -0.03 6.24
C PHE C 518 18.52 1.31 6.91
N TYR C 519 19.05 2.40 6.34
CA TYR C 519 18.85 3.72 6.93
C TYR C 519 17.37 4.09 6.93
N GLY C 520 16.66 3.77 5.84
CA GLY C 520 15.22 3.99 5.83
C GLY C 520 14.49 3.12 6.83
N ALA C 521 14.96 1.88 7.02
CA ALA C 521 14.36 1.01 8.02
C ALA C 521 14.50 1.60 9.41
N GLN C 522 15.61 2.28 9.69
CA GLN C 522 15.73 2.97 10.97
C GLN C 522 14.88 4.24 11.01
N LEU C 523 14.85 5.00 9.92
CA LEU C 523 14.12 6.27 9.86
C LEU C 523 13.24 6.30 8.60
N ASN C 524 11.92 6.25 8.80
CA ASN C 524 10.97 6.45 7.72
C ASN C 524 9.66 7.00 8.28
N PRO C 525 9.38 8.29 8.08
CA PRO C 525 8.09 8.84 8.53
C PRO C 525 6.90 8.25 7.80
N ASN C 526 7.10 7.68 6.61
CA ASN C 526 6.01 7.16 5.79
C ASN C 526 5.77 5.67 5.99
N LEU C 527 6.44 5.04 6.95
CA LEU C 527 6.28 3.62 7.21
C LEU C 527 5.67 3.40 8.59
N HIS C 528 4.90 2.33 8.71
CA HIS C 528 4.30 1.99 9.99
C HIS C 528 5.38 1.66 11.00
N PRO C 529 5.27 2.14 12.24
CA PRO C 529 6.32 1.86 13.23
C PRO C 529 6.58 0.39 13.46
N ASP C 530 5.53 -0.44 13.45
CA ASP C 530 5.72 -1.87 13.62
C ASP C 530 6.52 -2.48 12.48
N LEU C 531 6.23 -2.04 11.24
CA LEU C 531 7.00 -2.54 10.10
C LEU C 531 8.45 -2.09 10.18
N ARG C 532 8.69 -0.85 10.60
CA ARG C 532 10.05 -0.37 10.78
C ARG C 532 10.79 -1.19 11.82
N ASN C 533 10.12 -1.49 12.94
CA ASN C 533 10.74 -2.31 13.97
C ASN C 533 11.05 -3.71 13.46
N ARG C 534 10.12 -4.30 12.71
CA ARG C 534 10.36 -5.64 12.16
C ARG C 534 11.54 -5.65 11.19
N GLN C 535 11.62 -4.64 10.33
CA GLN C 535 12.74 -4.57 9.40
C GLN C 535 14.06 -4.35 10.13
N SER C 536 14.05 -3.53 11.18
CA SER C 536 15.25 -3.33 11.98
C SER C 536 15.67 -4.63 12.65
N ARG C 537 14.71 -5.38 13.18
CA ARG C 537 15.04 -6.67 13.78
C ARG C 537 15.63 -7.64 12.76
N ASN C 538 15.04 -7.68 11.56
CA ASN C 538 15.55 -8.56 10.52
C ASN C 538 16.97 -8.19 10.12
N TYR C 539 17.25 -6.89 9.94
CA TYR C 539 18.60 -6.47 9.60
C TYR C 539 19.57 -6.72 10.74
N ASP C 540 19.12 -6.59 11.98
CA ASP C 540 19.95 -6.91 13.13
C ASP C 540 20.32 -8.38 13.13
N ARG C 541 19.34 -9.24 12.86
CA ARG C 541 19.62 -10.68 12.80
C ARG C 541 20.54 -11.02 11.65
N GLN C 542 20.43 -10.28 10.54
CA GLN C 542 21.30 -10.53 9.38
C GLN C 542 22.76 -10.27 9.73
N TYR C 543 23.04 -9.19 10.45
CA TYR C 543 24.41 -8.86 10.83
C TYR C 543 24.74 -9.43 12.20
N LEU C 544 26.03 -9.38 12.54
CA LEU C 544 26.55 -9.74 13.87
C LEU C 544 26.01 -11.08 14.37
N GLY C 545 25.66 -11.98 13.47
CA GLY C 545 25.15 -13.28 13.85
C GLY C 545 23.66 -13.25 14.15
N SER C 546 23.14 -14.44 14.45
CA SER C 546 21.71 -14.63 14.70
C SER C 546 21.46 -15.05 16.14
N THR C 547 22.15 -14.42 17.08
CA THR C 547 22.00 -14.72 18.50
C THR C 547 21.61 -13.49 19.31
N VAL C 548 20.97 -12.51 18.68
CA VAL C 548 20.58 -11.29 19.38
C VAL C 548 19.41 -11.58 20.31
N THR C 549 19.43 -10.94 21.48
CA THR C 549 18.36 -11.07 22.47
C THR C 549 17.92 -9.68 22.90
N TYR C 550 16.61 -9.42 22.84
CA TYR C 550 16.06 -8.11 23.10
C TYR C 550 15.50 -8.04 24.52
N THR C 551 15.66 -6.89 25.16
CA THR C 551 15.21 -6.69 26.53
C THR C 551 14.14 -5.60 26.66
N GLY C 552 14.40 -4.41 26.13
CA GLY C 552 13.47 -3.30 26.28
C GLY C 552 13.53 -2.37 25.11
N LYS C 553 12.73 -1.31 25.18
CA LYS C 553 12.63 -0.32 24.12
C LYS C 553 12.92 1.07 24.68
N ALA C 554 13.56 1.90 23.87
CA ALA C 554 13.89 3.27 24.26
C ALA C 554 13.59 4.20 23.10
N GLU C 555 13.32 5.46 23.45
CA GLU C 555 12.98 6.50 22.48
C GLU C 555 14.13 7.50 22.42
N ARG C 556 14.59 7.81 21.22
CA ARG C 556 15.73 8.68 21.04
C ARG C 556 15.26 10.11 20.77
N CYS C 557 15.70 11.05 21.61
CA CYS C 557 15.29 12.44 21.53
C CYS C 557 16.52 13.34 21.54
N THR C 558 16.49 14.38 20.70
CA THR C 558 17.64 15.27 20.53
C THR C 558 17.41 16.56 21.30
N TYR C 559 18.37 16.95 22.13
CA TYR C 559 18.31 18.23 22.80
C TYR C 559 18.48 19.38 21.81
N ASN C 560 17.79 20.48 22.11
CA ASN C 560 18.02 21.71 21.37
C ASN C 560 19.40 22.27 21.69
N ALA C 561 20.02 22.89 20.69
CA ALA C 561 21.36 23.45 20.88
C ALA C 561 21.36 24.53 21.93
N LYS C 562 20.35 25.41 21.92
CA LYS C 562 20.30 26.50 22.88
C LYS C 562 20.20 25.99 24.32
N PHE C 563 19.52 24.85 24.53
CA PHE C 563 19.37 24.33 25.88
C PHE C 563 20.71 24.06 26.53
N ILE C 564 21.56 23.28 25.85
CA ILE C 564 22.88 22.98 26.41
C ILE C 564 23.77 24.22 26.38
N GLU C 565 23.71 24.99 25.28
CA GLU C 565 24.52 26.19 25.16
C GLU C 565 24.23 27.21 26.25
N ALA C 566 23.05 27.15 26.86
CA ALA C 566 22.74 28.02 27.97
C ALA C 566 22.96 27.33 29.31
N LEU C 567 22.77 26.02 29.39
CA LEU C 567 22.98 25.31 30.65
C LEU C 567 24.44 25.36 31.06
N ASP C 568 25.35 25.09 30.13
CA ASP C 568 26.78 25.13 30.47
C ASP C 568 27.20 26.55 30.87
N ARG C 569 26.70 27.56 30.16
CA ARG C 569 27.04 28.94 30.48
C ARG C 569 26.49 29.34 31.84
N TYR C 570 25.27 28.91 32.16
CA TYR C 570 24.70 29.20 33.47
C TYR C 570 25.50 28.53 34.58
N LEU C 571 25.92 27.28 34.37
CA LEU C 571 26.76 26.62 35.35
C LEU C 571 28.08 27.37 35.53
N ALA C 572 28.67 27.85 34.42
CA ALA C 572 29.90 28.62 34.51
C ALA C 572 29.69 29.90 35.30
N GLU C 573 28.58 30.59 35.06
CA GLU C 573 28.28 31.82 35.80
C GLU C 573 28.06 31.54 37.27
N ALA C 574 27.38 30.44 37.60
CA ALA C 574 27.10 30.09 38.98
C ALA C 574 28.25 29.40 39.69
N GLY C 575 29.35 29.11 38.98
CA GLY C 575 30.48 28.45 39.59
C GLY C 575 30.85 27.14 38.93
N LEU C 576 31.94 27.16 38.17
CA LEU C 576 32.40 26.02 37.37
C LEU C 576 33.93 25.99 37.43
N GLN C 577 34.45 25.30 38.44
CA GLN C 577 35.90 25.24 38.68
C GLN C 577 36.46 23.90 38.22
N ILE C 578 36.46 23.73 36.89
CA ILE C 578 36.94 22.52 36.25
C ILE C 578 38.01 22.89 35.23
N THR C 579 39.09 22.11 35.20
CA THR C 579 40.15 22.27 34.22
C THR C 579 40.48 20.92 33.61
N MET C 580 40.57 20.87 32.28
CA MET C 580 40.93 19.66 31.57
C MET C 580 42.03 19.96 30.57
N ASP C 581 42.82 18.94 30.24
CA ASP C 581 43.93 19.05 29.31
C ASP C 581 43.77 18.04 28.19
N ASN C 582 43.93 18.49 26.96
CA ASN C 582 43.82 17.61 25.80
C ASN C 582 44.60 18.18 24.62
N GLY D 63 16.82 -56.65 43.57
CA GLY D 63 17.58 -56.82 42.34
C GLY D 63 17.32 -55.71 41.33
N ASP D 64 16.06 -55.59 40.90
CA ASP D 64 15.67 -54.57 39.94
C ASP D 64 15.60 -53.23 40.65
N ALA D 65 16.76 -52.56 40.73
CA ALA D 65 16.85 -51.30 41.44
C ALA D 65 15.99 -50.21 40.79
N ARG D 66 15.80 -50.28 39.47
CA ARG D 66 15.01 -49.27 38.79
C ARG D 66 13.57 -49.27 39.29
N ALA D 67 12.96 -50.46 39.39
CA ALA D 67 11.58 -50.54 39.87
C ALA D 67 11.48 -50.08 41.31
N SER D 68 12.44 -50.46 42.15
CA SER D 68 12.40 -50.06 43.56
C SER D 68 12.50 -48.54 43.70
N GLU D 69 13.44 -47.93 42.97
CA GLU D 69 13.61 -46.49 43.09
C GLU D 69 12.41 -45.74 42.51
N ALA D 70 11.82 -46.26 41.42
CA ALA D 70 10.62 -45.66 40.88
C ALA D 70 9.47 -45.75 41.88
N LEU D 71 9.31 -46.89 42.54
CA LEU D 71 8.26 -47.03 43.55
C LEU D 71 8.49 -46.06 44.70
N THR D 72 9.73 -45.94 45.16
CA THR D 72 10.02 -45.03 46.27
C THR D 72 9.73 -43.58 45.89
N VAL D 73 10.17 -43.16 44.69
CA VAL D 73 9.98 -41.78 44.30
C VAL D 73 8.50 -41.47 44.07
N PHE D 74 7.75 -42.43 43.51
CA PHE D 74 6.33 -42.18 43.31
C PHE D 74 5.56 -42.18 44.62
N THR D 75 5.97 -43.02 45.59
CA THR D 75 5.36 -42.94 46.91
C THR D 75 5.67 -41.61 47.58
N ARG D 76 6.89 -41.09 47.39
CA ARG D 76 7.23 -39.79 47.93
C ARG D 76 6.40 -38.68 47.29
N LEU D 77 6.20 -38.74 45.97
CA LEU D 77 5.34 -37.78 45.31
C LEU D 77 3.90 -37.88 45.79
N LYS D 78 3.42 -39.10 46.02
CA LYS D 78 2.08 -39.28 46.59
C LYS D 78 1.99 -38.65 47.97
N GLU D 79 3.01 -38.86 48.81
CA GLU D 79 3.01 -38.29 50.14
C GLU D 79 3.01 -36.77 50.09
N GLN D 80 3.77 -36.19 49.16
CA GLN D 80 3.81 -34.74 49.00
C GLN D 80 2.61 -34.19 48.25
N ALA D 81 1.77 -35.04 47.67
CA ALA D 81 0.63 -34.61 46.87
C ALA D 81 -0.71 -34.82 47.56
N VAL D 82 -0.74 -35.47 48.72
CA VAL D 82 -1.99 -35.69 49.44
C VAL D 82 -2.28 -34.50 50.35
N ALA D 83 -1.53 -33.41 50.15
CA ALA D 83 -1.71 -32.19 50.94
C ALA D 83 -3.01 -31.46 50.63
N GLN D 84 -3.87 -32.03 49.79
CA GLN D 84 -5.18 -31.47 49.43
C GLN D 84 -5.01 -30.22 48.57
N GLN D 85 -3.77 -29.81 48.33
CA GLN D 85 -3.52 -28.70 47.40
C GLN D 85 -3.83 -29.10 45.97
N ASP D 86 -3.94 -30.39 45.68
CA ASP D 86 -4.26 -30.87 44.34
C ASP D 86 -4.87 -32.26 44.45
N LEU D 87 -5.58 -32.66 43.39
CA LEU D 87 -6.15 -33.99 43.22
C LEU D 87 -6.94 -34.46 44.44
N ALA D 88 -7.12 -35.77 44.57
CA ALA D 88 -7.78 -36.36 45.73
C ALA D 88 -7.25 -37.77 45.92
N ASP D 89 -7.45 -38.30 47.13
CA ASP D 89 -6.95 -39.63 47.48
C ASP D 89 -8.01 -40.66 47.12
N ASP D 90 -7.90 -41.24 45.93
CA ASP D 90 -8.83 -42.26 45.47
C ASP D 90 -8.19 -43.40 44.72
N PHE D 91 -6.87 -43.44 44.61
CA PHE D 91 -6.15 -44.40 43.77
C PHE D 91 -5.19 -45.22 44.63
N SER D 92 -4.41 -46.06 43.95
CA SER D 92 -3.34 -46.82 44.61
C SER D 92 -2.26 -47.13 43.59
N ILE D 93 -1.08 -47.47 44.09
CA ILE D 93 0.09 -47.75 43.26
C ILE D 93 0.50 -49.18 43.49
N LEU D 94 0.68 -49.94 42.41
CA LEU D 94 1.12 -51.32 42.50
C LEU D 94 2.40 -51.52 41.71
N ARG D 95 3.25 -52.43 42.18
CA ARG D 95 4.56 -52.69 41.59
C ARG D 95 4.55 -54.08 40.99
N PHE D 96 4.66 -54.17 39.68
CA PHE D 96 4.65 -55.44 38.95
C PHE D 96 6.03 -55.62 38.33
N ASP D 97 6.95 -56.20 39.10
CA ASP D 97 8.33 -56.34 38.65
C ASP D 97 8.54 -57.69 37.97
N ARG D 98 9.70 -57.83 37.33
CA ARG D 98 10.02 -59.04 36.59
C ARG D 98 10.19 -60.24 37.52
N ASP D 99 10.64 -60.01 38.76
CA ASP D 99 10.93 -61.11 39.66
C ASP D 99 9.68 -61.90 40.04
N GLN D 100 8.56 -61.22 40.27
CA GLN D 100 7.40 -61.88 40.84
C GLN D 100 6.75 -62.86 39.86
N HIS D 101 6.67 -62.50 38.58
CA HIS D 101 5.97 -63.29 37.59
C HIS D 101 6.89 -63.59 36.41
N GLN D 102 6.53 -64.62 35.65
CA GLN D 102 7.25 -64.93 34.43
C GLN D 102 6.92 -63.87 33.38
N VAL D 103 7.74 -62.82 33.31
CA VAL D 103 7.38 -61.61 32.58
C VAL D 103 8.68 -60.88 32.25
N GLY D 104 8.59 -59.91 31.34
CA GLY D 104 9.76 -59.17 30.90
C GLY D 104 9.97 -57.88 31.66
N TRP D 105 9.64 -56.76 31.04
CA TRP D 105 9.84 -55.46 31.68
C TRP D 105 9.04 -55.34 32.96
N SER D 106 9.55 -54.54 33.89
CA SER D 106 8.82 -54.23 35.11
C SER D 106 7.91 -53.02 34.90
N SER D 107 6.99 -52.80 35.84
CA SER D 107 6.01 -51.75 35.67
C SER D 107 5.55 -51.23 37.03
N LEU D 108 5.05 -50.00 37.02
CA LEU D 108 4.50 -49.31 38.19
C LEU D 108 3.10 -48.83 37.80
N VAL D 109 2.09 -49.63 38.15
CA VAL D 109 0.76 -49.38 37.62
C VAL D 109 -0.09 -48.62 38.63
N ILE D 110 -1.14 -47.97 38.11
CA ILE D 110 -2.08 -47.21 38.92
C ILE D 110 -3.37 -48.02 39.00
N ALA D 111 -4.10 -47.83 40.09
CA ALA D 111 -5.37 -48.53 40.30
C ALA D 111 -6.42 -47.55 40.80
N LYS D 112 -7.62 -47.62 40.20
CA LYS D 112 -8.75 -46.78 40.57
C LYS D 112 -10.02 -47.60 40.40
N GLN D 113 -10.71 -47.86 41.50
CA GLN D 113 -11.83 -48.80 41.53
C GLN D 113 -13.16 -48.04 41.58
N ILE D 114 -14.05 -48.34 40.64
CA ILE D 114 -15.38 -47.76 40.58
C ILE D 114 -16.37 -48.90 40.32
N SER D 115 -17.52 -48.84 40.99
CA SER D 115 -18.48 -49.94 41.01
C SER D 115 -19.86 -49.46 40.56
N LEU D 116 -19.89 -48.76 39.43
CA LEU D 116 -21.17 -48.32 38.85
C LEU D 116 -22.03 -49.53 38.51
N ASN D 117 -23.29 -49.49 38.95
CA ASN D 117 -24.23 -50.61 38.80
C ASN D 117 -23.65 -51.88 39.38
N GLY D 118 -23.03 -51.77 40.55
CA GLY D 118 -22.29 -52.89 41.10
C GLY D 118 -21.10 -53.21 40.22
N GLN D 119 -20.66 -54.48 40.29
CA GLN D 119 -19.59 -55.00 39.44
C GLN D 119 -18.41 -54.02 39.39
N PRO D 120 -17.62 -53.91 40.45
CA PRO D 120 -16.51 -52.97 40.45
C PRO D 120 -15.57 -53.21 39.27
N VAL D 121 -15.22 -52.13 38.58
CA VAL D 121 -14.31 -52.20 37.45
C VAL D 121 -13.02 -51.48 37.79
N ILE D 122 -11.94 -52.25 37.94
CA ILE D 122 -10.65 -51.68 38.29
C ILE D 122 -9.98 -51.15 37.02
N ALA D 123 -9.46 -49.94 37.08
CA ALA D 123 -8.83 -49.29 35.95
C ALA D 123 -7.33 -49.16 36.18
N VAL D 124 -6.55 -49.39 35.14
CA VAL D 124 -5.09 -49.34 35.22
C VAL D 124 -4.55 -48.51 34.07
N ARG D 125 -3.35 -47.96 34.29
CA ARG D 125 -2.58 -47.30 33.24
C ARG D 125 -1.14 -47.72 33.47
N PRO D 126 -0.70 -48.82 32.85
CA PRO D 126 0.64 -49.34 33.13
C PRO D 126 1.72 -48.33 32.75
N LEU D 127 2.74 -48.25 33.59
CA LEU D 127 3.89 -47.39 33.37
C LEU D 127 5.11 -48.29 33.19
N ILE D 128 5.40 -48.62 31.94
CA ILE D 128 6.49 -49.52 31.59
C ILE D 128 7.80 -48.94 32.13
N LEU D 129 8.68 -49.81 32.63
CA LEU D 129 9.92 -49.40 33.27
C LEU D 129 11.08 -50.08 32.56
N PRO D 130 11.48 -49.58 31.39
CA PRO D 130 12.66 -50.13 30.73
C PRO D 130 13.92 -49.84 31.52
N ASN D 131 14.90 -50.73 31.37
CA ASN D 131 16.14 -50.67 32.13
C ASN D 131 17.33 -50.70 31.19
N ASN D 132 18.43 -50.08 31.65
CA ASN D 132 19.68 -50.05 30.90
C ASN D 132 20.77 -50.86 31.59
N SER D 133 20.38 -51.86 32.39
CA SER D 133 21.35 -52.68 33.10
C SER D 133 21.00 -54.16 33.10
N ILE D 134 20.05 -54.60 32.27
CA ILE D 134 19.64 -56.00 32.20
C ILE D 134 19.46 -56.40 30.75
N GLU D 135 19.28 -57.70 30.53
CA GLU D 135 19.06 -58.23 29.20
C GLU D 135 17.71 -57.76 28.65
N LEU D 136 17.70 -57.39 27.38
CA LEU D 136 16.50 -56.80 26.77
C LEU D 136 15.32 -57.76 26.73
N PRO D 137 15.44 -59.01 26.25
CA PRO D 137 14.23 -59.85 26.26
C PRO D 137 13.94 -60.44 27.63
N ASP D 155 15.96 -57.75 19.23
CA ASP D 155 15.87 -56.40 19.78
C ASP D 155 14.42 -56.04 20.07
N ILE D 156 13.85 -56.64 21.12
CA ILE D 156 12.47 -56.39 21.48
C ILE D 156 12.31 -54.95 21.95
N ASP D 157 11.18 -54.34 21.64
CA ASP D 157 10.88 -52.97 22.00
C ASP D 157 9.75 -52.93 23.02
N VAL D 158 9.40 -51.71 23.44
CA VAL D 158 8.34 -51.55 24.44
C VAL D 158 6.99 -51.98 23.88
N GLY D 159 6.77 -51.75 22.59
CA GLY D 159 5.51 -52.15 21.99
C GLY D 159 5.33 -53.66 21.94
N THR D 160 6.41 -54.39 21.66
CA THR D 160 6.31 -55.83 21.47
C THR D 160 6.10 -56.56 22.80
N VAL D 161 6.77 -56.10 23.86
CA VAL D 161 6.67 -56.81 25.14
C VAL D 161 5.26 -56.75 25.71
N PHE D 162 4.56 -55.65 25.50
CA PHE D 162 3.19 -55.47 25.99
C PHE D 162 2.16 -55.91 24.95
N SER D 163 2.34 -57.11 24.39
CA SER D 163 1.42 -57.56 23.34
C SER D 163 0.17 -58.21 23.91
N ALA D 164 0.32 -59.40 24.50
CA ALA D 164 -0.84 -60.08 25.08
C ALA D 164 -0.59 -60.63 26.47
N GLN D 165 0.60 -61.18 26.74
CA GLN D 165 0.84 -61.84 28.01
C GLN D 165 1.08 -60.84 29.13
N TYR D 166 1.74 -59.72 28.81
CA TYR D 166 1.92 -58.66 29.80
C TYR D 166 0.57 -58.22 30.37
N PHE D 167 -0.40 -57.96 29.49
CA PHE D 167 -1.70 -57.49 29.94
C PHE D 167 -2.43 -58.56 30.75
N ASN D 168 -2.35 -59.81 30.33
CA ASN D 168 -3.02 -60.87 31.07
C ASN D 168 -2.44 -61.02 32.48
N ARG D 169 -1.11 -61.02 32.58
CA ARG D 169 -0.47 -61.13 33.89
C ARG D 169 -0.81 -59.92 34.76
N LEU D 170 -0.80 -58.72 34.17
CA LEU D 170 -1.15 -57.52 34.93
C LEU D 170 -2.60 -57.57 35.40
N SER D 171 -3.50 -58.06 34.55
CA SER D 171 -4.91 -58.18 34.93
C SER D 171 -5.08 -59.16 36.08
N THR D 172 -4.39 -60.29 36.03
CA THR D 172 -4.45 -61.23 37.14
C THR D 172 -3.90 -60.61 38.42
N TYR D 173 -2.78 -59.90 38.31
CA TYR D 173 -2.16 -59.27 39.48
C TYR D 173 -3.11 -58.27 40.13
N VAL D 174 -3.74 -57.42 39.31
CA VAL D 174 -4.65 -56.43 39.87
C VAL D 174 -5.96 -57.07 40.32
N GLN D 175 -6.31 -58.23 39.77
CA GLN D 175 -7.54 -58.91 40.16
C GLN D 175 -7.42 -59.57 41.53
N ASN D 176 -6.30 -60.24 41.80
CA ASN D 176 -6.22 -61.02 43.03
C ASN D 176 -5.70 -60.20 44.22
N THR D 177 -4.57 -59.51 44.04
CA THR D 177 -3.95 -58.82 45.17
C THR D 177 -4.74 -57.62 45.65
N LEU D 178 -5.61 -57.05 44.81
CA LEU D 178 -6.42 -55.92 45.25
C LEU D 178 -7.47 -56.34 46.28
N GLY D 179 -7.93 -57.58 46.21
CA GLY D 179 -8.94 -58.08 47.12
C GLY D 179 -10.35 -58.10 46.58
N LYS D 180 -10.55 -57.79 45.31
CA LYS D 180 -11.87 -57.79 44.69
C LYS D 180 -11.82 -58.59 43.39
N PRO D 181 -11.78 -59.91 43.49
CA PRO D 181 -11.75 -60.74 42.27
C PRO D 181 -13.05 -60.63 41.50
N GLY D 182 -12.95 -60.80 40.18
CA GLY D 182 -14.10 -60.72 39.31
C GLY D 182 -14.41 -59.32 38.85
N ALA D 183 -13.42 -58.65 38.27
CA ALA D 183 -13.55 -57.28 37.79
C ALA D 183 -13.09 -57.19 36.33
N LYS D 184 -13.33 -56.03 35.73
CA LYS D 184 -12.89 -55.76 34.37
C LYS D 184 -11.72 -54.78 34.38
N VAL D 185 -11.13 -54.60 33.21
CA VAL D 185 -10.01 -53.67 33.02
C VAL D 185 -10.27 -52.85 31.78
N VAL D 186 -9.67 -51.66 31.74
CA VAL D 186 -9.90 -50.72 30.65
C VAL D 186 -8.62 -50.30 29.94
N LEU D 187 -7.45 -50.40 30.57
CA LEU D 187 -6.17 -50.05 29.95
C LEU D 187 -6.17 -48.59 29.47
N ALA D 188 -6.22 -47.69 30.46
CA ALA D 188 -6.37 -46.26 30.20
C ALA D 188 -5.06 -45.66 29.71
N GLY D 189 -4.71 -46.01 28.47
CA GLY D 189 -3.60 -45.37 27.78
C GLY D 189 -2.26 -45.60 28.43
N PRO D 190 -1.73 -46.83 28.34
CA PRO D 190 -0.43 -47.12 28.95
C PRO D 190 0.67 -46.24 28.38
N PHE D 191 1.58 -45.82 29.26
CA PHE D 191 2.66 -44.91 28.88
C PHE D 191 3.98 -45.49 29.37
N PRO D 192 4.96 -45.69 28.49
CA PRO D 192 6.28 -46.13 28.96
C PRO D 192 7.20 -44.95 29.26
N ILE D 193 7.78 -44.93 30.46
CA ILE D 193 8.75 -43.89 30.80
C ILE D 193 10.07 -44.18 30.09
N PRO D 194 10.78 -43.18 29.58
CA PRO D 194 12.10 -43.45 29.00
C PRO D 194 13.07 -43.98 30.05
N ALA D 195 13.89 -44.94 29.66
CA ALA D 195 14.85 -45.54 30.58
C ALA D 195 16.04 -44.63 30.86
N ASP D 196 16.42 -43.79 29.89
CA ASP D 196 17.63 -42.98 30.04
C ASP D 196 17.49 -41.94 31.15
N LEU D 197 16.26 -41.52 31.45
CA LEU D 197 16.06 -40.48 32.46
C LEU D 197 16.39 -41.01 33.85
N VAL D 198 17.09 -40.19 34.62
CA VAL D 198 17.36 -40.48 36.02
C VAL D 198 16.29 -39.81 36.87
N LEU D 199 15.73 -40.56 37.82
CA LEU D 199 14.56 -40.13 38.56
C LEU D 199 14.90 -39.32 39.81
N LYS D 200 16.19 -39.19 40.16
CA LYS D 200 16.56 -38.46 41.36
C LYS D 200 16.25 -36.97 41.24
N ASP D 201 16.48 -36.39 40.06
CA ASP D 201 16.36 -34.95 39.84
C ASP D 201 15.33 -34.64 38.75
N SER D 202 14.21 -35.35 38.75
CA SER D 202 13.13 -35.15 37.79
C SER D 202 11.78 -35.13 38.50
N GLU D 203 11.70 -34.37 39.59
CA GLU D 203 10.51 -34.39 40.44
C GLU D 203 9.28 -33.89 39.70
N LEU D 204 9.38 -32.72 39.06
CA LEU D 204 8.19 -32.11 38.48
C LEU D 204 7.69 -32.86 37.25
N GLN D 205 8.60 -33.42 36.44
CA GLN D 205 8.16 -34.23 35.31
C GLN D 205 7.38 -35.45 35.78
N LEU D 206 7.89 -36.12 36.82
CA LEU D 206 7.19 -37.30 37.35
C LEU D 206 5.86 -36.90 37.97
N ARG D 207 5.80 -35.75 38.64
CA ARG D 207 4.52 -35.29 39.20
C ARG D 207 3.51 -35.02 38.09
N ASN D 208 3.96 -34.38 37.00
CA ASN D 208 3.07 -34.16 35.86
C ASN D 208 2.60 -35.47 35.26
N LEU D 209 3.51 -36.44 35.14
CA LEU D 209 3.12 -37.75 34.62
C LEU D 209 2.08 -38.41 35.51
N LEU D 210 2.28 -38.34 36.83
CA LEU D 210 1.33 -38.95 37.75
C LEU D 210 -0.04 -38.29 37.67
N ILE D 211 -0.07 -36.95 37.63
CA ILE D 211 -1.35 -36.27 37.60
C ILE D 211 -2.06 -36.53 36.27
N LYS D 212 -1.33 -36.56 35.17
CA LYS D 212 -1.96 -36.86 33.89
C LYS D 212 -2.45 -38.30 33.82
N SER D 213 -1.69 -39.24 34.42
CA SER D 213 -2.12 -40.63 34.45
C SER D 213 -3.41 -40.78 35.24
N VAL D 214 -3.48 -40.16 36.42
CA VAL D 214 -4.70 -40.23 37.23
C VAL D 214 -5.86 -39.57 36.50
N ASN D 215 -5.59 -38.44 35.83
CA ASN D 215 -6.64 -37.74 35.10
C ASN D 215 -7.20 -38.59 33.96
N ALA D 216 -6.33 -39.25 33.20
CA ALA D 216 -6.79 -40.12 32.13
C ALA D 216 -7.51 -41.34 32.68
N CYS D 217 -7.04 -41.87 33.82
CA CYS D 217 -7.69 -43.02 34.42
C CYS D 217 -9.11 -42.69 34.86
N ASP D 218 -9.32 -41.49 35.40
CA ASP D 218 -10.68 -41.08 35.76
C ASP D 218 -11.49 -40.75 34.50
N ASP D 219 -10.84 -40.19 33.48
CA ASP D 219 -11.53 -39.80 32.25
C ASP D 219 -12.09 -41.03 31.54
N ILE D 220 -11.33 -42.12 31.48
CA ILE D 220 -11.83 -43.32 30.80
C ILE D 220 -13.04 -43.88 31.55
N LEU D 221 -13.05 -43.76 32.88
CA LEU D 221 -14.24 -44.13 33.63
C LEU D 221 -15.39 -43.18 33.36
N ALA D 222 -15.08 -41.93 33.01
CA ALA D 222 -16.12 -41.01 32.55
C ALA D 222 -16.65 -41.39 31.17
N LEU D 223 -16.02 -42.35 30.49
CA LEU D 223 -16.48 -42.85 29.21
C LEU D 223 -17.22 -44.17 29.33
N HIS D 224 -16.65 -45.14 30.05
CA HIS D 224 -17.29 -46.44 30.23
C HIS D 224 -18.20 -46.44 31.46
N SER D 225 -19.05 -45.42 31.55
CA SER D 225 -20.08 -45.37 32.58
C SER D 225 -21.43 -44.87 32.08
N GLY D 226 -21.48 -44.14 30.97
CA GLY D 226 -22.70 -43.50 30.51
C GLY D 226 -22.69 -42.04 30.90
N GLU D 227 -22.32 -41.18 29.96
CA GLU D 227 -22.11 -39.77 30.27
C GLU D 227 -22.40 -38.93 29.04
N ARG D 228 -22.65 -37.66 29.27
CA ARG D 228 -22.89 -36.73 28.18
C ARG D 228 -21.59 -36.49 27.43
N PRO D 229 -21.53 -36.76 26.12
CA PRO D 229 -20.31 -36.51 25.37
C PRO D 229 -20.16 -35.05 24.98
N PHE D 230 -18.92 -34.67 24.66
CA PHE D 230 -18.63 -33.31 24.23
C PHE D 230 -19.32 -33.03 22.91
N THR D 231 -19.85 -31.81 22.77
CA THR D 231 -20.61 -31.41 21.60
C THR D 231 -20.09 -30.08 21.08
N ILE D 232 -20.50 -29.75 19.85
CA ILE D 232 -20.13 -28.46 19.26
C ILE D 232 -20.80 -27.31 20.01
N ALA D 233 -22.05 -27.53 20.46
CA ALA D 233 -22.76 -26.49 21.20
C ALA D 233 -22.05 -26.13 22.50
N GLY D 234 -21.23 -27.04 23.03
CA GLY D 234 -20.46 -26.74 24.23
C GLY D 234 -19.37 -25.71 24.00
N LEU D 235 -18.98 -25.47 22.74
CA LEU D 235 -17.96 -24.46 22.45
C LEU D 235 -18.45 -23.08 22.85
N LYS D 236 -19.72 -22.78 22.59
CA LYS D 236 -20.26 -21.47 22.94
C LYS D 236 -20.24 -21.23 24.45
N GLY D 237 -20.28 -22.31 25.23
CA GLY D 237 -20.26 -22.16 26.68
C GLY D 237 -21.43 -21.41 27.25
N GLN D 238 -22.63 -21.66 26.71
CA GLN D 238 -23.87 -20.98 27.14
C GLN D 238 -23.76 -19.47 27.00
N GLN D 239 -23.05 -19.01 25.97
CA GLN D 239 -22.91 -17.58 25.72
C GLN D 239 -22.46 -17.39 24.27
N GLY D 240 -22.50 -16.14 23.83
CA GLY D 240 -22.11 -15.80 22.48
C GLY D 240 -20.61 -15.66 22.30
N GLU D 241 -19.91 -16.79 22.23
CA GLU D 241 -18.46 -16.81 22.10
C GLU D 241 -18.06 -17.29 20.71
N THR D 242 -17.01 -16.70 20.17
CA THR D 242 -16.51 -17.01 18.84
C THR D 242 -15.11 -17.60 18.94
N LEU D 243 -14.81 -18.50 17.99
CA LEU D 243 -13.53 -19.18 17.93
C LEU D 243 -12.66 -18.59 16.82
N ALA D 244 -11.40 -19.02 16.80
CA ALA D 244 -10.47 -18.61 15.76
C ALA D 244 -9.29 -19.58 15.76
N ALA D 245 -8.53 -19.54 14.68
CA ALA D 245 -7.37 -20.41 14.50
C ALA D 245 -6.19 -19.59 13.99
N LYS D 246 -4.98 -20.08 14.28
CA LYS D 246 -3.78 -19.45 13.79
C LYS D 246 -2.70 -20.50 13.62
N VAL D 247 -1.71 -20.17 12.79
CA VAL D 247 -0.62 -21.09 12.46
C VAL D 247 0.69 -20.43 12.86
N ASP D 248 1.52 -21.16 13.61
CA ASP D 248 2.80 -20.67 14.06
C ASP D 248 3.91 -21.58 13.56
N ILE D 249 5.01 -20.97 13.14
CA ILE D 249 6.19 -21.67 12.65
C ILE D 249 7.26 -21.58 13.74
N ARG D 250 7.69 -22.74 14.25
CA ARG D 250 8.66 -22.79 15.32
C ARG D 250 9.92 -23.52 14.85
N THR D 251 10.94 -23.44 15.69
CA THR D 251 12.20 -24.16 15.49
C THR D 251 12.55 -25.08 16.64
N GLN D 252 12.26 -24.66 17.87
CA GLN D 252 12.48 -25.52 19.02
C GLN D 252 11.42 -26.62 19.05
N PRO D 253 11.81 -27.89 19.05
CA PRO D 253 10.82 -28.97 19.02
C PRO D 253 9.96 -28.98 20.29
N LEU D 254 8.72 -29.42 20.12
CA LEU D 254 7.81 -29.53 21.26
C LEU D 254 8.23 -30.69 22.16
N HIS D 255 7.84 -30.58 23.43
CA HIS D 255 8.14 -31.58 24.44
C HIS D 255 6.84 -32.10 25.03
N ASP D 256 6.69 -33.42 25.10
CA ASP D 256 5.53 -34.03 25.73
C ASP D 256 5.72 -34.01 27.26
N THR D 257 4.90 -34.78 27.96
CA THR D 257 4.92 -34.76 29.43
C THR D 257 6.32 -35.05 29.97
N VAL D 258 6.93 -36.13 29.49
CA VAL D 258 8.30 -36.47 29.87
C VAL D 258 9.24 -35.65 28.99
N GLY D 259 10.53 -35.65 29.31
CA GLY D 259 11.49 -34.84 28.58
C GLY D 259 11.73 -35.23 27.14
N ASN D 260 11.01 -36.22 26.62
CA ASN D 260 11.18 -36.62 25.24
C ASN D 260 10.72 -35.52 24.29
N PRO D 261 11.48 -35.19 23.26
CA PRO D 261 11.04 -34.18 22.29
C PRO D 261 10.34 -34.81 21.09
N ILE D 262 9.53 -33.98 20.43
CA ILE D 262 8.80 -34.38 19.24
C ILE D 262 9.07 -33.35 18.15
N ARG D 263 9.43 -33.82 16.95
CA ARG D 263 9.68 -32.91 15.84
C ARG D 263 8.38 -32.22 15.45
N ALA D 264 8.41 -30.89 15.44
CA ALA D 264 7.21 -30.11 15.14
C ALA D 264 7.63 -28.70 14.74
N ASP D 265 7.33 -28.32 13.50
CA ASP D 265 7.66 -26.99 13.01
C ASP D 265 6.43 -26.19 12.57
N ILE D 266 5.27 -26.83 12.42
CA ILE D 266 4.02 -26.13 12.14
C ILE D 266 3.04 -26.49 13.25
N VAL D 267 2.60 -25.49 14.01
CA VAL D 267 1.61 -25.71 15.05
C VAL D 267 0.37 -24.90 14.70
N VAL D 268 -0.76 -25.58 14.59
CA VAL D 268 -2.04 -24.94 14.35
C VAL D 268 -2.79 -24.90 15.69
N THR D 269 -3.06 -23.70 16.17
CA THR D 269 -3.70 -23.50 17.46
C THR D 269 -5.08 -22.90 17.25
N THR D 270 -6.09 -23.52 17.83
CA THR D 270 -7.45 -23.02 17.82
C THR D 270 -7.83 -22.59 19.23
N GLN D 271 -8.32 -21.36 19.35
CA GLN D 271 -8.65 -20.76 20.63
C GLN D 271 -9.83 -19.82 20.44
N ARG D 272 -10.54 -19.56 21.53
CA ARG D 272 -11.65 -18.61 21.49
C ARG D 272 -11.12 -17.19 21.59
N VAL D 273 -11.83 -16.27 20.94
CA VAL D 273 -11.47 -14.86 20.90
C VAL D 273 -12.57 -14.05 21.55
N ARG D 274 -12.22 -13.25 22.54
CA ARG D 274 -13.18 -12.44 23.28
C ARG D 274 -13.51 -11.19 22.48
N ARG D 275 -14.79 -10.98 22.19
CA ARG D 275 -15.26 -9.83 21.44
C ARG D 275 -16.06 -8.87 22.31
N ASN D 276 -15.80 -8.88 23.63
CA ASN D 276 -16.51 -8.02 24.57
C ASN D 276 -15.86 -6.66 24.75
N GLY D 277 -15.10 -6.20 23.75
CA GLY D 277 -14.43 -4.92 23.82
C GLY D 277 -13.01 -4.97 24.34
N GLN D 278 -12.54 -6.13 24.81
CA GLN D 278 -11.18 -6.30 25.32
C GLN D 278 -10.90 -5.32 26.47
N GLN D 279 -11.64 -5.50 27.55
CA GLN D 279 -11.57 -4.61 28.70
C GLN D 279 -11.31 -5.42 29.97
N GLU D 280 -10.81 -4.73 30.99
CA GLU D 280 -10.37 -5.21 32.30
C GLU D 280 -9.38 -6.36 32.21
N ASN D 281 -8.77 -6.58 31.04
CA ASN D 281 -7.65 -7.51 30.93
C ASN D 281 -6.74 -7.02 29.79
N GLU D 282 -5.74 -6.25 30.13
CA GLU D 282 -4.78 -5.75 29.15
C GLU D 282 -3.58 -6.70 29.11
N PHE D 283 -3.38 -7.33 27.95
CA PHE D 283 -2.24 -8.21 27.71
C PHE D 283 -2.25 -9.40 28.66
N TYR D 284 -3.45 -9.85 29.03
CA TYR D 284 -3.62 -11.00 29.91
C TYR D 284 -4.08 -12.20 29.10
N GLU D 285 -3.34 -13.30 29.21
CA GLU D 285 -3.61 -14.47 28.38
C GLU D 285 -4.88 -15.21 28.82
N THR D 286 -5.21 -15.13 30.11
CA THR D 286 -6.42 -15.76 30.68
C THR D 286 -6.30 -17.25 30.42
N ASP D 287 -7.33 -17.91 29.89
CA ASP D 287 -7.23 -19.29 29.41
C ASP D 287 -8.23 -19.45 28.27
N VAL D 288 -7.75 -19.26 27.05
CA VAL D 288 -8.61 -19.28 25.87
C VAL D 288 -8.19 -20.35 24.87
N LYS D 289 -7.02 -20.97 25.03
CA LYS D 289 -6.56 -21.96 24.06
C LYS D 289 -7.44 -23.21 24.13
N LEU D 290 -8.09 -23.54 23.02
CA LEU D 290 -8.85 -24.79 22.95
C LEU D 290 -7.92 -25.97 22.71
N ASN D 291 -7.24 -25.99 21.56
CA ASN D 291 -6.36 -27.12 21.29
C ASN D 291 -5.37 -26.78 20.19
N GLN D 292 -4.24 -27.47 20.22
CA GLN D 292 -3.17 -27.27 19.25
C GLN D 292 -2.78 -28.60 18.63
N VAL D 293 -2.37 -28.55 17.36
CA VAL D 293 -1.86 -29.72 16.64
C VAL D 293 -0.51 -29.37 16.04
N ALA D 294 0.47 -30.26 16.24
CA ALA D 294 1.84 -30.02 15.82
C ALA D 294 2.24 -31.05 14.77
N MET D 295 2.80 -30.55 13.66
CA MET D 295 3.06 -31.38 12.49
C MET D 295 4.19 -30.77 11.68
N PHE D 296 4.78 -31.59 10.82
CA PHE D 296 5.85 -31.20 9.93
C PHE D 296 5.52 -31.63 8.51
N THR D 297 6.42 -31.33 7.58
CA THR D 297 6.20 -31.61 6.16
C THR D 297 7.28 -32.56 5.65
N ASN D 298 6.87 -33.58 4.92
CA ASN D 298 7.77 -34.55 4.31
C ASN D 298 7.56 -34.56 2.80
N LEU D 299 8.66 -34.76 2.07
CA LEU D 299 8.64 -34.73 0.61
C LEU D 299 8.91 -36.14 0.08
N GLU D 300 7.87 -36.77 -0.44
CA GLU D 300 8.01 -38.06 -1.11
C GLU D 300 8.28 -37.84 -2.59
N ARG D 301 8.43 -38.93 -3.34
CA ARG D 301 8.70 -38.86 -4.76
C ARG D 301 7.94 -39.97 -5.48
N THR D 302 7.66 -39.73 -6.76
CA THR D 302 6.94 -40.67 -7.60
C THR D 302 7.76 -40.96 -8.85
N PRO D 303 7.61 -42.17 -9.43
CA PRO D 303 8.27 -42.58 -10.66
C PRO D 303 8.16 -41.55 -11.78
N PRO D 320 4.36 -34.14 -14.76
CA PRO D 320 4.01 -33.10 -13.80
C PRO D 320 5.14 -32.83 -12.81
N ALA D 321 4.79 -32.34 -11.63
CA ALA D 321 5.77 -32.14 -10.58
C ALA D 321 6.15 -33.48 -9.96
N PRO D 322 7.42 -33.87 -9.97
CA PRO D 322 7.79 -35.19 -9.44
C PRO D 322 7.58 -35.30 -7.93
N TRP D 323 8.10 -34.34 -7.18
CA TRP D 323 7.96 -34.36 -5.73
C TRP D 323 6.51 -34.08 -5.34
N VAL D 324 6.00 -34.87 -4.40
CA VAL D 324 4.65 -34.68 -3.86
C VAL D 324 4.79 -34.36 -2.38
N ALA D 325 4.14 -33.27 -1.96
CA ALA D 325 4.21 -32.87 -0.56
C ALA D 325 3.41 -33.81 0.33
N SER D 326 3.84 -33.91 1.58
CA SER D 326 3.16 -34.74 2.55
C SER D 326 3.27 -34.08 3.92
N VAL D 327 2.17 -34.08 4.65
CA VAL D 327 2.10 -33.50 5.99
C VAL D 327 1.80 -34.62 6.97
N VAL D 328 2.67 -34.79 7.96
CA VAL D 328 2.56 -35.86 8.94
C VAL D 328 2.17 -35.25 10.28
N ILE D 329 1.00 -35.62 10.78
CA ILE D 329 0.52 -35.14 12.06
C ILE D 329 1.23 -35.91 13.17
N THR D 330 1.90 -35.20 14.06
CA THR D 330 2.71 -35.82 15.11
C THR D 330 2.10 -35.65 16.49
N ASP D 331 1.83 -34.42 16.90
CA ASP D 331 1.24 -34.15 18.22
C ASP D 331 -0.19 -33.68 18.04
N VAL D 332 -1.10 -34.26 18.82
CA VAL D 332 -2.53 -34.01 18.67
C VAL D 332 -3.10 -33.61 20.03
N ARG D 333 -2.23 -33.47 21.02
CA ARG D 333 -2.69 -33.16 22.37
C ARG D 333 -3.35 -31.79 22.42
N ASN D 334 -4.36 -31.68 23.28
CA ASN D 334 -5.10 -30.44 23.46
C ASN D 334 -4.44 -29.54 24.50
N ALA D 335 -4.98 -28.34 24.64
CA ALA D 335 -4.36 -27.31 25.46
C ALA D 335 -4.38 -27.69 26.94
N ASP D 336 -3.44 -27.11 27.68
CA ASP D 336 -3.32 -27.40 29.11
C ASP D 336 -4.51 -26.87 29.91
N GLY D 337 -5.25 -25.90 29.37
CA GLY D 337 -6.40 -25.37 30.10
C GLY D 337 -7.44 -26.44 30.38
N ILE D 338 -7.78 -27.24 29.38
CA ILE D 338 -8.63 -28.39 29.58
C ILE D 338 -7.82 -29.52 30.20
N GLN D 339 -8.46 -30.30 31.06
CA GLN D 339 -7.82 -31.41 31.74
C GLN D 339 -8.44 -32.75 31.38
N ALA D 340 -9.46 -32.78 30.54
CA ALA D 340 -10.13 -34.01 30.14
C ALA D 340 -9.78 -34.34 28.69
N ASN D 341 -9.32 -35.56 28.45
CA ASN D 341 -8.98 -36.03 27.11
C ASN D 341 -10.09 -36.97 26.65
N THR D 342 -10.95 -36.48 25.77
CA THR D 342 -12.11 -37.20 25.26
C THR D 342 -11.99 -37.33 23.74
N PRO D 343 -12.69 -38.31 23.15
CA PRO D 343 -12.58 -38.49 21.68
C PRO D 343 -12.96 -37.24 20.90
N GLU D 344 -13.91 -36.46 21.41
CA GLU D 344 -14.34 -35.26 20.69
C GLU D 344 -13.23 -34.24 20.59
N MET D 345 -12.42 -34.09 21.65
CA MET D 345 -11.24 -33.24 21.56
C MET D 345 -10.29 -33.73 20.47
N TYR D 346 -10.10 -35.05 20.39
CA TYR D 346 -9.21 -35.62 19.38
C TYR D 346 -9.72 -35.30 17.97
N TRP D 347 -11.01 -35.48 17.73
CA TRP D 347 -11.54 -35.21 16.40
C TRP D 347 -11.58 -33.72 16.09
N PHE D 348 -11.80 -32.88 17.12
CA PHE D 348 -11.66 -31.45 16.93
C PHE D 348 -10.25 -31.09 16.51
N ALA D 349 -9.25 -31.70 17.14
CA ALA D 349 -7.86 -31.44 16.77
C ALA D 349 -7.56 -31.91 15.35
N LEU D 350 -8.08 -33.07 14.95
CA LEU D 350 -7.89 -33.51 13.58
C LEU D 350 -8.56 -32.56 12.59
N SER D 351 -9.75 -32.07 12.92
CA SER D 351 -10.40 -31.07 12.08
C SER D 351 -9.56 -29.81 11.98
N ASN D 352 -8.94 -29.40 13.09
CA ASN D 352 -8.07 -28.23 13.08
C ASN D 352 -6.84 -28.47 12.19
N ALA D 353 -6.31 -29.68 12.20
CA ALA D 353 -5.06 -29.97 11.49
C ALA D 353 -5.21 -29.77 9.99
N PHE D 354 -6.42 -29.87 9.45
CA PHE D 354 -6.60 -29.66 8.01
C PHE D 354 -6.42 -28.21 7.63
N ARG D 355 -6.65 -27.29 8.57
CA ARG D 355 -6.59 -25.86 8.25
C ARG D 355 -5.16 -25.40 8.08
N SER D 356 -4.45 -26.00 7.13
CA SER D 356 -3.11 -25.57 6.75
C SER D 356 -2.89 -25.46 5.26
N THR D 357 -3.69 -26.15 4.44
CA THR D 357 -3.59 -25.98 2.99
C THR D 357 -4.07 -24.61 2.55
N HIS D 358 -4.78 -23.89 3.41
CA HIS D 358 -5.20 -22.53 3.09
C HIS D 358 -4.01 -21.59 3.16
N GLY D 359 -3.70 -20.93 2.05
CA GLY D 359 -2.53 -20.09 1.98
C GLY D 359 -1.23 -20.83 1.82
N HIS D 360 -1.27 -22.13 1.56
CA HIS D 360 -0.07 -22.97 1.41
C HIS D 360 0.83 -22.87 2.64
N ALA D 361 0.20 -22.85 3.82
CA ALA D 361 0.96 -22.73 5.06
C ALA D 361 1.93 -23.87 5.28
N TRP D 362 1.69 -25.03 4.67
CA TRP D 362 2.62 -26.14 4.80
C TRP D 362 3.94 -25.87 4.09
N ALA D 363 3.98 -24.91 3.18
CA ALA D 363 5.21 -24.56 2.49
C ALA D 363 6.05 -23.54 3.25
N ARG D 364 5.51 -22.96 4.33
CA ARG D 364 6.27 -21.99 5.11
C ARG D 364 7.56 -22.54 5.69
N PRO D 365 7.61 -23.74 6.29
CA PRO D 365 8.89 -24.25 6.81
C PRO D 365 9.96 -24.40 5.73
N PHE D 366 9.55 -24.62 4.47
CA PHE D 366 10.54 -24.72 3.40
C PHE D 366 11.11 -23.36 3.02
N LEU D 367 10.45 -22.28 3.41
CA LEU D 367 10.96 -20.93 3.13
C LEU D 367 12.27 -20.70 3.86
N PRO D 368 13.34 -20.31 3.18
CA PRO D 368 14.58 -19.95 3.88
C PRO D 368 14.37 -18.71 4.75
N MET D 369 15.03 -18.71 5.90
CA MET D 369 15.02 -17.56 6.80
C MET D 369 16.40 -16.91 6.75
N THR D 370 16.42 -15.58 6.64
CA THR D 370 17.68 -14.87 6.46
C THR D 370 18.53 -14.96 7.73
N GLY D 371 19.83 -15.18 7.55
CA GLY D 371 20.78 -15.18 8.64
C GLY D 371 21.17 -16.55 9.17
N VAL D 372 20.47 -17.61 8.80
CA VAL D 372 20.73 -18.94 9.30
C VAL D 372 21.13 -19.84 8.13
N ALA D 373 22.19 -20.60 8.31
CA ALA D 373 22.68 -21.59 7.34
C ALA D 373 22.84 -22.94 8.02
N LYS D 374 21.81 -23.34 8.79
CA LYS D 374 21.88 -24.57 9.58
C LYS D 374 21.94 -25.81 8.70
N ASP D 375 21.59 -25.69 7.42
CA ASP D 375 21.65 -26.77 6.45
C ASP D 375 20.68 -27.89 6.83
N MET D 376 20.69 -28.99 6.05
CA MET D 376 19.82 -30.16 6.17
C MET D 376 18.34 -29.76 6.28
N LYS D 377 18.03 -28.52 5.94
CA LYS D 377 16.66 -28.05 5.83
C LYS D 377 16.44 -27.10 4.67
N ASP D 378 17.46 -26.85 3.85
CA ASP D 378 17.34 -25.90 2.75
C ASP D 378 16.54 -26.51 1.61
N ILE D 379 15.92 -25.63 0.82
CA ILE D 379 15.08 -26.08 -0.28
C ILE D 379 15.90 -26.42 -1.52
N GLY D 380 17.16 -25.96 -1.58
CA GLY D 380 17.96 -26.11 -2.78
C GLY D 380 18.31 -27.55 -3.12
N ALA D 381 18.12 -28.47 -2.18
CA ALA D 381 18.47 -29.87 -2.43
C ALA D 381 17.71 -30.43 -3.62
N LEU D 382 16.49 -29.94 -3.86
CA LEU D 382 15.71 -30.42 -5.00
C LEU D 382 16.46 -30.21 -6.31
N GLY D 383 17.35 -29.22 -6.37
CA GLY D 383 18.13 -28.99 -7.56
C GLY D 383 18.97 -30.20 -7.95
N TRP D 384 19.42 -30.98 -6.98
CA TRP D 384 20.18 -32.19 -7.30
C TRP D 384 19.35 -33.18 -8.10
N MET D 385 18.03 -33.13 -7.96
CA MET D 385 17.15 -34.04 -8.68
C MET D 385 16.43 -33.37 -9.84
N SER D 386 16.86 -32.18 -10.24
CA SER D 386 16.27 -31.48 -11.38
C SER D 386 17.07 -31.81 -12.64
N ALA D 387 16.76 -31.12 -13.74
CA ALA D 387 17.49 -31.35 -14.98
C ALA D 387 18.96 -30.96 -14.83
N LEU D 388 19.22 -29.82 -14.19
CA LEU D 388 20.58 -29.39 -13.91
C LEU D 388 21.03 -29.95 -12.57
N ARG D 389 22.31 -30.30 -12.49
CA ARG D 389 22.89 -30.86 -11.26
C ARG D 389 23.62 -29.75 -10.51
N ASN D 390 22.83 -28.93 -9.82
CA ASN D 390 23.39 -27.83 -9.04
C ASN D 390 22.41 -27.48 -7.92
N ARG D 391 22.95 -26.87 -6.86
CA ARG D 391 22.13 -26.37 -5.77
C ARG D 391 21.84 -24.90 -5.99
N ILE D 392 20.57 -24.52 -5.90
CA ILE D 392 20.19 -23.13 -6.06
C ILE D 392 20.80 -22.29 -4.94
N ASP D 393 21.31 -21.11 -5.29
CA ASP D 393 21.92 -20.21 -4.31
C ASP D 393 20.81 -19.62 -3.45
N THR D 394 20.33 -20.45 -2.52
CA THR D 394 19.15 -20.09 -1.73
C THR D 394 19.43 -18.87 -0.85
N LYS D 395 20.59 -18.82 -0.19
CA LYS D 395 20.88 -17.73 0.72
C LYS D 395 21.24 -16.43 0.00
N ALA D 396 21.52 -16.49 -1.30
CA ALA D 396 21.97 -15.32 -2.02
C ALA D 396 20.84 -14.29 -2.14
N ALA D 397 21.21 -13.10 -2.63
CA ALA D 397 20.23 -12.03 -2.77
C ALA D 397 19.29 -12.27 -3.95
N ASN D 398 19.72 -13.06 -4.93
CA ASN D 398 18.89 -13.34 -6.11
C ASN D 398 17.72 -14.26 -5.81
N PHE D 399 17.71 -14.93 -4.66
CA PHE D 399 16.61 -15.82 -4.28
C PHE D 399 15.62 -15.02 -3.43
N ASP D 400 14.57 -14.53 -4.08
CA ASP D 400 13.55 -13.70 -3.44
C ASP D 400 12.26 -14.50 -3.32
N ASP D 401 11.22 -13.85 -2.76
CA ASP D 401 9.95 -14.54 -2.53
C ASP D 401 9.32 -14.97 -3.84
N ALA D 402 9.37 -14.12 -4.86
CA ALA D 402 8.79 -14.48 -6.16
C ALA D 402 9.52 -15.68 -6.76
N GLN D 403 10.85 -15.69 -6.68
CA GLN D 403 11.61 -16.84 -7.18
C GLN D 403 11.26 -18.10 -6.41
N PHE D 404 11.07 -17.99 -5.10
CA PHE D 404 10.69 -19.13 -4.28
C PHE D 404 9.33 -19.69 -4.70
N GLY D 405 8.34 -18.79 -4.88
CA GLY D 405 7.04 -19.23 -5.33
C GLY D 405 7.07 -19.86 -6.70
N GLN D 406 8.13 -19.53 -7.45
CA GLN D 406 8.32 -20.24 -8.73
C GLN D 406 8.82 -21.64 -8.40
N LEU D 407 9.92 -21.75 -7.64
CA LEU D 407 10.52 -23.07 -7.37
C LEU D 407 9.42 -24.05 -6.95
N MET D 408 8.40 -23.56 -6.25
CA MET D 408 7.34 -24.47 -5.75
C MET D 408 6.43 -24.91 -6.90
N LEU D 409 5.90 -23.98 -7.69
CA LEU D 409 4.95 -24.37 -8.77
C LEU D 409 5.71 -25.25 -9.75
N SER D 410 6.91 -24.81 -10.12
CA SER D 410 7.74 -25.63 -11.01
C SER D 410 7.95 -26.99 -10.36
N GLN D 411 8.30 -27.08 -9.09
CA GLN D 411 8.74 -28.40 -8.53
C GLN D 411 7.68 -29.28 -7.82
N VAL D 412 7.10 -28.87 -6.69
CA VAL D 412 6.21 -29.79 -5.92
C VAL D 412 4.75 -29.67 -6.36
N GLN D 413 4.02 -30.79 -6.47
CA GLN D 413 2.57 -30.66 -6.79
C GLN D 413 1.92 -29.81 -5.71
N PRO D 414 1.00 -28.88 -6.04
CA PRO D 414 0.41 -27.98 -5.03
C PRO D 414 -0.74 -28.59 -4.23
N ASN D 415 -0.77 -29.91 -4.06
CA ASN D 415 -1.79 -30.52 -3.22
C ASN D 415 -1.11 -31.40 -2.17
N PRO D 416 -1.30 -31.13 -0.87
CA PRO D 416 -0.63 -31.95 0.14
C PRO D 416 -1.46 -33.15 0.58
N VAL D 417 -0.86 -34.34 0.54
CA VAL D 417 -1.48 -35.53 1.10
C VAL D 417 -1.25 -35.54 2.60
N PHE D 418 -2.18 -36.13 3.34
CA PHE D 418 -2.17 -36.08 4.80
C PHE D 418 -1.80 -37.44 5.36
N GLN D 419 -0.72 -37.49 6.13
CA GLN D 419 -0.29 -38.67 6.86
C GLN D 419 -0.40 -38.40 8.36
N ILE D 420 -0.17 -39.46 9.14
CA ILE D 420 -0.22 -39.35 10.59
C ILE D 420 0.53 -40.55 11.17
N ASP D 421 1.25 -40.29 12.26
CA ASP D 421 2.08 -41.31 12.91
C ASP D 421 1.32 -41.84 14.11
N LEU D 422 0.70 -43.00 13.96
CA LEU D 422 0.00 -43.65 15.05
C LEU D 422 1.02 -44.24 16.02
N ASN D 423 0.83 -43.99 17.30
CA ASN D 423 1.73 -44.47 18.34
C ASN D 423 1.03 -45.57 19.13
N ARG D 424 1.61 -46.76 19.15
CA ARG D 424 1.04 -47.86 19.92
C ARG D 424 1.27 -47.66 21.41
N MET D 425 2.36 -47.01 21.79
CA MET D 425 2.73 -46.78 23.19
C MET D 425 2.94 -45.29 23.43
N GLY D 426 2.01 -44.46 22.94
CA GLY D 426 2.12 -43.02 23.05
C GLY D 426 1.16 -42.43 24.06
N GLU D 427 1.04 -41.11 24.00
CA GLU D 427 0.14 -40.39 24.90
C GLU D 427 -1.31 -40.74 24.64
N THR D 428 -1.68 -40.89 23.37
CA THR D 428 -3.05 -41.22 22.96
C THR D 428 -3.15 -42.65 22.48
N ALA D 429 -2.41 -43.56 23.12
CA ALA D 429 -2.37 -44.95 22.67
C ALA D 429 -3.75 -45.60 22.76
N GLN D 430 -4.46 -45.38 23.87
CA GLN D 430 -5.80 -45.94 24.02
C GLN D 430 -6.76 -45.42 22.97
N MET D 431 -6.45 -44.28 22.35
CA MET D 431 -7.26 -43.72 21.27
C MET D 431 -6.68 -44.01 19.90
N ASP D 432 -5.35 -44.12 19.79
CA ASP D 432 -4.72 -44.46 18.53
C ASP D 432 -4.93 -45.92 18.16
N SER D 433 -5.23 -46.78 19.15
CA SER D 433 -5.51 -48.18 18.85
C SER D 433 -6.74 -48.31 17.96
N LEU D 434 -7.71 -47.42 18.11
CA LEU D 434 -8.90 -47.46 17.26
C LEU D 434 -8.54 -47.27 15.80
N GLN D 435 -7.74 -46.25 15.50
CA GLN D 435 -7.34 -46.02 14.11
C GLN D 435 -6.41 -47.13 13.61
N LEU D 436 -5.53 -47.63 14.48
CA LEU D 436 -4.64 -48.71 14.07
C LEU D 436 -5.43 -49.95 13.68
N ASP D 437 -6.49 -50.27 14.44
CA ASP D 437 -7.35 -51.39 14.09
C ASP D 437 -8.18 -51.09 12.85
N ALA D 438 -8.63 -49.84 12.69
CA ALA D 438 -9.39 -49.46 11.50
C ALA D 438 -8.53 -49.46 10.24
N ALA D 439 -7.21 -49.45 10.38
CA ALA D 439 -6.34 -49.58 9.22
C ALA D 439 -6.53 -50.91 8.49
N GLY D 440 -7.02 -51.93 9.18
CA GLY D 440 -7.24 -53.23 8.57
C GLY D 440 -6.81 -54.37 9.48
N GLY D 441 -7.72 -55.31 9.71
CA GLY D 441 -7.44 -56.44 10.56
C GLY D 441 -8.70 -57.20 10.92
N PRO D 442 -8.58 -58.13 11.88
CA PRO D 442 -9.76 -58.90 12.30
C PRO D 442 -10.88 -58.04 12.87
N ASN D 443 -10.55 -56.93 13.54
CA ASN D 443 -11.54 -56.04 14.12
C ASN D 443 -11.73 -54.78 13.30
N ALA D 444 -11.41 -54.82 12.00
CA ALA D 444 -11.48 -53.63 11.18
C ALA D 444 -12.91 -53.10 11.07
N GLN D 445 -13.89 -53.99 10.88
CA GLN D 445 -15.27 -53.55 10.75
C GLN D 445 -15.79 -52.97 12.05
N LYS D 446 -15.49 -53.61 13.19
CA LYS D 446 -15.90 -53.07 14.47
C LYS D 446 -15.23 -51.72 14.74
N ALA D 447 -13.95 -51.60 14.39
CA ALA D 447 -13.25 -50.34 14.55
C ALA D 447 -13.90 -49.24 13.71
N ALA D 448 -14.27 -49.57 12.46
CA ALA D 448 -14.94 -48.58 11.61
C ALA D 448 -16.28 -48.18 12.20
N ALA D 449 -17.05 -49.15 12.70
CA ALA D 449 -18.35 -48.84 13.28
C ALA D 449 -18.20 -47.93 14.49
N THR D 450 -17.27 -48.25 15.39
CA THR D 450 -17.13 -47.45 16.60
C THR D 450 -16.55 -46.08 16.31
N ILE D 451 -15.64 -45.97 15.32
CA ILE D 451 -15.09 -44.66 14.98
C ILE D 451 -16.16 -43.80 14.32
N ILE D 452 -17.03 -44.41 13.50
CA ILE D 452 -18.13 -43.66 12.91
C ILE D 452 -19.09 -43.17 13.98
N ARG D 453 -19.40 -44.05 14.95
CA ARG D 453 -20.27 -43.63 16.05
C ARG D 453 -19.63 -42.50 16.84
N GLN D 454 -18.33 -42.59 17.11
CA GLN D 454 -17.65 -41.55 17.88
C GLN D 454 -17.67 -40.22 17.15
N ILE D 455 -17.36 -40.22 15.85
CA ILE D 455 -17.33 -38.96 15.12
C ILE D 455 -18.73 -38.39 14.97
N ASN D 456 -19.74 -39.24 14.80
CA ASN D 456 -21.11 -38.75 14.72
C ASN D 456 -21.58 -38.19 16.06
N ASN D 457 -21.05 -38.71 17.16
CA ASN D 457 -21.41 -38.16 18.47
C ASN D 457 -20.58 -36.92 18.77
N LEU D 458 -20.52 -36.00 17.82
CA LEU D 458 -19.88 -34.70 18.01
C LEU D 458 -20.74 -33.54 17.53
N GLY D 459 -21.47 -33.71 16.43
CA GLY D 459 -22.33 -32.67 15.91
C GLY D 459 -23.76 -33.11 15.72
N GLY D 460 -23.97 -34.41 15.54
CA GLY D 460 -25.31 -34.93 15.35
C GLY D 460 -25.96 -34.58 14.03
N GLY D 461 -25.17 -34.28 13.00
CA GLY D 461 -25.73 -33.91 11.72
C GLY D 461 -25.75 -35.03 10.70
N GLY D 462 -25.65 -36.27 11.17
CA GLY D 462 -25.73 -37.41 10.26
C GLY D 462 -24.50 -37.60 9.38
N PHE D 463 -23.39 -38.05 9.97
CA PHE D 463 -22.17 -38.27 9.21
C PHE D 463 -22.34 -39.30 8.11
N GLU D 464 -23.38 -40.13 8.18
CA GLU D 464 -23.61 -41.13 7.14
C GLU D 464 -23.81 -40.46 5.78
N ARG D 465 -24.54 -39.35 5.74
CA ARG D 465 -24.80 -38.68 4.48
C ARG D 465 -23.53 -38.13 3.86
N PHE D 466 -22.71 -37.43 4.65
CA PHE D 466 -21.50 -36.81 4.10
C PHE D 466 -20.47 -37.85 3.68
N PHE D 467 -20.31 -38.92 4.45
CA PHE D 467 -19.28 -39.91 4.16
C PHE D 467 -19.62 -41.21 4.88
N ASP D 468 -19.78 -42.28 4.12
CA ASP D 468 -20.07 -43.59 4.68
C ASP D 468 -18.76 -44.28 5.06
N HIS D 469 -18.87 -45.48 5.60
CA HIS D 469 -17.70 -46.28 5.96
C HIS D 469 -17.56 -47.55 5.15
N THR D 470 -18.68 -48.20 4.81
CA THR D 470 -18.61 -49.40 3.98
C THR D 470 -18.19 -49.09 2.55
N THR D 471 -18.35 -47.84 2.10
CA THR D 471 -18.03 -47.51 0.72
C THR D 471 -16.53 -47.57 0.46
N GLN D 472 -15.72 -47.04 1.38
CA GLN D 472 -14.28 -46.96 1.18
C GLN D 472 -13.61 -46.83 2.54
N PRO D 473 -12.33 -47.21 2.65
CA PRO D 473 -11.65 -47.14 3.94
C PRO D 473 -11.37 -45.70 4.35
N ILE D 474 -11.02 -45.54 5.62
CA ILE D 474 -10.75 -44.23 6.21
C ILE D 474 -9.27 -43.89 6.18
N LEU D 475 -8.40 -44.85 6.49
CA LEU D 475 -6.97 -44.62 6.50
C LEU D 475 -6.26 -45.91 6.17
N GLU D 476 -5.15 -45.81 5.44
CA GLU D 476 -4.39 -46.97 4.98
C GLU D 476 -2.96 -46.86 5.47
N ARG D 477 -2.44 -47.96 6.01
CA ARG D 477 -1.06 -47.99 6.46
C ARG D 477 -0.13 -48.05 5.25
N THR D 478 0.96 -47.27 5.31
CA THR D 478 1.92 -47.24 4.21
C THR D 478 3.01 -48.28 4.36
N GLY D 479 3.04 -49.04 5.46
CA GLY D 479 4.04 -50.04 5.68
C GLY D 479 5.30 -49.55 6.35
N GLN D 480 5.45 -48.24 6.54
CA GLN D 480 6.61 -47.72 7.24
C GLN D 480 6.57 -48.09 8.72
N VAL D 481 7.74 -48.38 9.28
CA VAL D 481 7.86 -48.80 10.67
C VAL D 481 8.68 -47.73 11.38
N ILE D 482 8.49 -46.47 10.96
CA ILE D 482 9.23 -45.36 11.55
C ILE D 482 9.09 -45.38 13.07
N ASP D 483 10.18 -45.09 13.76
CA ASP D 483 10.26 -45.23 15.20
C ASP D 483 10.80 -43.96 15.85
N LEU D 484 10.43 -43.78 17.11
CA LEU D 484 10.75 -42.56 17.86
C LEU D 484 12.04 -42.79 18.66
N GLY D 485 13.00 -41.88 18.47
CA GLY D 485 14.26 -41.89 19.17
C GLY D 485 14.59 -40.51 19.70
N ASN D 486 15.89 -40.27 19.89
CA ASN D 486 16.37 -39.01 20.41
C ASN D 486 17.84 -38.87 20.07
N TRP D 487 18.24 -37.70 19.56
CA TRP D 487 19.62 -37.43 19.17
C TRP D 487 20.03 -36.06 19.67
N PHE D 488 21.28 -35.95 20.12
CA PHE D 488 21.76 -34.80 20.87
C PHE D 488 22.81 -34.07 20.04
N ASP D 489 22.66 -32.74 19.94
CA ASP D 489 23.68 -31.90 19.33
C ASP D 489 23.47 -30.46 19.79
N GLY D 490 24.53 -29.67 19.66
CA GLY D 490 24.44 -28.25 19.98
C GLY D 490 24.05 -27.96 21.42
N ASP D 491 24.22 -28.93 22.32
CA ASP D 491 23.81 -28.85 23.72
C ASP D 491 22.30 -28.92 23.90
N GLU D 492 21.60 -29.64 23.02
CA GLU D 492 20.19 -29.94 23.25
C GLU D 492 19.81 -31.22 22.52
N LYS D 493 18.68 -31.79 22.95
CA LYS D 493 18.12 -32.98 22.33
C LYS D 493 17.15 -32.60 21.21
N ARG D 494 16.91 -33.55 20.32
CA ARG D 494 15.91 -33.37 19.28
C ARG D 494 15.45 -34.76 18.82
N ASP D 495 14.32 -34.78 18.12
CA ASP D 495 13.66 -36.01 17.74
C ASP D 495 14.30 -36.57 16.48
N ARG D 496 14.32 -37.90 16.38
CA ARG D 496 14.94 -38.58 15.25
C ARG D 496 14.19 -38.38 13.94
N ARG D 497 12.97 -37.85 13.99
CA ARG D 497 12.23 -37.58 12.76
C ARG D 497 12.84 -36.45 11.93
N ASP D 498 13.81 -35.73 12.48
CA ASP D 498 14.39 -34.59 11.78
C ASP D 498 15.06 -34.99 10.48
N LEU D 499 15.40 -36.26 10.31
CA LEU D 499 16.04 -36.73 9.08
C LEU D 499 14.95 -37.22 8.13
N ASP D 500 14.39 -36.30 7.35
CA ASP D 500 13.44 -36.64 6.31
C ASP D 500 14.18 -36.83 4.99
N ASN D 501 13.44 -36.93 3.88
CA ASN D 501 14.07 -37.11 2.58
C ASN D 501 14.91 -35.89 2.20
N LEU D 502 14.38 -34.69 2.44
CA LEU D 502 15.11 -33.48 2.08
C LEU D 502 16.39 -33.34 2.89
N ALA D 503 16.34 -33.68 4.18
CA ALA D 503 17.54 -33.62 5.01
C ALA D 503 18.60 -34.60 4.49
N ALA D 504 18.18 -35.81 4.09
CA ALA D 504 19.12 -36.76 3.54
C ALA D 504 19.72 -36.26 2.23
N LEU D 505 18.89 -35.63 1.39
CA LEU D 505 19.40 -35.06 0.15
C LEU D 505 20.45 -33.98 0.42
N ASN D 506 20.18 -33.11 1.39
CA ASN D 506 21.14 -32.07 1.74
C ASN D 506 22.42 -32.67 2.31
N ALA D 507 22.30 -33.67 3.18
CA ALA D 507 23.47 -34.22 3.85
C ALA D 507 24.35 -35.00 2.88
N ALA D 508 23.75 -35.80 2.00
CA ALA D 508 24.50 -36.64 1.09
C ALA D 508 24.75 -35.97 -0.26
N GLU D 509 24.38 -34.70 -0.41
CA GLU D 509 24.65 -33.92 -1.62
C GLU D 509 24.03 -34.55 -2.86
N GLY D 510 24.54 -34.19 -4.03
CA GLY D 510 24.00 -34.62 -5.30
C GLY D 510 24.37 -36.02 -5.73
N ASN D 511 25.09 -36.77 -4.91
CA ASN D 511 25.46 -38.13 -5.27
C ASN D 511 24.21 -38.99 -5.44
N GLU D 512 24.28 -39.93 -6.36
CA GLU D 512 23.19 -40.87 -6.60
C GLU D 512 23.53 -42.23 -6.00
N ASN D 513 22.54 -43.13 -6.03
CA ASN D 513 22.52 -44.49 -5.52
C ASN D 513 22.64 -44.56 -4.00
N GLU D 514 22.70 -43.43 -3.30
CA GLU D 514 22.65 -43.41 -1.85
C GLU D 514 21.42 -42.69 -1.30
N PHE D 515 20.90 -41.68 -2.01
CA PHE D 515 19.62 -41.11 -1.63
C PHE D 515 18.49 -42.05 -1.96
N TRP D 516 18.51 -42.64 -3.16
CA TRP D 516 17.54 -43.67 -3.49
C TRP D 516 17.72 -44.90 -2.61
N GLY D 517 18.95 -45.20 -2.21
CA GLY D 517 19.17 -46.25 -1.23
C GLY D 517 18.49 -45.95 0.09
N PHE D 518 18.61 -44.70 0.55
CA PHE D 518 17.94 -44.30 1.79
C PHE D 518 16.42 -44.39 1.65
N TYR D 519 15.89 -43.93 0.51
CA TYR D 519 14.45 -43.99 0.30
C TYR D 519 13.95 -45.43 0.25
N GLY D 520 14.71 -46.32 -0.38
CA GLY D 520 14.34 -47.73 -0.38
C GLY D 520 14.42 -48.35 1.01
N ALA D 521 15.48 -48.06 1.75
CA ALA D 521 15.57 -48.53 3.12
C ALA D 521 14.41 -48.02 3.95
N GLN D 522 13.89 -46.83 3.62
CA GLN D 522 12.69 -46.34 4.29
C GLN D 522 11.50 -47.23 4.00
N LEU D 523 11.37 -47.69 2.75
CA LEU D 523 10.25 -48.56 2.38
C LEU D 523 10.56 -49.27 1.07
N ASN D 524 10.40 -50.60 1.08
CA ASN D 524 10.43 -51.43 -0.13
C ASN D 524 9.52 -52.63 0.07
N PRO D 525 8.81 -53.08 -0.97
CA PRO D 525 7.96 -54.26 -0.82
C PRO D 525 8.73 -55.56 -0.93
N ASN D 526 9.78 -55.59 -1.74
CA ASN D 526 10.48 -56.83 -2.07
C ASN D 526 11.65 -57.08 -1.14
N LEU D 527 11.41 -57.03 0.17
CA LEU D 527 12.40 -57.36 1.18
C LEU D 527 11.72 -57.35 2.55
N HIS D 528 12.27 -58.16 3.46
CA HIS D 528 11.73 -58.22 4.82
C HIS D 528 11.99 -56.90 5.54
N PRO D 529 11.00 -56.39 6.28
CA PRO D 529 11.16 -55.07 6.92
C PRO D 529 12.29 -55.00 7.95
N ASP D 530 12.73 -56.13 8.50
CA ASP D 530 13.81 -56.09 9.48
C ASP D 530 15.10 -55.57 8.86
N LEU D 531 15.43 -56.03 7.65
CA LEU D 531 16.65 -55.58 6.99
C LEU D 531 16.59 -54.09 6.67
N ARG D 532 15.43 -53.61 6.21
CA ARG D 532 15.32 -52.18 5.92
C ARG D 532 15.34 -51.34 7.19
N ASN D 533 14.81 -51.87 8.30
CA ASN D 533 14.92 -51.16 9.57
C ASN D 533 16.37 -51.06 10.01
N ARG D 534 17.13 -52.15 9.86
CA ARG D 534 18.55 -52.12 10.20
C ARG D 534 19.30 -51.14 9.30
N GLN D 535 18.97 -51.11 8.01
CA GLN D 535 19.59 -50.16 7.11
C GLN D 535 19.24 -48.73 7.48
N SER D 536 18.00 -48.48 7.88
CA SER D 536 17.61 -47.14 8.32
C SER D 536 18.36 -46.72 9.57
N ARG D 537 18.55 -47.65 10.51
CA ARG D 537 19.33 -47.35 11.70
C ARG D 537 20.77 -47.02 11.33
N ASN D 538 21.35 -47.79 10.40
CA ASN D 538 22.71 -47.53 9.95
C ASN D 538 22.80 -46.14 9.31
N TYR D 539 21.84 -45.79 8.47
CA TYR D 539 21.84 -44.48 7.83
C TYR D 539 21.69 -43.37 8.86
N ASP D 540 20.83 -43.57 9.87
CA ASP D 540 20.67 -42.58 10.92
C ASP D 540 21.97 -42.38 11.67
N ARG D 541 22.68 -43.47 11.97
CA ARG D 541 24.00 -43.35 12.60
C ARG D 541 24.98 -42.64 11.68
N GLN D 542 24.84 -42.82 10.36
CA GLN D 542 25.80 -42.24 9.42
C GLN D 542 25.61 -40.73 9.28
N TYR D 543 24.44 -40.30 8.83
CA TYR D 543 24.27 -38.88 8.49
C TYR D 543 24.35 -37.99 9.72
N LEU D 544 23.64 -38.34 10.78
CA LEU D 544 23.66 -37.55 12.01
C LEU D 544 24.53 -38.25 13.05
N GLY D 545 24.67 -37.61 14.21
CA GLY D 545 25.62 -38.08 15.20
C GLY D 545 25.26 -39.46 15.73
N SER D 546 26.32 -40.23 16.05
CA SER D 546 26.14 -41.58 16.55
C SER D 546 25.57 -41.63 17.96
N THR D 547 25.47 -40.49 18.64
CA THR D 547 24.91 -40.40 19.98
C THR D 547 23.41 -40.61 20.03
N VAL D 548 22.77 -40.96 18.90
CA VAL D 548 21.32 -41.13 18.88
C VAL D 548 20.93 -42.32 19.72
N THR D 549 19.79 -42.21 20.40
CA THR D 549 19.22 -43.29 21.19
C THR D 549 17.78 -43.52 20.74
N TYR D 550 17.33 -44.76 20.88
CA TYR D 550 16.02 -45.17 20.39
C TYR D 550 15.10 -45.48 21.56
N THR D 551 13.86 -44.98 21.48
CA THR D 551 12.91 -45.09 22.59
C THR D 551 11.76 -46.03 22.28
N GLY D 552 11.03 -45.82 21.19
CA GLY D 552 9.86 -46.63 20.91
C GLY D 552 9.64 -46.76 19.41
N LYS D 553 8.59 -47.49 19.05
CA LYS D 553 8.24 -47.74 17.66
C LYS D 553 6.83 -47.24 17.38
N ALA D 554 6.66 -46.57 16.25
CA ALA D 554 5.38 -46.05 15.78
C ALA D 554 5.04 -46.67 14.42
N GLU D 555 3.91 -46.25 13.86
CA GLU D 555 3.47 -46.74 12.56
C GLU D 555 2.86 -45.59 11.77
N ARG D 556 3.38 -45.33 10.58
CA ARG D 556 2.86 -44.25 9.74
C ARG D 556 1.66 -44.74 8.94
N CYS D 557 0.69 -43.85 8.74
CA CYS D 557 -0.48 -44.16 7.94
C CYS D 557 -0.87 -42.91 7.16
N THR D 558 -1.69 -43.11 6.12
CA THR D 558 -2.16 -42.03 5.28
C THR D 558 -3.67 -41.96 5.34
N TYR D 559 -4.21 -40.77 5.60
CA TYR D 559 -5.65 -40.60 5.64
C TYR D 559 -6.22 -40.60 4.23
N ASN D 560 -7.51 -40.93 4.13
CA ASN D 560 -8.20 -40.83 2.86
C ASN D 560 -8.29 -39.37 2.43
N ALA D 561 -8.12 -39.15 1.12
CA ALA D 561 -8.04 -37.78 0.62
C ALA D 561 -9.33 -37.01 0.86
N LYS D 562 -10.47 -37.64 0.62
CA LYS D 562 -11.75 -36.96 0.75
C LYS D 562 -12.41 -37.15 2.11
N PHE D 563 -11.89 -38.05 2.95
CA PHE D 563 -12.44 -38.19 4.30
C PHE D 563 -12.22 -36.92 5.10
N ILE D 564 -11.03 -36.33 5.00
CA ILE D 564 -10.75 -35.09 5.72
C ILE D 564 -11.63 -33.96 5.19
N GLU D 565 -11.84 -33.92 3.87
CA GLU D 565 -12.72 -32.90 3.31
C GLU D 565 -14.15 -33.07 3.82
N ALA D 566 -14.63 -34.32 3.90
CA ALA D 566 -15.96 -34.55 4.44
C ALA D 566 -16.05 -34.15 5.89
N LEU D 567 -15.01 -34.43 6.68
CA LEU D 567 -14.99 -34.03 8.08
C LEU D 567 -15.04 -32.51 8.20
N ASP D 568 -14.27 -31.80 7.38
CA ASP D 568 -14.29 -30.33 7.43
C ASP D 568 -15.65 -29.79 7.01
N ARG D 569 -16.27 -30.39 6.00
CA ARG D 569 -17.60 -29.96 5.58
C ARG D 569 -18.62 -30.19 6.69
N TYR D 570 -18.53 -31.32 7.38
CA TYR D 570 -19.37 -31.56 8.56
C TYR D 570 -19.18 -30.47 9.60
N LEU D 571 -17.92 -30.17 9.95
CA LEU D 571 -17.67 -29.19 10.99
C LEU D 571 -18.16 -27.81 10.56
N ALA D 572 -18.07 -27.50 9.26
CA ALA D 572 -18.55 -26.22 8.76
C ALA D 572 -20.07 -26.13 8.84
N GLU D 573 -20.78 -27.18 8.41
CA GLU D 573 -22.23 -27.14 8.39
C GLU D 573 -22.81 -27.17 9.80
N ALA D 574 -22.14 -27.87 10.73
CA ALA D 574 -22.59 -27.84 12.12
C ALA D 574 -22.46 -26.44 12.71
N GLY D 575 -21.47 -25.67 12.27
CA GLY D 575 -21.32 -24.29 12.67
C GLY D 575 -20.11 -24.02 13.55
N LEU D 576 -19.01 -23.59 12.94
CA LEU D 576 -17.79 -23.19 13.64
C LEU D 576 -17.19 -22.01 12.88
N GLN D 577 -17.45 -20.80 13.37
CA GLN D 577 -16.92 -19.59 12.75
C GLN D 577 -15.43 -19.49 13.07
N ILE D 578 -14.61 -19.92 12.11
CA ILE D 578 -13.15 -19.95 12.27
C ILE D 578 -12.55 -18.91 11.32
N THR D 579 -11.69 -18.05 11.85
CA THR D 579 -11.13 -16.94 11.11
C THR D 579 -9.64 -17.13 10.89
N MET D 580 -9.18 -16.84 9.68
CA MET D 580 -7.77 -16.91 9.31
C MET D 580 -7.25 -15.51 9.01
N ASP D 581 -5.97 -15.44 8.66
CA ASP D 581 -5.31 -14.17 8.35
C ASP D 581 -3.96 -14.49 7.70
N ASN D 582 -3.18 -13.42 7.46
CA ASN D 582 -1.84 -13.53 6.93
C ASN D 582 -1.80 -14.21 5.57
N THR D 583 -1.22 -15.42 5.53
CA THR D 583 -1.04 -16.23 4.32
C THR D 583 -0.09 -15.57 3.34
N SER D 584 0.54 -16.36 2.48
CA SER D 584 1.49 -15.85 1.49
C SER D 584 0.78 -14.98 0.46
N GLY D 589 9.25 -9.93 -6.29
CA GLY D 589 8.34 -10.14 -5.17
C GLY D 589 6.92 -10.40 -5.60
N GLN D 590 6.17 -9.33 -5.87
CA GLN D 590 4.79 -9.42 -6.30
C GLN D 590 4.60 -9.00 -7.76
N ARG D 591 5.67 -9.05 -8.56
CA ARG D 591 5.53 -8.80 -9.98
C ARG D 591 4.76 -9.93 -10.64
N PHE D 592 4.04 -9.59 -11.70
CA PHE D 592 3.11 -10.54 -12.32
C PHE D 592 3.87 -11.67 -13.01
N MET D 593 3.41 -12.90 -12.80
CA MET D 593 3.99 -14.10 -13.40
C MET D 593 2.87 -14.92 -14.04
N GLY D 594 2.54 -14.60 -15.29
CA GLY D 594 1.62 -15.41 -16.07
C GLY D 594 0.17 -15.37 -15.62
N ASN D 595 -0.73 -15.78 -16.53
CA ASN D 595 -2.15 -15.71 -16.23
C ASN D 595 -2.58 -16.78 -15.24
N SER D 596 -2.06 -18.00 -15.39
CA SER D 596 -2.37 -19.20 -14.61
C SER D 596 -3.79 -19.70 -14.83
N VAL D 597 -4.56 -19.07 -15.72
CA VAL D 597 -5.91 -19.54 -16.03
C VAL D 597 -6.16 -19.74 -17.51
N ILE D 598 -5.34 -19.16 -18.40
CA ILE D 598 -5.58 -19.26 -19.83
C ILE D 598 -5.43 -20.70 -20.33
N GLY D 599 -4.68 -21.54 -19.62
CA GLY D 599 -4.48 -22.90 -20.04
C GLY D 599 -5.69 -23.80 -19.93
N ASN D 600 -6.78 -23.32 -19.33
CA ASN D 600 -7.97 -24.16 -19.18
C ASN D 600 -8.60 -24.49 -20.52
N ASN D 601 -8.66 -23.53 -21.44
CA ASN D 601 -9.35 -23.68 -22.71
C ASN D 601 -8.32 -23.78 -23.81
N MET D 602 -8.08 -25.00 -24.31
CA MET D 602 -7.17 -25.23 -25.42
C MET D 602 -7.89 -25.52 -26.73
N VAL D 603 -9.20 -25.81 -26.69
CA VAL D 603 -10.02 -26.21 -27.83
C VAL D 603 -9.21 -27.08 -28.80
N SER D 604 -8.66 -28.17 -28.27
CA SER D 604 -7.85 -29.06 -29.08
C SER D 604 -8.68 -29.74 -30.16
N GLY D 605 -8.10 -29.86 -31.36
CA GLY D 605 -8.78 -30.51 -32.46
C GLY D 605 -9.56 -29.57 -33.34
N GLN D 606 -9.18 -29.49 -34.62
CA GLN D 606 -9.87 -28.63 -35.55
C GLN D 606 -11.18 -29.28 -36.02
N ALA D 607 -11.94 -28.54 -36.81
CA ALA D 607 -13.24 -29.03 -37.25
C ALA D 607 -13.11 -30.18 -38.26
N GLN D 608 -12.00 -30.22 -39.00
CA GLN D 608 -11.75 -31.27 -39.99
C GLN D 608 -12.89 -31.36 -41.00
N VAL D 609 -13.33 -30.20 -41.49
CA VAL D 609 -14.43 -30.17 -42.45
C VAL D 609 -13.96 -30.74 -43.78
N HIS D 610 -14.76 -31.62 -44.36
CA HIS D 610 -14.45 -32.21 -45.65
C HIS D 610 -14.60 -31.18 -46.76
#